data_2X9M
#
_entry.id   2X9M
#
_cell.length_a   65.883
_cell.length_b   84.775
_cell.length_c   91.548
_cell.angle_alpha   103.39
_cell.angle_beta   99.63
_cell.angle_gamma   108.62
#
_symmetry.space_group_name_H-M   'P 1'
#
loop_
_entity.id
_entity.type
_entity.pdbx_description
1 polymer 'GLYCOPROTEIN G'
2 non-polymer 2-acetamido-2-deoxy-beta-D-glucopyranose
3 water water
#
_entity_poly.entity_id   1
_entity_poly.type   'polypeptide(L)'
_entity_poly.pdbx_seq_one_letter_code
;PNQICLQKTTSTILKPRLISYTLPINTREGVCITDPLLAVDNGFFAYSHLEKIGSCTRGIAKQRIIGVGEVLDRGDKVPS
MFMTNVWTPPNPSTIHHCSSTYHEDFYYTLCAVSHVGDPILNSTSWTESLSLIRLAVRPKSDSGDYNQKYIAITKVERGK
YDKVMPYGPSGIKQGDTLYFPAVGFLPRTEFQYNDSNCPIIHCKYSKAENCRLSMGVNSKSHYILRSGLLKYNLSLGGDI
ILQFIEIADNRLTIGSPSKIYNSLGQPVFYQASYSWDTMIKLGDVDTVDPLRVQWRNNSVISRPGQSQCPRFNVCPEVCW
EGTYNDAFLIDRLNWVSAGVYLNSNQTAENPVFAVFKDNEILYQVPLAEDDTNAQKTITDCFLLENVIWCISLVEIYDTG
DSVIRPKLFAVKIPAQCSES
;
_entity_poly.pdbx_strand_id   A,B,C,D
#
# COMPACT_ATOMS: atom_id res chain seq x y z
N PRO A 1 -25.45 31.90 25.71
CA PRO A 1 -24.35 31.95 26.67
C PRO A 1 -23.84 30.55 27.03
N ASN A 2 -23.38 29.81 26.03
CA ASN A 2 -23.07 28.39 26.18
C ASN A 2 -21.67 28.19 26.77
N GLN A 3 -21.62 27.45 27.87
CA GLN A 3 -20.40 27.32 28.68
C GLN A 3 -19.42 26.29 28.08
N ILE A 4 -18.13 26.48 28.40
CA ILE A 4 -17.09 25.49 28.08
C ILE A 4 -16.18 25.27 29.29
N CYS A 5 -15.33 24.25 29.21
CA CYS A 5 -14.35 23.98 30.28
C CYS A 5 -13.24 25.02 30.25
N LEU A 6 -12.95 25.60 31.42
CA LEU A 6 -11.96 26.67 31.53
C LEU A 6 -10.78 26.32 32.44
N GLN A 7 -10.73 25.07 32.91
CA GLN A 7 -9.63 24.60 33.78
C GLN A 7 -8.54 23.90 32.98
N LYS A 8 -7.29 24.09 33.39
CA LYS A 8 -6.17 23.34 32.80
C LYS A 8 -6.22 21.91 33.31
N THR A 9 -6.52 20.97 32.42
CA THR A 9 -6.59 19.55 32.81
C THR A 9 -5.84 18.65 31.83
N THR A 10 -5.36 17.54 32.36
CA THR A 10 -4.67 16.50 31.59
C THR A 10 -5.58 15.29 31.38
N SER A 11 -6.88 15.45 31.66
CA SER A 11 -7.87 14.44 31.38
C SER A 11 -8.10 14.37 29.89
N THR A 12 -8.61 13.24 29.42
CA THR A 12 -8.92 13.06 28.01
C THR A 12 -10.37 13.48 27.72
N ILE A 13 -10.59 14.79 27.76
CA ILE A 13 -11.93 15.37 27.50
C ILE A 13 -12.13 15.78 26.05
N LEU A 14 -11.04 15.80 25.27
CA LEU A 14 -11.13 15.99 23.82
C LEU A 14 -11.10 14.62 23.14
N LYS A 15 -12.08 14.35 22.30
CA LYS A 15 -12.18 13.08 21.58
C LYS A 15 -12.39 13.34 20.09
N PRO A 16 -11.28 13.61 19.37
CA PRO A 16 -11.38 13.84 17.93
C PRO A 16 -11.93 12.64 17.16
N ARG A 17 -12.79 12.92 16.19
CA ARG A 17 -13.37 11.91 15.33
C ARG A 17 -13.19 12.36 13.87
N LEU A 18 -13.06 11.40 12.96
CA LEU A 18 -13.03 11.69 11.53
C LEU A 18 -14.43 12.08 11.05
N ILE A 19 -14.55 13.23 10.40
CA ILE A 19 -15.85 13.73 9.98
C ILE A 19 -16.24 13.12 8.65
N SER A 20 -17.54 12.88 8.47
CA SER A 20 -18.07 12.42 7.21
C SER A 20 -18.23 13.60 6.28
N TYR A 21 -17.54 13.57 5.15
CA TYR A 21 -17.67 14.61 4.13
C TYR A 21 -17.60 14.01 2.73
N THR A 22 -18.49 14.45 1.83
CA THR A 22 -18.57 13.91 0.46
C THR A 22 -17.86 14.76 -0.60
N LEU A 23 -17.20 14.09 -1.53
CA LEU A 23 -16.57 14.74 -2.70
C LEU A 23 -16.69 13.83 -3.91
N PRO A 24 -16.50 14.38 -5.13
CA PRO A 24 -16.35 13.55 -6.30
C PRO A 24 -15.27 12.48 -6.10
N ILE A 25 -15.68 11.22 -6.21
CA ILE A 25 -14.83 10.05 -5.91
C ILE A 25 -14.04 9.52 -7.11
N ASN A 26 -12.76 9.22 -6.88
CA ASN A 26 -11.89 8.63 -7.90
C ASN A 26 -11.25 7.31 -7.50
N THR A 27 -10.84 6.52 -8.49
CA THR A 27 -10.08 5.29 -8.27
C THR A 27 -8.64 5.40 -8.80
N ARG A 28 -8.29 6.55 -9.38
CA ARG A 28 -6.95 6.76 -9.93
C ARG A 28 -5.92 7.04 -8.81
N GLU A 29 -4.70 6.53 -9.01
CA GLU A 29 -3.68 6.47 -7.96
C GLU A 29 -2.42 7.27 -8.29
N GLY A 30 -1.50 7.35 -7.32
CA GLY A 30 -0.24 8.04 -7.53
C GLY A 30 -0.53 9.51 -7.66
N VAL A 31 -1.23 10.05 -6.67
CA VAL A 31 -1.81 11.38 -6.73
C VAL A 31 -1.61 12.08 -5.38
N CYS A 32 -1.38 13.39 -5.43
CA CYS A 32 -1.30 14.19 -4.22
C CYS A 32 -2.41 15.26 -4.27
N ILE A 33 -3.16 15.38 -3.16
CA ILE A 33 -4.19 16.40 -3.00
C ILE A 33 -3.62 17.53 -2.15
N THR A 34 -3.54 18.73 -2.73
CA THR A 34 -2.89 19.87 -2.06
C THR A 34 -3.55 21.23 -2.30
N ASP A 35 -2.90 22.26 -1.77
CA ASP A 35 -3.38 23.63 -1.79
C ASP A 35 -4.81 23.70 -1.33
N PRO A 36 -5.09 23.15 -0.14
CA PRO A 36 -6.44 23.08 0.36
C PRO A 36 -6.98 24.41 0.88
N LEU A 37 -8.30 24.49 0.90
CA LEU A 37 -9.02 25.64 1.41
C LEU A 37 -10.24 25.07 2.13
N LEU A 38 -10.60 25.68 3.25
CA LEU A 38 -11.84 25.32 3.95
C LEU A 38 -12.49 26.53 4.61
N ALA A 39 -13.74 26.76 4.25
CA ALA A 39 -14.54 27.82 4.86
C ALA A 39 -15.82 27.22 5.38
N VAL A 40 -16.19 27.60 6.61
CA VAL A 40 -17.47 27.22 7.21
C VAL A 40 -18.20 28.45 7.76
N ASP A 41 -19.43 28.65 7.31
CA ASP A 41 -20.17 29.86 7.62
C ASP A 41 -21.68 29.62 7.42
N ASN A 42 -22.47 29.98 8.43
CA ASN A 42 -23.94 29.99 8.36
C ASN A 42 -24.54 28.65 7.93
N GLY A 43 -23.98 27.56 8.44
CA GLY A 43 -24.48 26.21 8.11
C GLY A 43 -24.07 25.67 6.75
N PHE A 44 -23.21 26.39 6.03
CA PHE A 44 -22.65 25.94 4.74
C PHE A 44 -21.14 25.93 4.78
N PHE A 45 -20.55 25.27 3.80
CA PHE A 45 -19.10 25.22 3.70
C PHE A 45 -18.62 25.41 2.28
N ALA A 46 -17.38 25.89 2.18
CA ALA A 46 -16.65 25.98 0.93
C ALA A 46 -15.36 25.16 1.05
N TYR A 47 -15.02 24.46 -0.02
CA TYR A 47 -13.82 23.62 -0.05
C TYR A 47 -13.14 23.70 -1.42
N SER A 48 -11.81 23.65 -1.43
CA SER A 48 -11.05 23.54 -2.68
C SER A 48 -9.76 22.73 -2.54
N HIS A 49 -9.35 22.13 -3.65
CA HIS A 49 -8.01 21.53 -3.74
C HIS A 49 -7.46 21.50 -5.17
N LEU A 50 -6.16 21.26 -5.28
CA LEU A 50 -5.51 20.97 -6.56
C LEU A 50 -4.97 19.53 -6.51
N GLU A 51 -5.41 18.70 -7.44
CA GLU A 51 -4.91 17.34 -7.56
C GLU A 51 -3.72 17.32 -8.50
N LYS A 52 -2.60 16.78 -8.02
CA LYS A 52 -1.39 16.65 -8.82
C LYS A 52 -1.08 15.17 -9.01
N ILE A 53 -0.50 14.84 -10.16
CA ILE A 53 0.02 13.49 -10.37
C ILE A 53 1.49 13.44 -9.99
N GLY A 54 1.82 12.60 -9.02
CA GLY A 54 3.20 12.44 -8.55
C GLY A 54 3.49 13.25 -7.30
N SER A 55 4.46 14.15 -7.42
CA SER A 55 4.97 14.89 -6.28
C SER A 55 3.99 15.97 -5.88
N CYS A 56 3.95 16.26 -4.59
CA CYS A 56 3.05 17.28 -4.07
C CYS A 56 3.48 18.68 -4.48
N THR A 57 4.79 18.88 -4.65
CA THR A 57 5.36 20.19 -4.92
C THR A 57 5.71 20.39 -6.41
N ARG A 58 6.08 19.30 -7.09
CA ARG A 58 6.54 19.38 -8.48
C ARG A 58 5.62 18.66 -9.48
N GLY A 59 4.61 17.94 -9.00
CA GLY A 59 3.79 17.11 -9.87
C GLY A 59 3.10 17.91 -10.94
N ILE A 60 2.73 17.24 -12.04
CA ILE A 60 1.98 17.88 -13.13
C ILE A 60 0.50 17.97 -12.74
N ALA A 61 0.01 19.22 -12.65
CA ALA A 61 -1.35 19.54 -12.22
C ALA A 61 -2.39 18.85 -13.10
N LYS A 62 -3.36 18.20 -12.46
CA LYS A 62 -4.36 17.41 -13.18
C LYS A 62 -5.77 18.00 -13.06
N GLN A 63 -6.23 18.24 -11.83
CA GLN A 63 -7.56 18.81 -11.62
C GLN A 63 -7.67 19.75 -10.44
N ARG A 64 -8.31 20.89 -10.69
CA ARG A 64 -8.65 21.88 -9.67
C ARG A 64 -10.15 21.80 -9.46
N ILE A 65 -10.57 21.70 -8.20
CA ILE A 65 -12.00 21.81 -7.86
C ILE A 65 -12.25 22.91 -6.86
N ILE A 66 -13.32 23.68 -7.09
CA ILE A 66 -13.86 24.59 -6.08
C ILE A 66 -15.30 24.15 -5.82
N GLY A 67 -15.56 23.80 -4.55
CA GLY A 67 -16.80 23.15 -4.16
C GLY A 67 -17.46 23.77 -2.96
N VAL A 68 -18.79 23.70 -2.91
CA VAL A 68 -19.57 24.21 -1.79
C VAL A 68 -20.65 23.23 -1.41
N GLY A 69 -21.14 23.38 -0.17
CA GLY A 69 -22.20 22.51 0.33
C GLY A 69 -22.64 22.82 1.75
N GLU A 70 -23.50 21.95 2.28
CA GLU A 70 -24.13 22.16 3.57
C GLU A 70 -23.39 21.42 4.65
N VAL A 71 -23.29 22.02 5.83
CA VAL A 71 -22.81 21.33 7.02
C VAL A 71 -24.06 20.97 7.83
N LEU A 72 -24.37 19.67 7.90
CA LEU A 72 -25.63 19.21 8.48
C LEU A 72 -25.46 18.34 9.72
N ASP A 73 -26.52 18.26 10.51
CA ASP A 73 -26.64 17.28 11.59
C ASP A 73 -27.08 15.95 10.99
N ARG A 74 -26.23 14.93 11.09
CA ARG A 74 -26.49 13.64 10.44
C ARG A 74 -27.63 12.83 11.04
N GLY A 75 -27.96 13.10 12.32
CA GLY A 75 -29.02 12.39 13.02
C GLY A 75 -28.78 12.27 14.51
N ASP A 76 -27.52 12.06 14.90
CA ASP A 76 -27.14 11.86 16.31
C ASP A 76 -26.35 13.06 16.89
N LYS A 77 -26.77 14.26 16.52
CA LYS A 77 -26.15 15.51 16.99
C LYS A 77 -24.64 15.62 16.69
N VAL A 78 -24.23 15.10 15.53
CA VAL A 78 -22.83 15.16 15.09
C VAL A 78 -22.75 15.71 13.68
N PRO A 79 -21.85 16.69 13.44
CA PRO A 79 -21.85 17.35 12.13
C PRO A 79 -21.32 16.49 10.99
N SER A 80 -21.97 16.60 9.84
CA SER A 80 -21.53 15.99 8.60
C SER A 80 -21.43 17.05 7.53
N MET A 81 -20.84 16.70 6.38
CA MET A 81 -20.71 17.64 5.26
C MET A 81 -21.16 17.00 3.96
N PHE A 82 -21.98 17.72 3.21
CA PHE A 82 -22.49 17.26 1.92
C PHE A 82 -22.21 18.28 0.82
N MET A 83 -21.32 17.95 -0.08
CA MET A 83 -21.04 18.77 -1.26
C MET A 83 -22.30 18.87 -2.12
N THR A 84 -22.54 20.06 -2.68
CA THR A 84 -23.75 20.31 -3.47
C THR A 84 -23.50 20.91 -4.85
N ASN A 85 -22.37 21.60 -4.99
CA ASN A 85 -22.03 22.34 -6.20
C ASN A 85 -20.53 22.28 -6.41
N VAL A 86 -20.09 21.82 -7.58
CA VAL A 86 -18.66 21.69 -7.90
C VAL A 86 -18.31 22.42 -9.20
N TRP A 87 -17.26 23.24 -9.15
CA TRP A 87 -16.75 23.93 -10.34
C TRP A 87 -15.34 23.43 -10.65
N THR A 88 -15.01 23.39 -11.94
CA THR A 88 -13.71 22.89 -12.41
C THR A 88 -13.24 23.74 -13.59
N PRO A 89 -12.04 24.34 -13.51
CA PRO A 89 -11.49 25.08 -14.65
C PRO A 89 -11.06 24.17 -15.80
N PRO A 90 -10.91 24.73 -17.02
CA PRO A 90 -10.39 23.96 -18.14
C PRO A 90 -8.92 23.60 -17.97
N ASN A 91 -8.12 24.58 -17.52
CA ASN A 91 -6.71 24.38 -17.23
C ASN A 91 -6.46 24.43 -15.73
N PRO A 92 -6.04 23.30 -15.11
CA PRO A 92 -5.87 23.25 -13.66
C PRO A 92 -4.69 24.08 -13.12
N SER A 93 -3.68 24.30 -13.96
CA SER A 93 -2.45 24.94 -13.51
C SER A 93 -2.50 26.48 -13.42
N THR A 94 -3.55 27.10 -13.93
CA THR A 94 -3.63 28.59 -13.96
C THR A 94 -4.27 29.25 -12.74
N ILE A 95 -5.02 28.48 -11.95
CA ILE A 95 -5.73 29.03 -10.77
C ILE A 95 -4.87 28.94 -9.50
N HIS A 96 -4.71 30.08 -8.82
CA HIS A 96 -3.86 30.15 -7.61
C HIS A 96 -4.44 31.00 -6.49
N HIS A 97 -4.10 30.60 -5.26
CA HIS A 97 -4.36 31.38 -4.06
C HIS A 97 -5.82 31.72 -3.78
N CYS A 98 -6.72 30.80 -4.14
CA CYS A 98 -8.16 30.97 -3.92
C CYS A 98 -8.50 31.32 -2.47
N SER A 99 -9.52 32.16 -2.31
CA SER A 99 -10.03 32.56 -0.99
C SER A 99 -11.54 32.63 -1.09
N SER A 100 -12.27 32.19 -0.06
CA SER A 100 -13.75 32.12 -0.12
C SER A 100 -14.50 32.94 0.98
N THR A 101 -15.63 33.51 0.60
CA THR A 101 -16.48 34.25 1.53
C THR A 101 -17.96 34.02 1.23
N TYR A 102 -18.72 33.65 2.26
CA TYR A 102 -20.15 33.39 2.15
C TYR A 102 -20.97 34.67 2.30
N HIS A 103 -22.02 34.79 1.49
CA HIS A 103 -22.97 35.88 1.63
C HIS A 103 -24.30 35.52 0.97
N GLU A 104 -25.40 35.58 1.72
CA GLU A 104 -26.72 35.15 1.25
C GLU A 104 -26.71 33.71 0.68
N ASP A 105 -26.94 33.59 -0.62
CA ASP A 105 -27.16 32.29 -1.23
C ASP A 105 -25.87 31.62 -1.65
N PHE A 106 -24.78 32.38 -1.73
CA PHE A 106 -23.57 32.00 -2.47
C PHE A 106 -22.32 31.91 -1.61
N TYR A 107 -21.32 31.19 -2.12
CA TYR A 107 -19.95 31.28 -1.63
C TYR A 107 -19.14 32.00 -2.70
N TYR A 108 -18.71 33.22 -2.38
CA TYR A 108 -17.94 34.04 -3.30
C TYR A 108 -16.45 33.76 -3.13
N THR A 109 -15.84 33.06 -4.09
CA THR A 109 -14.43 32.67 -4.02
C THR A 109 -13.54 33.47 -4.98
N LEU A 110 -12.56 34.20 -4.42
CA LEU A 110 -11.65 35.06 -5.22
C LEU A 110 -10.27 34.42 -5.49
N CYS A 111 -10.02 34.00 -6.74
CA CYS A 111 -8.71 33.41 -7.09
C CYS A 111 -7.89 34.33 -7.99
N ALA A 112 -6.58 34.06 -8.05
CA ALA A 112 -5.67 34.74 -8.98
C ALA A 112 -5.43 33.85 -10.21
N VAL A 113 -5.03 34.46 -11.33
CA VAL A 113 -4.83 33.74 -12.60
C VAL A 113 -3.43 33.97 -13.20
N SER A 114 -2.61 32.92 -13.20
CA SER A 114 -1.20 33.01 -13.58
C SER A 114 -0.79 31.95 -14.60
N HIS A 115 -0.11 32.36 -15.66
CA HIS A 115 0.57 31.42 -16.58
C HIS A 115 2.08 31.30 -16.29
N VAL A 116 2.50 31.80 -15.13
CA VAL A 116 3.91 31.78 -14.72
C VAL A 116 4.10 31.06 -13.38
N GLY A 117 3.08 30.32 -12.96
CA GLY A 117 3.10 29.62 -11.68
C GLY A 117 2.72 30.53 -10.52
N ASP A 118 3.09 30.14 -9.31
CA ASP A 118 2.78 30.91 -8.10
C ASP A 118 3.31 32.34 -8.18
N PRO A 119 2.43 33.35 -8.20
CA PRO A 119 2.86 34.75 -8.22
C PRO A 119 3.84 35.14 -7.12
N ILE A 120 3.75 34.49 -5.95
CA ILE A 120 4.69 34.74 -4.85
C ILE A 120 6.13 34.41 -5.28
N LEU A 121 6.31 33.29 -5.99
CA LEU A 121 7.64 32.82 -6.41
C LEU A 121 8.11 33.40 -7.75
N ASN A 122 7.23 34.12 -8.43
CA ASN A 122 7.58 34.73 -9.72
C ASN A 122 6.86 36.08 -9.88
N SER A 123 7.13 36.97 -8.92
CA SER A 123 6.39 38.22 -8.78
C SER A 123 6.53 39.19 -9.96
N THR A 124 7.76 39.47 -10.36
CA THR A 124 8.00 40.42 -11.45
C THR A 124 7.35 39.95 -12.75
N SER A 125 7.34 38.63 -12.97
CA SER A 125 6.77 38.04 -14.21
C SER A 125 5.25 37.99 -14.22
N TRP A 126 4.64 37.80 -13.05
CA TRP A 126 3.19 37.66 -12.95
C TRP A 126 2.48 38.95 -13.30
N THR A 127 1.87 38.99 -14.47
CA THR A 127 0.95 40.08 -14.81
C THR A 127 -0.38 39.87 -14.06
N GLU A 128 -0.74 40.86 -13.25
CA GLU A 128 -1.84 40.74 -12.28
C GLU A 128 -3.18 40.43 -12.92
N SER A 129 -3.70 39.24 -12.64
CA SER A 129 -5.05 38.84 -13.09
C SER A 129 -5.81 38.16 -11.94
N LEU A 130 -6.98 38.70 -11.63
CA LEU A 130 -7.85 38.15 -10.60
C LEU A 130 -9.20 37.79 -11.20
N SER A 131 -9.86 36.80 -10.62
CA SER A 131 -11.20 36.41 -11.03
C SER A 131 -11.96 35.79 -9.87
N LEU A 132 -13.27 35.72 -10.05
CA LEU A 132 -14.21 35.39 -8.99
C LEU A 132 -15.08 34.25 -9.50
N ILE A 133 -15.14 33.17 -8.73
CA ILE A 133 -16.10 32.10 -8.99
C ILE A 133 -17.19 32.17 -7.93
N ARG A 134 -18.40 32.52 -8.36
CA ARG A 134 -19.55 32.56 -7.48
C ARG A 134 -20.36 31.26 -7.61
N LEU A 135 -20.40 30.47 -6.54
CA LEU A 135 -21.15 29.21 -6.53
C LEU A 135 -22.34 29.28 -5.58
N ALA A 136 -23.49 28.78 -6.00
CA ALA A 136 -24.67 28.74 -5.13
C ALA A 136 -24.61 27.53 -4.20
N VAL A 137 -24.87 27.75 -2.91
CA VAL A 137 -24.82 26.68 -1.90
C VAL A 137 -26.00 25.74 -1.98
N ARG A 138 -27.07 26.16 -2.65
CA ARG A 138 -28.23 25.31 -2.94
C ARG A 138 -28.67 25.51 -4.38
N PRO A 139 -28.12 24.72 -5.30
CA PRO A 139 -28.45 24.86 -6.72
C PRO A 139 -29.92 24.64 -7.04
N LYS A 140 -30.43 25.43 -7.97
CA LYS A 140 -31.80 25.34 -8.48
C LYS A 140 -31.74 24.98 -9.94
N SER A 141 -32.57 24.02 -10.35
CA SER A 141 -32.60 23.59 -11.76
C SER A 141 -33.28 24.66 -12.62
N ASP A 142 -32.88 24.70 -13.89
CA ASP A 142 -33.46 25.59 -14.90
C ASP A 142 -33.42 27.06 -14.47
N SER A 143 -32.31 27.47 -13.88
CA SER A 143 -31.99 28.88 -13.66
C SER A 143 -30.98 29.29 -14.74
N GLY A 144 -30.23 30.39 -14.52
CA GLY A 144 -29.22 30.82 -15.50
C GLY A 144 -27.82 30.84 -14.90
N ASP A 145 -27.35 32.05 -14.60
CA ASP A 145 -26.08 32.29 -13.91
C ASP A 145 -26.10 31.83 -12.45
N TYR A 146 -27.29 31.67 -11.88
CA TYR A 146 -27.46 31.41 -10.44
C TYR A 146 -26.51 30.35 -9.89
N ASN A 147 -26.49 29.18 -10.51
CA ASN A 147 -25.70 28.04 -10.00
C ASN A 147 -24.19 28.30 -9.99
N GLN A 148 -23.66 28.64 -11.16
CA GLN A 148 -22.23 28.96 -11.33
C GLN A 148 -22.06 30.17 -12.22
N LYS A 149 -21.25 31.12 -11.78
CA LYS A 149 -20.93 32.29 -12.59
C LYS A 149 -19.45 32.66 -12.44
N TYR A 150 -18.76 32.82 -13.57
CA TYR A 150 -17.32 33.16 -13.60
C TYR A 150 -17.13 34.60 -14.05
N ILE A 151 -16.47 35.40 -13.21
CA ILE A 151 -16.26 36.82 -13.49
C ILE A 151 -14.77 37.17 -13.50
N ALA A 152 -14.32 37.75 -14.61
CA ALA A 152 -12.97 38.30 -14.72
C ALA A 152 -12.97 39.74 -14.18
N ILE A 153 -12.13 39.98 -13.17
CA ILE A 153 -12.02 41.28 -12.52
C ILE A 153 -11.15 42.18 -13.36
N THR A 154 -11.71 43.31 -13.81
CA THR A 154 -10.97 44.31 -14.57
C THR A 154 -10.58 45.47 -13.65
N LYS A 155 -11.55 45.96 -12.88
CA LYS A 155 -11.36 47.16 -12.06
C LYS A 155 -10.78 46.82 -10.69
N VAL A 156 -9.50 47.14 -10.51
CA VAL A 156 -8.82 46.91 -9.24
C VAL A 156 -8.19 48.19 -8.70
N GLU A 157 -8.54 48.53 -7.47
CA GLU A 157 -8.08 49.75 -6.80
C GLU A 157 -7.10 49.34 -5.72
N ARG A 158 -5.82 49.63 -5.92
CA ARG A 158 -4.77 49.03 -5.08
C ARG A 158 -3.88 50.01 -4.30
N GLY A 159 -4.27 51.28 -4.26
CA GLY A 159 -3.53 52.29 -3.50
C GLY A 159 -2.15 52.54 -4.09
N LYS A 160 -1.12 52.31 -3.30
CA LYS A 160 0.28 52.50 -3.74
C LYS A 160 0.99 51.19 -4.08
N TYR A 161 0.26 50.07 -4.00
CA TYR A 161 0.80 48.75 -4.31
C TYR A 161 0.78 48.51 -5.82
N ASP A 162 1.83 47.86 -6.32
CA ASP A 162 1.95 47.50 -7.74
C ASP A 162 0.95 46.42 -8.10
N LYS A 163 0.91 45.38 -7.28
CA LYS A 163 0.03 44.24 -7.49
C LYS A 163 -0.65 43.88 -6.18
N VAL A 164 -1.87 43.35 -6.29
CA VAL A 164 -2.56 42.80 -5.12
C VAL A 164 -3.13 41.44 -5.48
N MET A 165 -3.40 40.63 -4.46
CA MET A 165 -3.78 39.22 -4.61
C MET A 165 -4.48 38.70 -3.36
N PRO A 166 -5.45 37.78 -3.54
CA PRO A 166 -5.99 37.10 -2.37
C PRO A 166 -4.93 36.18 -1.79
N TYR A 167 -4.88 36.09 -0.47
CA TYR A 167 -3.85 35.32 0.21
C TYR A 167 -4.42 34.79 1.52
N GLY A 168 -5.18 33.70 1.42
CA GLY A 168 -5.83 33.10 2.57
C GLY A 168 -7.07 32.28 2.21
N PRO A 169 -7.58 31.49 3.15
CA PRO A 169 -8.67 30.56 2.84
C PRO A 169 -10.05 31.18 2.84
N SER A 170 -10.29 32.14 3.74
CA SER A 170 -11.63 32.67 3.94
C SER A 170 -11.70 34.05 4.58
N GLY A 171 -12.77 34.77 4.22
CA GLY A 171 -13.01 36.13 4.68
C GLY A 171 -14.38 36.29 5.30
N ILE A 172 -14.83 37.53 5.46
CA ILE A 172 -16.14 37.80 6.09
C ILE A 172 -17.03 38.75 5.28
N LYS A 173 -18.29 38.81 5.69
CA LYS A 173 -19.26 39.77 5.17
C LYS A 173 -19.66 40.78 6.26
N GLN A 174 -19.77 42.03 5.85
CA GLN A 174 -20.37 43.07 6.68
C GLN A 174 -21.42 43.76 5.82
N GLY A 175 -22.68 43.49 6.11
CA GLY A 175 -23.77 43.93 5.26
C GLY A 175 -23.67 43.25 3.91
N ASP A 176 -23.41 44.04 2.88
CA ASP A 176 -23.22 43.53 1.51
C ASP A 176 -21.82 43.80 0.99
N THR A 177 -20.89 44.03 1.91
CA THR A 177 -19.50 44.25 1.58
C THR A 177 -18.69 43.04 1.98
N LEU A 178 -18.02 42.42 1.01
CA LEU A 178 -17.19 41.23 1.23
C LEU A 178 -15.72 41.61 1.45
N TYR A 179 -15.09 40.99 2.44
CA TYR A 179 -13.66 41.22 2.72
C TYR A 179 -12.84 39.93 2.70
N PHE A 180 -12.03 39.75 1.66
CA PHE A 180 -11.12 38.59 1.53
C PHE A 180 -9.75 38.91 2.14
N PRO A 181 -9.10 37.94 2.78
CA PRO A 181 -7.71 38.17 3.14
C PRO A 181 -6.86 38.27 1.89
N ALA A 182 -5.87 39.15 1.92
CA ALA A 182 -5.11 39.51 0.73
C ALA A 182 -3.70 39.99 1.06
N VAL A 183 -2.94 40.26 0.00
CA VAL A 183 -1.58 40.76 0.14
C VAL A 183 -1.26 41.73 -0.99
N GLY A 184 -0.52 42.78 -0.64
CA GLY A 184 -0.05 43.74 -1.65
C GLY A 184 1.43 43.55 -1.95
N PHE A 185 1.79 43.67 -3.22
CA PHE A 185 3.21 43.64 -3.63
C PHE A 185 3.67 45.08 -3.78
N LEU A 186 4.67 45.48 -2.99
CA LEU A 186 5.21 46.83 -3.01
C LEU A 186 6.71 46.78 -3.31
N PRO A 187 7.19 47.61 -4.26
CA PRO A 187 8.63 47.64 -4.54
C PRO A 187 9.43 48.03 -3.31
N ARG A 188 10.56 47.34 -3.10
CA ARG A 188 11.44 47.60 -1.94
C ARG A 188 11.83 49.06 -1.81
N THR A 189 12.09 49.68 -2.96
CA THR A 189 12.53 51.08 -3.01
C THR A 189 11.47 52.05 -2.53
N GLU A 190 10.21 51.70 -2.76
CA GLU A 190 9.06 52.52 -2.34
C GLU A 190 8.63 52.23 -0.90
N PHE A 191 9.18 51.17 -0.33
CA PHE A 191 8.79 50.71 1.00
C PHE A 191 9.30 51.64 2.12
N GLN A 192 8.37 52.36 2.72
CA GLN A 192 8.68 53.33 3.80
C GLN A 192 8.82 52.59 5.13
N TYR A 193 10.02 52.57 5.70
CA TYR A 193 10.27 51.87 6.98
C TYR A 193 11.56 52.35 7.67
N ASN A 194 11.48 52.63 8.97
CA ASN A 194 12.65 53.05 9.76
C ASN A 194 13.33 51.86 10.47
N ASP A 195 14.59 51.62 10.16
CA ASP A 195 15.34 50.48 10.75
C ASP A 195 15.47 50.53 12.27
N SER A 196 15.28 51.70 12.86
CA SER A 196 15.33 51.85 14.31
C SER A 196 14.18 51.11 15.02
N ASN A 197 13.06 50.90 14.32
CA ASN A 197 11.91 50.18 14.88
C ASN A 197 12.03 48.65 14.88
N CYS A 198 13.18 48.14 14.43
CA CYS A 198 13.44 46.70 14.42
C CYS A 198 13.98 46.25 15.78
N PRO A 199 13.21 45.44 16.53
CA PRO A 199 13.54 45.13 17.92
C PRO A 199 14.68 44.13 18.06
N ILE A 200 15.91 44.64 18.02
CA ILE A 200 17.13 43.83 18.07
C ILE A 200 17.90 44.03 19.37
N ILE A 201 17.24 44.66 20.34
CA ILE A 201 17.96 45.26 21.48
C ILE A 201 18.38 44.24 22.53
N HIS A 202 17.68 43.10 22.54
CA HIS A 202 18.02 41.99 23.42
C HIS A 202 18.48 40.79 22.60
N CYS A 203 19.04 41.06 21.43
CA CYS A 203 19.43 40.03 20.46
C CYS A 203 20.85 40.28 19.97
N LYS A 204 21.81 39.58 20.56
CA LYS A 204 23.24 39.81 20.32
C LYS A 204 23.63 39.77 18.84
N TYR A 205 23.03 38.85 18.10
CA TYR A 205 23.42 38.58 16.71
C TYR A 205 22.36 38.97 15.71
N SER A 206 21.65 40.06 15.98
CA SER A 206 20.63 40.59 15.08
C SER A 206 21.05 41.99 14.64
N LYS A 207 20.81 42.30 13.37
CA LYS A 207 21.09 43.62 12.81
C LYS A 207 19.80 44.40 12.59
N ALA A 208 19.90 45.72 12.62
CA ALA A 208 18.76 46.62 12.43
C ALA A 208 18.05 46.42 11.09
N GLU A 209 18.85 46.09 10.07
CA GLU A 209 18.37 45.90 8.70
C GLU A 209 17.44 44.70 8.51
N ASN A 210 17.51 43.74 9.43
CA ASN A 210 16.85 42.44 9.25
C ASN A 210 15.32 42.46 9.12
N CYS A 211 14.62 43.28 9.89
CA CYS A 211 13.16 43.36 9.77
C CYS A 211 12.77 43.72 8.34
N ARG A 212 13.37 44.78 7.84
CA ARG A 212 13.08 45.28 6.49
C ARG A 212 13.41 44.23 5.46
N LEU A 213 14.63 43.69 5.53
CA LEU A 213 15.09 42.68 4.59
C LEU A 213 14.16 41.46 4.56
N SER A 214 13.64 41.06 5.72
CA SER A 214 12.75 39.91 5.83
C SER A 214 11.29 40.23 5.52
N MET A 215 11.01 41.40 4.98
CA MET A 215 9.65 41.72 4.53
C MET A 215 9.39 41.18 3.13
N GLY A 216 10.45 40.68 2.49
CA GLY A 216 10.35 40.01 1.19
C GLY A 216 10.59 38.53 1.37
N VAL A 217 10.31 37.77 0.32
CA VAL A 217 10.54 36.32 0.31
C VAL A 217 12.04 35.95 0.37
N ASN A 218 12.90 36.82 -0.17
CA ASN A 218 14.34 36.81 0.13
C ASN A 218 14.91 38.23 0.26
N SER A 219 16.13 38.33 0.76
CA SER A 219 16.72 39.63 1.11
C SER A 219 16.92 40.58 -0.07
N LYS A 220 16.94 40.02 -1.27
CA LYS A 220 17.26 40.75 -2.48
C LYS A 220 16.11 40.68 -3.48
N SER A 221 14.90 40.54 -2.95
CA SER A 221 13.68 40.48 -3.75
C SER A 221 13.21 41.86 -4.21
N HIS A 222 12.60 41.91 -5.40
CA HIS A 222 12.12 43.17 -5.97
C HIS A 222 11.06 43.81 -5.09
N TYR A 223 10.01 43.03 -4.81
CA TYR A 223 8.88 43.49 -4.00
C TYR A 223 8.99 43.04 -2.54
N ILE A 224 8.38 43.83 -1.66
CA ILE A 224 8.04 43.38 -0.32
C ILE A 224 6.56 42.98 -0.33
N LEU A 225 6.18 42.09 0.58
CA LEU A 225 4.78 41.65 0.71
C LEU A 225 4.17 42.20 1.98
N ARG A 226 2.94 42.71 1.86
CA ARG A 226 2.20 43.26 3.01
C ARG A 226 0.81 42.67 3.02
N SER A 227 0.41 42.10 4.15
CA SER A 227 -0.93 41.52 4.29
C SER A 227 -2.02 42.58 4.33
N GLY A 228 -3.24 42.15 4.05
CA GLY A 228 -4.37 43.08 4.02
C GLY A 228 -5.68 42.43 3.63
N LEU A 229 -6.66 43.26 3.33
CA LEU A 229 -7.96 42.79 2.84
C LEU A 229 -8.23 43.30 1.44
N LEU A 230 -8.96 42.51 0.66
CA LEU A 230 -9.53 42.96 -0.60
C LEU A 230 -11.02 43.14 -0.35
N LYS A 231 -11.52 44.33 -0.63
CA LYS A 231 -12.91 44.71 -0.35
C LYS A 231 -13.75 44.61 -1.61
N TYR A 232 -14.95 44.05 -1.48
CA TYR A 232 -15.85 43.90 -2.63
C TYR A 232 -17.28 44.23 -2.22
N ASN A 233 -17.73 45.43 -2.61
CA ASN A 233 -19.03 45.96 -2.20
C ASN A 233 -20.10 45.56 -3.22
N LEU A 234 -21.02 44.69 -2.79
CA LEU A 234 -22.10 44.20 -3.66
C LEU A 234 -23.21 45.21 -3.95
N SER A 235 -23.35 46.24 -3.11
CA SER A 235 -24.42 47.23 -3.27
C SER A 235 -24.40 47.96 -4.61
N LEU A 236 -23.20 48.14 -5.17
CA LEU A 236 -23.06 48.67 -6.55
C LEU A 236 -23.16 47.46 -7.48
N GLY A 237 -24.38 47.16 -7.89
CA GLY A 237 -24.69 45.85 -8.44
C GLY A 237 -24.33 45.64 -9.89
N GLY A 238 -23.28 46.30 -10.35
CA GLY A 238 -22.89 46.25 -11.75
C GLY A 238 -21.54 45.59 -11.90
N ASP A 239 -20.58 46.34 -12.40
CA ASP A 239 -19.24 45.83 -12.64
C ASP A 239 -18.49 45.62 -11.33
N ILE A 240 -17.97 44.42 -11.16
CA ILE A 240 -17.22 44.02 -9.96
C ILE A 240 -15.95 44.87 -9.81
N ILE A 241 -15.78 45.47 -8.63
CA ILE A 241 -14.65 46.35 -8.35
C ILE A 241 -14.05 46.07 -6.96
N LEU A 242 -12.75 45.78 -6.94
CA LEU A 242 -12.06 45.42 -5.70
C LEU A 242 -11.17 46.54 -5.20
N GLN A 243 -11.18 46.76 -3.88
CA GLN A 243 -10.30 47.74 -3.24
C GLN A 243 -9.42 47.07 -2.19
N PHE A 244 -8.12 47.26 -2.31
CA PHE A 244 -7.15 46.71 -1.35
C PHE A 244 -7.00 47.61 -0.11
N ILE A 245 -6.93 46.99 1.05
CA ILE A 245 -6.75 47.68 2.33
C ILE A 245 -5.53 47.10 3.04
N GLU A 246 -4.50 47.93 3.27
CA GLU A 246 -3.28 47.43 3.92
C GLU A 246 -3.48 47.29 5.42
N ILE A 247 -2.93 46.21 5.97
CA ILE A 247 -2.92 46.01 7.42
C ILE A 247 -2.09 47.11 8.08
N ALA A 248 -2.42 47.43 9.32
CA ALA A 248 -1.64 48.40 10.11
C ALA A 248 -0.24 47.85 10.40
N ASP A 249 0.70 48.74 10.66
CA ASP A 249 2.10 48.36 10.90
C ASP A 249 2.42 47.97 12.34
N ASN A 250 1.41 47.77 13.18
CA ASN A 250 1.63 47.29 14.53
C ASN A 250 2.03 45.81 14.47
N ARG A 251 3.23 45.52 14.97
CA ARG A 251 3.77 44.15 14.97
C ARG A 251 3.85 43.61 13.54
N LEU A 252 4.32 44.45 12.63
CA LEU A 252 4.35 44.11 11.21
C LEU A 252 5.28 42.95 10.91
N THR A 253 4.89 42.19 9.88
CA THR A 253 5.56 40.95 9.49
C THR A 253 5.26 40.67 8.02
N ILE A 254 6.15 39.96 7.34
CA ILE A 254 5.96 39.68 5.92
C ILE A 254 4.51 39.23 5.65
N GLY A 255 3.93 39.82 4.62
CA GLY A 255 2.62 39.41 4.16
C GLY A 255 2.60 37.91 4.06
N SER A 256 1.56 37.30 4.59
CA SER A 256 1.49 35.86 4.69
C SER A 256 0.04 35.40 4.69
N PRO A 257 -0.23 34.15 4.34
CA PRO A 257 -1.62 33.75 4.25
C PRO A 257 -2.36 34.04 5.54
N SER A 258 -3.55 34.60 5.41
CA SER A 258 -4.29 35.09 6.55
C SER A 258 -5.76 34.69 6.44
N LYS A 259 -6.49 34.92 7.53
CA LYS A 259 -7.88 34.55 7.62
C LYS A 259 -8.62 35.57 8.49
N ILE A 260 -9.74 36.08 7.99
CA ILE A 260 -10.63 36.94 8.78
C ILE A 260 -12.00 36.26 8.91
N TYR A 261 -12.54 36.27 10.13
CA TYR A 261 -13.76 35.52 10.46
C TYR A 261 -14.53 36.16 11.62
N ASN A 262 -15.86 36.04 11.58
CA ASN A 262 -16.69 36.52 12.68
C ASN A 262 -16.84 35.41 13.73
N SER A 263 -16.71 35.77 15.00
CA SER A 263 -16.97 34.84 16.10
C SER A 263 -17.55 35.57 17.31
N LEU A 264 -18.68 35.08 17.79
CA LEU A 264 -19.46 35.68 18.90
C LEU A 264 -19.78 37.16 18.65
N GLY A 265 -20.10 37.47 17.40
CA GLY A 265 -20.57 38.80 17.01
C GLY A 265 -19.53 39.75 16.42
N GLN A 266 -18.25 39.47 16.65
CA GLN A 266 -17.20 40.42 16.26
C GLN A 266 -16.16 39.75 15.37
N PRO A 267 -15.45 40.54 14.54
CA PRO A 267 -14.41 39.99 13.64
C PRO A 267 -13.08 39.69 14.32
N VAL A 268 -12.39 38.65 13.84
CA VAL A 268 -11.11 38.18 14.40
C VAL A 268 -10.15 37.88 13.23
N PHE A 269 -8.85 38.11 13.46
CA PHE A 269 -7.85 37.94 12.41
C PHE A 269 -6.75 36.95 12.83
N TYR A 270 -6.37 36.09 11.89
CA TYR A 270 -5.19 35.25 12.02
C TYR A 270 -4.30 35.54 10.82
N GLN A 271 -3.02 35.73 11.10
CA GLN A 271 -1.99 35.84 10.08
C GLN A 271 -0.90 34.83 10.40
N ALA A 272 -0.43 34.13 9.39
CA ALA A 272 0.61 33.13 9.60
C ALA A 272 1.91 33.82 9.96
N SER A 273 2.78 33.12 10.67
CA SER A 273 4.08 33.67 11.02
C SER A 273 5.16 33.09 10.11
N TYR A 274 5.35 33.73 8.95
CA TYR A 274 6.27 33.25 7.91
C TYR A 274 7.69 33.84 8.04
N SER A 275 8.02 34.39 9.20
CA SER A 275 9.29 35.08 9.40
C SER A 275 9.90 34.80 10.78
N TRP A 276 10.55 35.80 11.37
CA TRP A 276 11.24 35.65 12.67
C TRP A 276 10.32 35.85 13.88
N ASP A 277 9.18 36.49 13.68
CA ASP A 277 8.22 36.74 14.76
C ASP A 277 7.31 35.53 14.89
N THR A 278 7.85 34.45 15.49
CA THR A 278 7.27 33.10 15.33
C THR A 278 6.10 32.76 16.22
N MET A 279 5.86 33.58 17.23
CA MET A 279 4.70 33.40 18.09
C MET A 279 3.40 33.74 17.33
N ILE A 280 2.32 33.04 17.69
CA ILE A 280 1.05 33.12 16.98
C ILE A 280 0.52 34.56 16.89
N LYS A 281 0.09 34.94 15.69
CA LYS A 281 -0.47 36.26 15.43
C LYS A 281 -1.98 36.11 15.23
N LEU A 282 -2.72 36.65 16.19
CA LEU A 282 -4.13 36.38 16.28
C LEU A 282 -4.75 37.43 17.16
N GLY A 283 -5.94 37.89 16.82
CA GLY A 283 -6.60 38.88 17.67
C GLY A 283 -7.84 39.53 17.09
N ASP A 284 -8.58 40.19 17.96
CA ASP A 284 -9.81 40.87 17.56
C ASP A 284 -9.45 42.03 16.63
N VAL A 285 -10.31 42.24 15.63
CA VAL A 285 -10.14 43.35 14.68
C VAL A 285 -10.56 44.65 15.36
N ASP A 286 -9.62 45.59 15.41
CA ASP A 286 -9.89 46.88 16.02
C ASP A 286 -10.75 47.71 15.08
N THR A 287 -10.24 47.95 13.87
CA THR A 287 -11.01 48.57 12.80
C THR A 287 -10.78 47.73 11.56
N VAL A 288 -11.79 47.61 10.69
CA VAL A 288 -11.66 46.80 9.48
C VAL A 288 -11.07 47.61 8.31
N ASP A 289 -11.60 48.80 8.06
CA ASP A 289 -11.05 49.70 7.04
C ASP A 289 -10.80 51.05 7.66
N PRO A 290 -9.52 51.38 7.96
CA PRO A 290 -8.30 50.59 7.74
C PRO A 290 -8.15 49.40 8.69
N LEU A 291 -7.51 48.33 8.24
CA LEU A 291 -7.41 47.11 9.03
C LEU A 291 -6.36 47.23 10.13
N ARG A 292 -6.80 46.95 11.37
CA ARG A 292 -5.94 47.01 12.54
C ARG A 292 -6.36 45.94 13.55
N VAL A 293 -5.40 45.07 13.90
CA VAL A 293 -5.67 43.94 14.79
C VAL A 293 -5.11 44.20 16.19
N GLN A 294 -5.87 43.81 17.21
CA GLN A 294 -5.36 43.82 18.59
C GLN A 294 -4.78 42.45 18.87
N TRP A 295 -3.55 42.25 18.38
CA TRP A 295 -2.86 40.99 18.52
C TRP A 295 -2.83 40.60 20.01
N ARG A 296 -3.09 39.33 20.27
CA ARG A 296 -2.95 38.79 21.62
C ARG A 296 -1.46 38.71 21.96
N ASN A 297 -1.13 38.99 23.22
CA ASN A 297 0.20 38.69 23.74
C ASN A 297 0.23 37.22 24.12
N ASN A 298 0.15 36.37 23.10
CA ASN A 298 0.13 34.91 23.29
C ASN A 298 1.56 34.38 23.34
N SER A 299 1.80 33.52 24.32
CA SER A 299 3.17 33.09 24.67
C SER A 299 3.35 31.56 24.74
N VAL A 300 2.38 30.80 24.22
CA VAL A 300 2.44 29.34 24.29
C VAL A 300 2.27 28.63 22.93
N ILE A 301 1.87 29.37 21.90
CA ILE A 301 1.68 28.79 20.57
C ILE A 301 2.57 29.48 19.52
N SER A 302 3.43 28.68 18.91
CA SER A 302 4.34 29.14 17.85
C SER A 302 4.11 28.25 16.61
N ARG A 303 5.16 28.02 15.83
CA ARG A 303 5.08 27.11 14.69
C ARG A 303 6.48 26.61 14.30
N PRO A 304 6.55 25.42 13.71
CA PRO A 304 7.89 24.93 13.39
C PRO A 304 8.53 25.82 12.36
N GLY A 305 9.83 26.01 12.46
CA GLY A 305 10.53 26.77 11.45
C GLY A 305 11.59 25.93 10.78
N GLN A 306 12.68 26.60 10.42
CA GLN A 306 13.90 25.95 9.94
C GLN A 306 15.06 26.52 10.73
N SER A 307 16.28 26.18 10.33
CA SER A 307 17.50 26.56 11.06
C SER A 307 17.54 28.01 11.56
N GLN A 308 17.20 28.94 10.68
CA GLN A 308 17.37 30.38 10.97
C GLN A 308 16.28 30.96 11.89
N CYS A 309 15.04 30.52 11.72
CA CYS A 309 13.92 30.99 12.54
C CYS A 309 13.04 29.84 13.04
N PRO A 310 13.49 29.14 14.09
CA PRO A 310 12.73 28.02 14.62
C PRO A 310 11.51 28.46 15.46
N ARG A 311 10.85 27.49 16.07
CA ARG A 311 9.77 27.77 17.03
C ARG A 311 10.26 28.70 18.11
N PHE A 312 9.33 29.48 18.66
CA PHE A 312 9.59 30.34 19.81
C PHE A 312 10.66 31.42 19.57
N ASN A 313 11.04 31.64 18.32
CA ASN A 313 12.00 32.67 17.99
C ASN A 313 11.34 34.05 18.01
N VAL A 314 12.03 35.02 18.59
CA VAL A 314 11.57 36.41 18.59
C VAL A 314 12.64 37.43 18.13
N CYS A 315 13.87 36.95 17.90
CA CYS A 315 14.94 37.81 17.44
C CYS A 315 14.87 37.99 15.93
N PRO A 316 14.91 39.25 15.45
CA PRO A 316 14.86 39.51 14.03
C PRO A 316 15.98 38.84 13.24
N GLU A 317 15.58 38.07 12.23
CA GLU A 317 16.52 37.40 11.33
C GLU A 317 15.95 37.44 9.92
N VAL A 318 16.84 37.31 8.93
CA VAL A 318 16.42 37.27 7.52
C VAL A 318 16.01 35.84 7.18
N CYS A 319 14.71 35.57 7.25
CA CYS A 319 14.19 34.23 6.99
C CYS A 319 12.76 34.28 6.43
N TRP A 320 12.50 33.41 5.45
CA TRP A 320 11.15 33.18 4.93
C TRP A 320 10.82 31.70 5.10
N GLU A 321 10.20 31.37 6.22
CA GLU A 321 9.88 29.99 6.52
C GLU A 321 8.78 29.93 7.55
N GLY A 322 8.12 28.79 7.64
CA GLY A 322 7.00 28.63 8.57
C GLY A 322 5.83 27.91 7.93
N THR A 323 4.72 27.82 8.68
CA THR A 323 3.55 27.11 8.22
C THR A 323 2.28 27.74 8.76
N TYR A 324 1.24 27.78 7.93
CA TYR A 324 -0.08 28.33 8.31
C TYR A 324 -0.80 27.36 9.20
N ASN A 325 -1.03 27.76 10.44
CA ASN A 325 -1.74 26.91 11.43
C ASN A 325 -2.69 27.72 12.29
N ASP A 326 -3.82 28.10 11.69
CA ASP A 326 -4.74 29.06 12.29
C ASP A 326 -5.46 28.53 13.53
N ALA A 327 -6.20 29.42 14.18
CA ALA A 327 -7.00 29.09 15.35
C ALA A 327 -8.29 29.92 15.40
N PHE A 328 -9.29 29.39 16.08
CA PHE A 328 -10.64 29.97 16.09
C PHE A 328 -11.08 30.33 17.50
N LEU A 329 -11.33 31.61 17.74
CA LEU A 329 -11.85 32.08 19.03
C LEU A 329 -13.19 31.40 19.34
N ILE A 330 -13.27 30.75 20.50
CA ILE A 330 -14.53 30.14 20.92
C ILE A 330 -15.14 30.75 22.19
N ASP A 331 -14.45 31.71 22.81
CA ASP A 331 -14.96 32.39 24.04
C ASP A 331 -14.20 33.71 24.26
N ARG A 332 -14.86 34.84 24.00
CA ARG A 332 -14.20 36.16 24.10
C ARG A 332 -14.05 36.68 25.54
N LEU A 333 -15.00 36.36 26.41
CA LEU A 333 -14.94 36.82 27.80
C LEU A 333 -13.64 36.39 28.47
N ASN A 334 -13.27 35.12 28.25
CA ASN A 334 -12.01 34.55 28.77
C ASN A 334 -10.93 34.42 27.68
N TRP A 335 -11.23 34.91 26.49
CA TRP A 335 -10.37 34.77 25.28
C TRP A 335 -9.70 33.41 25.11
N VAL A 336 -10.53 32.38 24.97
CA VAL A 336 -10.06 31.03 24.68
C VAL A 336 -10.25 30.75 23.20
N SER A 337 -9.23 30.14 22.58
CA SER A 337 -9.26 29.77 21.17
C SER A 337 -9.01 28.27 20.97
N ALA A 338 -9.24 27.81 19.75
CA ALA A 338 -9.08 26.39 19.39
C ALA A 338 -8.52 26.24 17.98
N GLY A 339 -7.53 25.38 17.85
CA GLY A 339 -6.82 25.19 16.59
C GLY A 339 -5.81 24.07 16.73
N VAL A 340 -5.18 23.73 15.61
CA VAL A 340 -4.19 22.66 15.56
C VAL A 340 -2.78 23.22 15.37
N TYR A 341 -1.86 22.84 16.24
CA TYR A 341 -0.47 23.27 16.10
C TYR A 341 0.46 22.09 15.91
N LEU A 342 1.54 22.31 15.16
CA LEU A 342 2.60 21.29 14.99
C LEU A 342 3.58 21.38 16.13
N ASN A 343 3.64 20.33 16.96
CA ASN A 343 4.50 20.27 18.12
C ASN A 343 5.90 19.81 17.72
N SER A 344 6.64 20.71 17.10
CA SER A 344 7.98 20.43 16.62
C SER A 344 8.71 21.75 16.36
N ASN A 345 10.01 21.76 16.68
CA ASN A 345 10.81 22.99 16.64
C ASN A 345 11.27 23.41 15.24
N GLN A 346 11.81 22.46 14.47
CA GLN A 346 12.37 22.76 13.14
C GLN A 346 11.91 21.82 12.02
N THR A 347 10.91 20.97 12.27
CA THR A 347 10.32 20.12 11.23
C THR A 347 8.79 20.18 11.29
N ALA A 348 8.15 20.02 10.13
CA ALA A 348 6.69 20.06 10.03
C ALA A 348 6.11 18.69 10.42
N GLU A 349 5.91 18.51 11.72
CA GLU A 349 5.54 17.23 12.33
C GLU A 349 4.54 17.40 13.47
N ASN A 350 3.88 16.30 13.81
CA ASN A 350 3.27 16.15 15.15
C ASN A 350 2.08 17.09 15.43
N PRO A 351 0.97 16.90 14.69
CA PRO A 351 -0.18 17.79 14.84
C PRO A 351 -0.94 17.52 16.12
N VAL A 352 -1.28 18.59 16.83
CA VAL A 352 -1.98 18.49 18.10
C VAL A 352 -3.14 19.47 18.09
N PHE A 353 -4.36 18.99 18.33
CA PHE A 353 -5.50 19.89 18.52
C PHE A 353 -5.50 20.43 19.94
N ALA A 354 -5.57 21.74 20.07
CA ALA A 354 -5.41 22.39 21.38
C ALA A 354 -6.48 23.46 21.64
N VAL A 355 -6.81 23.64 22.90
CA VAL A 355 -7.67 24.73 23.35
C VAL A 355 -6.88 25.55 24.36
N PHE A 356 -6.73 26.84 24.11
CA PHE A 356 -5.73 27.65 24.83
C PHE A 356 -6.13 29.10 25.12
N LYS A 357 -5.67 29.59 26.26
CA LYS A 357 -5.67 31.02 26.57
C LYS A 357 -4.33 31.61 26.07
N ASP A 358 -4.14 32.91 26.26
CA ASP A 358 -2.90 33.57 25.81
C ASP A 358 -1.62 32.94 26.37
N ASN A 359 -1.66 32.56 27.65
CA ASN A 359 -0.46 32.14 28.37
C ASN A 359 -0.55 30.73 28.93
N GLU A 360 -1.40 29.92 28.31
CA GLU A 360 -1.75 28.63 28.87
C GLU A 360 -2.51 27.77 27.87
N ILE A 361 -2.07 26.52 27.71
CA ILE A 361 -2.87 25.53 26.98
C ILE A 361 -3.68 24.77 28.02
N LEU A 362 -5.00 24.86 27.93
CA LEU A 362 -5.90 24.28 28.93
C LEU A 362 -5.95 22.76 28.80
N TYR A 363 -6.35 22.27 27.64
CA TYR A 363 -6.38 20.84 27.34
C TYR A 363 -6.07 20.63 25.86
N GLN A 364 -5.52 19.47 25.54
CA GLN A 364 -5.13 19.15 24.16
C GLN A 364 -5.05 17.64 23.90
N VAL A 365 -4.95 17.29 22.63
CA VAL A 365 -4.85 15.89 22.22
C VAL A 365 -4.11 15.74 20.87
N PRO A 366 -3.15 14.79 20.77
CA PRO A 366 -2.55 14.54 19.47
C PRO A 366 -3.54 13.94 18.49
N LEU A 367 -3.44 14.37 17.23
CA LEU A 367 -4.30 13.87 16.17
C LEU A 367 -3.69 12.66 15.47
N ALA A 368 -2.37 12.69 15.27
CA ALA A 368 -1.63 11.57 14.70
C ALA A 368 -0.66 11.03 15.75
N GLU A 369 0.49 10.51 15.31
CA GLU A 369 1.54 10.05 16.24
C GLU A 369 2.50 11.21 16.61
N ASP A 370 3.70 10.86 17.08
CA ASP A 370 4.74 11.87 17.40
C ASP A 370 5.59 12.21 16.17
N ASP A 371 5.88 11.20 15.35
CA ASP A 371 6.73 11.36 14.16
C ASP A 371 5.91 11.41 12.85
N THR A 372 4.71 11.98 12.91
CA THR A 372 3.84 12.12 11.74
C THR A 372 4.03 13.48 11.07
N ASN A 373 4.37 13.46 9.78
CA ASN A 373 4.58 14.68 9.00
C ASN A 373 3.26 15.41 8.75
N ALA A 374 3.29 16.75 8.77
CA ALA A 374 2.09 17.57 8.62
C ALA A 374 2.43 19.03 8.30
N GLN A 375 1.63 19.66 7.45
CA GLN A 375 1.79 21.08 7.11
C GLN A 375 0.55 21.88 7.54
N LYS A 376 -0.21 22.42 6.58
CA LYS A 376 -1.24 23.44 6.84
C LYS A 376 -2.40 22.88 7.66
N THR A 377 -2.94 23.71 8.55
CA THR A 377 -4.12 23.33 9.33
C THR A 377 -5.10 24.51 9.42
N ILE A 378 -6.36 24.24 9.08
CA ILE A 378 -7.40 25.27 9.03
C ILE A 378 -8.54 24.85 9.92
N THR A 379 -8.82 25.64 10.96
CA THR A 379 -9.88 25.31 11.93
C THR A 379 -11.04 26.33 11.89
N ASP A 380 -12.25 25.82 11.85
CA ASP A 380 -13.45 26.64 11.95
C ASP A 380 -14.40 26.02 12.95
N CYS A 381 -14.96 26.85 13.82
CA CYS A 381 -15.82 26.39 14.91
C CYS A 381 -17.19 27.07 14.89
N PHE A 382 -18.16 26.37 15.45
CA PHE A 382 -19.58 26.76 15.33
C PHE A 382 -20.46 26.00 16.31
N LEU A 383 -21.65 26.53 16.55
CA LEU A 383 -22.65 25.87 17.41
C LEU A 383 -23.46 24.90 16.58
N LEU A 384 -23.58 23.67 17.08
CA LEU A 384 -24.46 22.67 16.50
C LEU A 384 -25.56 22.45 17.53
N GLU A 385 -26.55 23.36 17.51
CA GLU A 385 -27.57 23.48 18.56
C GLU A 385 -26.98 24.18 19.81
N ASN A 386 -26.74 23.44 20.90
CA ASN A 386 -26.19 24.02 22.14
C ASN A 386 -24.67 23.89 22.23
N VAL A 387 -24.11 22.98 21.45
CA VAL A 387 -22.75 22.50 21.66
C VAL A 387 -21.77 23.07 20.65
N ILE A 388 -20.63 23.55 21.14
CA ILE A 388 -19.60 24.08 20.25
C ILE A 388 -18.88 22.93 19.57
N TRP A 389 -18.83 22.99 18.24
CA TRP A 389 -18.09 22.03 17.43
C TRP A 389 -17.03 22.74 16.60
N CYS A 390 -15.92 22.05 16.36
CA CYS A 390 -14.86 22.57 15.50
C CYS A 390 -14.52 21.57 14.39
N ILE A 391 -14.37 22.07 13.17
CA ILE A 391 -13.91 21.25 12.08
C ILE A 391 -12.51 21.70 11.71
N SER A 392 -11.59 20.75 11.58
CA SER A 392 -10.18 21.06 11.27
C SER A 392 -9.64 20.23 10.11
N LEU A 393 -9.30 20.92 9.02
CA LEU A 393 -8.62 20.30 7.90
C LEU A 393 -7.11 20.30 8.17
N VAL A 394 -6.52 19.11 8.22
CA VAL A 394 -5.10 18.97 8.52
C VAL A 394 -4.34 18.25 7.41
N GLU A 395 -3.40 18.96 6.78
CA GLU A 395 -2.49 18.36 5.81
C GLU A 395 -1.59 17.30 6.46
N ILE A 396 -1.64 16.07 5.96
CA ILE A 396 -0.83 14.96 6.49
C ILE A 396 -0.21 14.25 5.29
N TYR A 397 1.10 14.47 5.10
CA TYR A 397 1.88 14.04 3.92
C TYR A 397 2.85 12.89 4.27
N ASP A 398 3.64 12.47 3.27
CA ASP A 398 4.82 11.62 3.50
C ASP A 398 4.44 10.30 4.20
N THR A 399 3.22 9.82 3.93
CA THR A 399 2.61 8.73 4.71
C THR A 399 2.66 7.33 4.07
N GLY A 400 3.08 7.25 2.80
CA GLY A 400 3.18 5.97 2.08
C GLY A 400 1.89 5.51 1.42
N ASP A 401 0.85 6.33 1.46
CA ASP A 401 -0.39 6.05 0.75
C ASP A 401 -0.14 6.32 -0.73
N SER A 402 -0.89 5.65 -1.61
CA SER A 402 -0.83 5.96 -3.04
C SER A 402 -1.51 7.30 -3.28
N VAL A 403 -2.51 7.63 -2.47
CA VAL A 403 -3.17 8.91 -2.60
C VAL A 403 -2.97 9.72 -1.32
N ILE A 404 -2.16 10.77 -1.42
CA ILE A 404 -1.94 11.69 -0.28
C ILE A 404 -3.02 12.75 -0.30
N ARG A 405 -3.86 12.78 0.74
CA ARG A 405 -4.87 13.83 0.88
C ARG A 405 -5.03 14.23 2.35
N PRO A 406 -5.48 15.47 2.60
CA PRO A 406 -5.68 15.94 3.96
C PRO A 406 -6.78 15.18 4.68
N LYS A 407 -6.77 15.28 6.01
CA LYS A 407 -7.77 14.62 6.83
C LYS A 407 -8.57 15.68 7.56
N LEU A 408 -9.89 15.50 7.57
CA LEU A 408 -10.81 16.43 8.22
C LEU A 408 -11.34 15.87 9.52
N PHE A 409 -11.08 16.57 10.60
CA PHE A 409 -11.50 16.16 11.94
C PHE A 409 -12.67 17.00 12.44
N ALA A 410 -13.54 16.37 13.23
CA ALA A 410 -14.62 17.04 13.93
C ALA A 410 -14.39 16.86 15.42
N VAL A 411 -14.35 17.96 16.17
CA VAL A 411 -14.09 17.91 17.61
C VAL A 411 -15.18 18.64 18.40
N LYS A 412 -15.76 17.92 19.37
CA LYS A 412 -16.72 18.50 20.32
C LYS A 412 -15.96 19.16 21.46
N ILE A 413 -16.23 20.43 21.72
CA ILE A 413 -15.60 21.14 22.83
C ILE A 413 -16.37 20.83 24.11
N PRO A 414 -15.68 20.42 25.19
CA PRO A 414 -16.38 19.93 26.37
C PRO A 414 -16.92 21.04 27.28
N ALA A 415 -18.04 20.76 27.94
CA ALA A 415 -18.63 21.68 28.90
C ALA A 415 -18.07 21.44 30.30
N GLN A 416 -18.07 20.18 30.72
CA GLN A 416 -17.47 19.78 32.00
C GLN A 416 -15.99 19.46 31.83
N CYS A 417 -15.23 19.55 32.92
CA CYS A 417 -13.78 19.32 32.88
C CYS A 417 -13.37 17.92 33.35
N SER A 418 -14.31 17.18 33.91
CA SER A 418 -14.09 15.79 34.32
C SER A 418 -14.38 14.83 33.16
N GLU A 419 -14.07 13.55 33.36
CA GLU A 419 -14.13 12.51 32.32
C GLU A 419 -13.13 12.75 31.20
N ASN B 2 3.45 -16.48 -26.83
CA ASN B 2 4.43 -16.23 -27.93
C ASN B 2 5.17 -17.50 -28.32
N GLN B 3 5.78 -17.46 -29.51
CA GLN B 3 6.53 -18.56 -30.12
C GLN B 3 7.77 -18.93 -29.32
N ILE B 4 8.21 -20.18 -29.47
CA ILE B 4 9.50 -20.65 -28.95
C ILE B 4 10.25 -21.47 -30.01
N CYS B 5 11.51 -21.79 -29.74
CA CYS B 5 12.31 -22.62 -30.64
C CYS B 5 11.85 -24.08 -30.55
N LEU B 6 11.60 -24.69 -31.71
CA LEU B 6 11.07 -26.05 -31.77
C LEU B 6 12.02 -27.04 -32.48
N GLN B 7 13.21 -26.57 -32.85
CA GLN B 7 14.21 -27.42 -33.52
C GLN B 7 15.21 -28.02 -32.53
N LYS B 8 15.62 -29.26 -32.79
CA LYS B 8 16.69 -29.90 -32.00
C LYS B 8 18.03 -29.29 -32.41
N THR B 9 18.69 -28.60 -31.48
CA THR B 9 19.95 -27.94 -31.79
C THR B 9 20.94 -27.98 -30.62
N THR B 10 22.23 -28.12 -30.95
CA THR B 10 23.31 -28.12 -29.97
C THR B 10 23.88 -26.71 -29.74
N SER B 11 23.24 -25.70 -30.32
CA SER B 11 23.66 -24.32 -30.12
C SER B 11 23.39 -23.90 -28.67
N THR B 12 24.23 -23.00 -28.14
CA THR B 12 24.08 -22.54 -26.77
C THR B 12 23.06 -21.40 -26.70
N ILE B 13 21.80 -21.77 -26.88
CA ILE B 13 20.68 -20.81 -26.86
C ILE B 13 20.04 -20.69 -25.48
N LEU B 14 20.38 -21.61 -24.57
CA LEU B 14 19.99 -21.49 -23.17
C LEU B 14 21.13 -20.87 -22.39
N LYS B 15 20.84 -19.79 -21.65
CA LYS B 15 21.84 -19.10 -20.85
C LYS B 15 21.31 -18.91 -19.43
N PRO B 16 21.45 -19.96 -18.60
CA PRO B 16 21.02 -19.85 -17.21
C PRO B 16 21.76 -18.77 -16.42
N ARG B 17 21.02 -18.04 -15.60
CA ARG B 17 21.56 -17.02 -14.73
C ARG B 17 21.04 -17.26 -13.31
N LEU B 18 21.83 -16.86 -12.31
CA LEU B 18 21.39 -16.91 -10.91
C LEU B 18 20.40 -15.80 -10.68
N ILE B 19 19.22 -16.14 -10.14
CA ILE B 19 18.17 -15.16 -9.93
C ILE B 19 18.38 -14.43 -8.62
N SER B 20 18.00 -13.15 -8.59
CA SER B 20 18.04 -12.36 -7.37
C SER B 20 16.78 -12.66 -6.57
N TYR B 21 16.96 -13.17 -5.35
CA TYR B 21 15.83 -13.41 -4.45
C TYR B 21 16.21 -13.11 -3.00
N THR B 22 15.32 -12.45 -2.27
CA THR B 22 15.59 -12.03 -0.89
C THR B 22 15.00 -12.97 0.17
N LEU B 23 15.77 -13.19 1.24
CA LEU B 23 15.31 -13.94 2.43
C LEU B 23 15.90 -13.32 3.67
N PRO B 24 15.31 -13.64 4.85
CA PRO B 24 15.96 -13.30 6.10
C PRO B 24 17.40 -13.79 6.11
N ILE B 25 18.31 -12.81 6.19
CA ILE B 25 19.75 -13.03 6.03
C ILE B 25 20.39 -13.50 7.32
N ASN B 26 21.09 -14.63 7.22
CA ASN B 26 21.65 -15.28 8.38
C ASN B 26 23.18 -15.32 8.35
N THR B 27 23.78 -15.34 9.53
CA THR B 27 25.22 -15.56 9.66
C THR B 27 25.50 -16.62 10.74
N ARG B 28 24.95 -17.81 10.52
CA ARG B 28 25.28 -18.99 11.32
C ARG B 28 26.01 -19.97 10.43
N GLU B 29 27.14 -20.50 10.91
CA GLU B 29 27.89 -21.48 10.15
C GLU B 29 27.38 -22.89 10.44
N GLY B 30 27.75 -23.83 9.58
CA GLY B 30 27.57 -25.24 9.88
C GLY B 30 26.12 -25.62 9.86
N VAL B 31 25.47 -25.28 8.74
CA VAL B 31 24.02 -25.33 8.61
C VAL B 31 23.66 -25.93 7.26
N CYS B 32 22.58 -26.71 7.23
CA CYS B 32 22.05 -27.21 5.96
C CYS B 32 20.62 -26.69 5.78
N ILE B 33 20.34 -26.17 4.58
CA ILE B 33 19.01 -25.70 4.20
C ILE B 33 18.36 -26.78 3.35
N THR B 34 17.25 -27.33 3.82
CA THR B 34 16.59 -28.47 3.15
C THR B 34 15.05 -28.44 3.19
N ASP B 35 14.47 -29.52 2.67
CA ASP B 35 13.03 -29.68 2.52
C ASP B 35 12.43 -28.45 1.86
N PRO B 36 12.95 -28.08 0.69
CA PRO B 36 12.52 -26.88 0.04
C PRO B 36 11.16 -27.02 -0.65
N LEU B 37 10.53 -25.88 -0.84
CA LEU B 37 9.26 -25.77 -1.55
C LEU B 37 9.35 -24.49 -2.38
N LEU B 38 8.78 -24.50 -3.58
CA LEU B 38 8.69 -23.31 -4.40
C LEU B 38 7.42 -23.31 -5.23
N ALA B 39 6.64 -22.25 -5.08
CA ALA B 39 5.43 -22.05 -5.86
C ALA B 39 5.46 -20.68 -6.52
N VAL B 40 5.15 -20.63 -7.80
CA VAL B 40 5.03 -19.36 -8.53
C VAL B 40 3.70 -19.29 -9.27
N ASP B 41 2.93 -18.24 -9.00
CA ASP B 41 1.57 -18.13 -9.50
C ASP B 41 1.12 -16.66 -9.50
N ASN B 42 0.58 -16.20 -10.62
CA ASN B 42 -0.05 -14.88 -10.75
C ASN B 42 0.84 -13.70 -10.30
N GLY B 43 2.12 -13.78 -10.62
CA GLY B 43 3.07 -12.72 -10.24
C GLY B 43 3.54 -12.74 -8.78
N PHE B 44 3.17 -13.78 -8.04
CA PHE B 44 3.64 -13.95 -6.65
C PHE B 44 4.32 -15.30 -6.49
N PHE B 45 5.04 -15.47 -5.39
CA PHE B 45 5.68 -16.73 -5.10
C PHE B 45 5.52 -17.14 -3.65
N ALA B 46 5.60 -18.45 -3.45
CA ALA B 46 5.64 -19.05 -2.12
C ALA B 46 6.94 -19.85 -1.98
N TYR B 47 7.58 -19.75 -0.83
CA TYR B 47 8.84 -20.47 -0.56
C TYR B 47 8.89 -21.00 0.87
N SER B 48 9.50 -22.17 1.05
CA SER B 48 9.75 -22.70 2.39
C SER B 48 11.04 -23.50 2.47
N HIS B 49 11.61 -23.52 3.67
CA HIS B 49 12.69 -24.46 4.00
C HIS B 49 12.76 -24.81 5.50
N LEU B 50 13.51 -25.87 5.80
CA LEU B 50 13.89 -26.22 7.17
C LEU B 50 15.41 -26.09 7.30
N GLU B 51 15.84 -25.24 8.23
CA GLU B 51 17.26 -25.09 8.54
C GLU B 51 17.66 -26.07 9.63
N LYS B 52 18.68 -26.87 9.34
CA LYS B 52 19.22 -27.84 10.30
C LYS B 52 20.65 -27.47 10.65
N ILE B 53 21.04 -27.74 11.88
CA ILE B 53 22.44 -27.60 12.29
C ILE B 53 23.16 -28.92 12.11
N GLY B 54 24.18 -28.94 11.25
CA GLY B 54 24.97 -30.14 11.00
C GLY B 54 24.55 -30.84 9.73
N SER B 55 24.17 -32.11 9.87
CA SER B 55 23.90 -32.94 8.72
C SER B 55 22.59 -32.49 8.11
N CYS B 56 22.46 -32.73 6.81
CA CYS B 56 21.24 -32.41 6.09
C CYS B 56 20.16 -33.43 6.41
N THR B 57 20.60 -34.69 6.52
CA THR B 57 19.71 -35.81 6.71
C THR B 57 19.23 -35.98 8.16
N ARG B 58 20.09 -35.64 9.12
CA ARG B 58 19.90 -36.07 10.52
C ARG B 58 20.38 -35.05 11.57
N GLY B 59 20.41 -33.77 11.21
CA GLY B 59 20.86 -32.73 12.14
C GLY B 59 19.71 -32.27 13.01
N ILE B 60 20.03 -31.51 14.06
CA ILE B 60 19.01 -30.93 14.93
C ILE B 60 18.32 -29.77 14.21
N ALA B 61 17.01 -29.90 14.04
CA ALA B 61 16.18 -28.86 13.41
C ALA B 61 16.26 -27.57 14.21
N LYS B 62 16.49 -26.45 13.52
CA LYS B 62 16.69 -25.15 14.16
C LYS B 62 15.59 -24.15 13.81
N GLN B 63 15.34 -23.95 12.52
CA GLN B 63 14.29 -23.03 12.08
C GLN B 63 13.55 -23.44 10.82
N ARG B 64 12.22 -23.35 10.90
CA ARG B 64 11.34 -23.56 9.77
C ARG B 64 10.80 -22.21 9.36
N ILE B 65 10.86 -21.87 8.07
CA ILE B 65 10.20 -20.67 7.56
C ILE B 65 9.23 -21.01 6.44
N ILE B 66 8.07 -20.38 6.46
CA ILE B 66 7.16 -20.37 5.31
C ILE B 66 6.98 -18.91 4.89
N GLY B 67 7.35 -18.62 3.63
CA GLY B 67 7.46 -17.25 3.15
C GLY B 67 6.78 -17.04 1.81
N VAL B 68 6.29 -15.82 1.60
CA VAL B 68 5.64 -15.45 0.35
C VAL B 68 6.09 -14.07 -0.10
N GLY B 69 5.91 -13.80 -1.39
CA GLY B 69 6.31 -12.51 -1.95
C GLY B 69 6.04 -12.36 -3.42
N GLU B 70 6.52 -11.26 -3.99
CA GLU B 70 6.24 -10.89 -5.38
C GLU B 70 7.37 -11.32 -6.29
N VAL B 71 7.03 -11.78 -7.49
CA VAL B 71 8.01 -12.00 -8.55
C VAL B 71 7.92 -10.81 -9.49
N LEU B 72 8.94 -9.96 -9.49
CA LEU B 72 8.89 -8.66 -10.18
C LEU B 72 9.91 -8.53 -11.31
N ASP B 73 9.64 -7.60 -12.22
CA ASP B 73 10.60 -7.17 -13.22
C ASP B 73 11.53 -6.13 -12.57
N ARG B 74 12.83 -6.47 -12.48
CA ARG B 74 13.80 -5.62 -11.76
C ARG B 74 14.10 -4.29 -12.45
N GLY B 75 13.88 -4.22 -13.76
CA GLY B 75 14.17 -3.01 -14.54
C GLY B 75 14.58 -3.29 -15.98
N ASP B 76 15.35 -4.37 -16.17
CA ASP B 76 15.88 -4.74 -17.50
C ASP B 76 15.24 -6.01 -18.07
N LYS B 77 13.92 -6.13 -17.87
CA LYS B 77 13.13 -7.29 -18.35
C LYS B 77 13.63 -8.66 -17.87
N VAL B 78 14.10 -8.70 -16.62
CA VAL B 78 14.60 -9.94 -16.01
C VAL B 78 13.93 -10.14 -14.65
N PRO B 79 13.43 -11.36 -14.36
CA PRO B 79 12.67 -11.54 -13.13
C PRO B 79 13.51 -11.53 -11.87
N SER B 80 12.97 -10.92 -10.82
CA SER B 80 13.54 -10.94 -9.49
C SER B 80 12.50 -11.43 -8.50
N MET B 81 12.90 -11.70 -7.28
CA MET B 81 11.98 -12.14 -6.23
C MET B 81 12.20 -11.34 -4.94
N PHE B 82 11.10 -10.86 -4.37
CA PHE B 82 11.12 -10.09 -3.13
C PHE B 82 10.18 -10.68 -2.08
N MET B 83 10.74 -11.27 -1.04
CA MET B 83 9.96 -11.79 0.08
C MET B 83 9.23 -10.63 0.74
N THR B 84 8.00 -10.89 1.18
CA THR B 84 7.16 -9.84 1.78
C THR B 84 6.53 -10.23 3.12
N ASN B 85 6.39 -11.52 3.35
CA ASN B 85 5.70 -12.05 4.53
C ASN B 85 6.37 -13.36 4.93
N VAL B 86 6.81 -13.45 6.19
CA VAL B 86 7.49 -14.65 6.71
C VAL B 86 6.82 -15.17 8.00
N TRP B 87 6.53 -16.46 8.02
CA TRP B 87 5.96 -17.12 9.19
C TRP B 87 6.96 -18.16 9.70
N THR B 88 6.98 -18.32 11.03
CA THR B 88 7.91 -19.23 11.71
C THR B 88 7.18 -19.92 12.86
N PRO B 89 7.18 -21.27 12.90
CA PRO B 89 6.60 -21.98 14.04
C PRO B 89 7.45 -21.89 15.30
N PRO B 90 6.85 -22.16 16.48
CA PRO B 90 7.61 -22.20 17.73
C PRO B 90 8.58 -23.37 17.78
N ASN B 91 8.10 -24.55 17.36
CA ASN B 91 8.92 -25.76 17.27
C ASN B 91 9.17 -26.11 15.80
N PRO B 92 10.44 -26.06 15.35
CA PRO B 92 10.75 -26.31 13.94
C PRO B 92 10.58 -27.78 13.50
N SER B 93 10.71 -28.72 14.43
CA SER B 93 10.72 -30.14 14.11
C SER B 93 9.34 -30.77 13.86
N THR B 94 8.26 -30.07 14.19
CA THR B 94 6.90 -30.64 14.09
C THR B 94 6.19 -30.44 12.74
N ILE B 95 6.66 -29.50 11.93
CA ILE B 95 6.03 -29.20 10.64
C ILE B 95 6.63 -30.05 9.51
N HIS B 96 5.77 -30.74 8.75
CA HIS B 96 6.22 -31.62 7.66
C HIS B 96 5.36 -31.54 6.39
N HIS B 97 6.03 -31.79 5.26
CA HIS B 97 5.39 -32.01 3.96
C HIS B 97 4.50 -30.87 3.47
N CYS B 98 4.89 -29.65 3.79
CA CYS B 98 4.15 -28.44 3.38
C CYS B 98 3.90 -28.40 1.87
N SER B 99 2.72 -27.87 1.51
CA SER B 99 2.32 -27.69 0.11
C SER B 99 1.60 -26.37 0.00
N SER B 100 1.85 -25.61 -1.06
CA SER B 100 1.27 -24.24 -1.20
C SER B 100 0.37 -24.00 -2.43
N THR B 101 -0.69 -23.22 -2.25
CA THR B 101 -1.61 -22.85 -3.34
C THR B 101 -2.05 -21.41 -3.21
N TYR B 102 -1.88 -20.64 -4.29
CA TYR B 102 -2.30 -19.25 -4.37
C TYR B 102 -3.78 -19.18 -4.74
N HIS B 103 -4.53 -18.34 -4.06
CA HIS B 103 -5.90 -18.05 -4.48
C HIS B 103 -6.11 -16.55 -4.73
N GLU B 104 -6.26 -15.76 -3.67
CA GLU B 104 -6.49 -14.33 -3.86
C GLU B 104 -6.07 -13.58 -2.61
N ASP B 105 -5.07 -12.70 -2.77
CA ASP B 105 -4.43 -12.06 -1.64
C ASP B 105 -3.49 -13.03 -0.92
N PHE B 106 -3.83 -14.32 -0.88
CA PHE B 106 -3.13 -15.27 0.00
C PHE B 106 -2.44 -16.39 -0.75
N TYR B 107 -1.41 -16.95 -0.11
CA TYR B 107 -0.89 -18.27 -0.43
C TYR B 107 -1.35 -19.16 0.70
N TYR B 108 -2.28 -20.07 0.40
CA TYR B 108 -2.76 -21.04 1.38
C TYR B 108 -1.80 -22.23 1.35
N THR B 109 -0.98 -22.39 2.41
CA THR B 109 -0.06 -23.53 2.55
C THR B 109 -0.58 -24.53 3.55
N LEU B 110 -0.76 -25.78 3.13
CA LEU B 110 -1.20 -26.87 4.02
C LEU B 110 -0.03 -27.76 4.45
N CYS B 111 0.23 -27.84 5.75
CA CYS B 111 1.31 -28.71 6.25
C CYS B 111 0.73 -29.84 7.12
N ALA B 112 1.52 -30.90 7.31
CA ALA B 112 1.23 -31.92 8.31
C ALA B 112 1.90 -31.54 9.64
N VAL B 113 1.30 -31.97 10.76
CA VAL B 113 1.91 -31.80 12.08
C VAL B 113 2.27 -33.19 12.66
N SER B 114 3.52 -33.35 13.10
CA SER B 114 3.98 -34.63 13.65
C SER B 114 4.90 -34.46 14.86
N HIS B 115 4.77 -35.38 15.82
CA HIS B 115 5.68 -35.49 16.97
C HIS B 115 6.51 -36.77 16.91
N VAL B 116 6.44 -37.46 15.77
CA VAL B 116 7.13 -38.73 15.55
C VAL B 116 8.04 -38.69 14.31
N GLY B 117 8.33 -37.48 13.83
CA GLY B 117 9.12 -37.30 12.62
C GLY B 117 8.30 -37.45 11.36
N ASP B 118 8.97 -37.72 10.25
CA ASP B 118 8.32 -37.88 8.94
C ASP B 118 7.25 -38.99 8.94
N PRO B 119 5.97 -38.61 8.77
CA PRO B 119 4.88 -39.62 8.75
C PRO B 119 5.09 -40.75 7.75
N ILE B 120 5.79 -40.47 6.65
CA ILE B 120 6.12 -41.51 5.67
C ILE B 120 6.99 -42.62 6.30
N LEU B 121 7.96 -42.23 7.12
CA LEU B 121 8.88 -43.20 7.74
C LEU B 121 8.38 -43.77 9.07
N ASN B 122 7.27 -43.23 9.59
CA ASN B 122 6.70 -43.70 10.86
C ASN B 122 5.18 -43.64 10.80
N SER B 123 4.62 -44.34 9.82
CA SER B 123 3.20 -44.24 9.47
C SER B 123 2.25 -44.69 10.58
N THR B 124 2.45 -45.88 11.11
CA THR B 124 1.55 -46.42 12.13
C THR B 124 1.53 -45.52 13.38
N SER B 125 2.67 -44.92 13.71
CA SER B 125 2.81 -44.06 14.90
C SER B 125 2.20 -42.67 14.71
N TRP B 126 2.28 -42.14 13.50
CA TRP B 126 1.80 -40.78 13.22
C TRP B 126 0.30 -40.68 13.37
N THR B 127 -0.15 -40.04 14.44
CA THR B 127 -1.56 -39.67 14.57
C THR B 127 -1.83 -38.46 13.66
N GLU B 128 -2.77 -38.63 12.74
CA GLU B 128 -3.00 -37.69 11.65
C GLU B 128 -3.39 -36.29 12.13
N SER B 129 -2.51 -35.33 11.88
CA SER B 129 -2.78 -33.92 12.18
C SER B 129 -2.35 -33.02 11.02
N LEU B 130 -3.29 -32.24 10.51
CA LEU B 130 -3.03 -31.30 9.43
C LEU B 130 -3.37 -29.88 9.88
N SER B 131 -2.67 -28.91 9.30
CA SER B 131 -2.96 -27.51 9.56
C SER B 131 -2.58 -26.65 8.36
N LEU B 132 -3.09 -25.43 8.38
CA LEU B 132 -3.06 -24.52 7.23
C LEU B 132 -2.47 -23.21 7.71
N ILE B 133 -1.44 -22.74 7.03
CA ILE B 133 -0.91 -21.40 7.26
C ILE B 133 -1.27 -20.54 6.05
N ARG B 134 -2.16 -19.58 6.29
CA ARG B 134 -2.56 -18.63 5.27
C ARG B 134 -1.76 -17.34 5.40
N LEU B 135 -0.93 -17.05 4.40
CA LEU B 135 -0.14 -15.81 4.42
C LEU B 135 -0.56 -14.87 3.30
N ALA B 136 -0.65 -13.58 3.62
CA ALA B 136 -1.02 -12.57 2.61
C ALA B 136 0.21 -12.15 1.79
N VAL B 137 0.09 -12.14 0.47
CA VAL B 137 1.20 -11.80 -0.43
C VAL B 137 1.54 -10.31 -0.43
N ARG B 138 0.60 -9.49 0.05
CA ARG B 138 0.84 -8.06 0.25
C ARG B 138 0.28 -7.62 1.59
N PRO B 139 1.11 -7.69 2.65
CA PRO B 139 0.65 -7.36 4.00
C PRO B 139 0.16 -5.92 4.14
N LYS B 140 -0.88 -5.74 4.94
CA LYS B 140 -1.44 -4.43 5.26
C LYS B 140 -1.29 -4.20 6.75
N SER B 141 -0.83 -3.00 7.13
CA SER B 141 -0.66 -2.68 8.55
C SER B 141 -2.01 -2.46 9.22
N ASP B 142 -2.04 -2.74 10.52
CA ASP B 142 -3.23 -2.53 11.37
C ASP B 142 -4.47 -3.24 10.82
N SER B 143 -4.27 -4.46 10.36
CA SER B 143 -5.38 -5.37 10.06
C SER B 143 -5.46 -6.38 11.22
N GLY B 144 -6.09 -7.54 11.01
CA GLY B 144 -6.18 -8.56 12.06
C GLY B 144 -5.53 -9.86 11.66
N ASP B 145 -6.37 -10.84 11.32
CA ASP B 145 -5.95 -12.14 10.77
C ASP B 145 -5.36 -12.04 9.37
N TYR B 146 -5.64 -10.94 8.67
CA TYR B 146 -5.29 -10.80 7.26
C TYR B 146 -3.86 -11.23 6.93
N ASN B 147 -2.88 -10.70 7.65
CA ASN B 147 -1.47 -10.95 7.34
C ASN B 147 -1.06 -12.41 7.51
N GLN B 148 -1.29 -12.94 8.72
CA GLN B 148 -1.00 -14.34 9.03
C GLN B 148 -2.12 -14.95 9.84
N LYS B 149 -2.56 -16.14 9.43
CA LYS B 149 -3.59 -16.88 10.17
C LYS B 149 -3.26 -18.36 10.19
N TYR B 150 -3.27 -18.96 11.38
CA TYR B 150 -2.97 -20.39 11.56
C TYR B 150 -4.24 -21.16 11.91
N ILE B 151 -4.57 -22.17 11.10
CA ILE B 151 -5.79 -22.95 11.28
C ILE B 151 -5.46 -24.44 11.46
N ALA B 152 -5.93 -25.00 12.57
CA ALA B 152 -5.87 -26.45 12.80
C ALA B 152 -7.08 -27.11 12.14
N ILE B 153 -6.81 -28.05 11.24
CA ILE B 153 -7.85 -28.78 10.50
C ILE B 153 -8.41 -29.89 11.38
N THR B 154 -9.71 -29.82 11.65
CA THR B 154 -10.39 -30.87 12.40
C THR B 154 -11.14 -31.80 11.44
N LYS B 155 -11.88 -31.21 10.52
CA LYS B 155 -12.77 -31.97 9.65
C LYS B 155 -12.05 -32.45 8.41
N VAL B 156 -11.76 -33.75 8.36
CA VAL B 156 -11.09 -34.36 7.20
C VAL B 156 -11.90 -35.53 6.66
N GLU B 157 -12.19 -35.46 5.35
CA GLU B 157 -13.00 -36.45 4.66
C GLU B 157 -12.08 -37.26 3.76
N ARG B 158 -11.83 -38.51 4.12
CA ARG B 158 -10.75 -39.27 3.47
C ARG B 158 -11.14 -40.54 2.73
N GLY B 159 -12.45 -40.76 2.53
CA GLY B 159 -12.93 -41.93 1.80
C GLY B 159 -12.66 -43.22 2.55
N LYS B 160 -11.90 -44.12 1.91
CA LYS B 160 -11.53 -45.42 2.52
C LYS B 160 -10.09 -45.46 3.04
N TYR B 161 -9.40 -44.32 2.96
CA TYR B 161 -8.03 -44.20 3.46
C TYR B 161 -8.01 -43.95 4.97
N ASP B 162 -7.05 -44.57 5.65
CA ASP B 162 -6.86 -44.40 7.09
C ASP B 162 -6.36 -43.00 7.41
N LYS B 163 -5.34 -42.59 6.68
CA LYS B 163 -4.74 -41.28 6.88
C LYS B 163 -4.52 -40.62 5.52
N VAL B 164 -4.57 -39.29 5.50
CA VAL B 164 -4.22 -38.53 4.30
C VAL B 164 -3.28 -37.39 4.70
N MET B 165 -2.56 -36.86 3.72
CA MET B 165 -1.47 -35.91 3.96
C MET B 165 -1.11 -35.16 2.67
N PRO B 166 -0.73 -33.87 2.79
CA PRO B 166 -0.20 -33.18 1.62
C PRO B 166 1.15 -33.79 1.26
N TYR B 167 1.41 -33.90 -0.04
CA TYR B 167 2.63 -34.55 -0.50
C TYR B 167 3.04 -33.91 -1.82
N GLY B 168 3.69 -32.75 -1.73
CA GLY B 168 4.09 -31.99 -2.92
C GLY B 168 4.26 -30.50 -2.64
N PRO B 169 4.90 -29.77 -3.56
CA PRO B 169 5.20 -28.37 -3.33
C PRO B 169 4.05 -27.40 -3.57
N SER B 170 3.22 -27.69 -4.57
CA SER B 170 2.20 -26.72 -5.00
C SER B 170 1.00 -27.31 -5.74
N GLY B 171 -0.12 -26.63 -5.58
CA GLY B 171 -1.38 -27.04 -6.18
C GLY B 171 -2.03 -25.92 -6.96
N ILE B 172 -3.30 -26.08 -7.30
CA ILE B 172 -4.02 -25.09 -8.12
C ILE B 172 -5.37 -24.64 -7.53
N LYS B 173 -5.89 -23.56 -8.10
CA LYS B 173 -7.23 -23.06 -7.81
C LYS B 173 -8.16 -23.26 -9.01
N GLN B 174 -9.39 -23.68 -8.72
CA GLN B 174 -10.48 -23.66 -9.70
C GLN B 174 -11.65 -22.94 -9.05
N GLY B 175 -11.88 -21.71 -9.48
CA GLY B 175 -12.86 -20.85 -8.81
C GLY B 175 -12.40 -20.53 -7.40
N ASP B 176 -13.13 -21.04 -6.42
CA ASP B 176 -12.77 -20.87 -5.00
C ASP B 176 -12.48 -22.21 -4.31
N THR B 177 -12.18 -23.22 -5.13
CA THR B 177 -11.82 -24.53 -4.64
C THR B 177 -10.33 -24.75 -4.84
N LEU B 178 -9.63 -25.02 -3.73
CA LEU B 178 -8.18 -25.25 -3.74
C LEU B 178 -7.88 -26.74 -3.79
N TYR B 179 -6.92 -27.12 -4.64
CA TYR B 179 -6.48 -28.53 -4.76
C TYR B 179 -4.97 -28.68 -4.50
N PHE B 180 -4.61 -29.27 -3.36
CA PHE B 180 -3.21 -29.56 -3.02
C PHE B 180 -2.84 -30.97 -3.44
N PRO B 181 -1.60 -31.18 -3.91
CA PRO B 181 -1.19 -32.56 -4.13
C PRO B 181 -1.07 -33.27 -2.79
N ALA B 182 -1.45 -34.54 -2.77
CA ALA B 182 -1.58 -35.27 -1.51
C ALA B 182 -1.39 -36.77 -1.69
N VAL B 183 -1.43 -37.49 -0.58
CA VAL B 183 -1.28 -38.94 -0.59
C VAL B 183 -2.18 -39.56 0.46
N GLY B 184 -2.75 -40.71 0.15
CA GLY B 184 -3.54 -41.47 1.12
C GLY B 184 -2.78 -42.68 1.63
N PHE B 185 -2.90 -42.96 2.92
CA PHE B 185 -2.33 -44.17 3.52
C PHE B 185 -3.45 -45.20 3.61
N LEU B 186 -3.27 -46.34 2.93
CA LEU B 186 -4.25 -47.42 2.91
C LEU B 186 -3.62 -48.71 3.40
N PRO B 187 -4.28 -49.42 4.33
CA PRO B 187 -3.73 -50.70 4.77
C PRO B 187 -3.57 -51.69 3.64
N ARG B 188 -2.46 -52.42 3.64
CA ARG B 188 -2.16 -53.42 2.60
C ARG B 188 -3.29 -54.41 2.39
N THR B 189 -3.89 -54.83 3.50
CA THR B 189 -4.94 -55.84 3.50
C THR B 189 -6.22 -55.33 2.82
N GLU B 190 -6.47 -54.03 2.91
CA GLU B 190 -7.63 -53.39 2.28
C GLU B 190 -7.36 -52.98 0.83
N PHE B 191 -6.10 -53.08 0.40
CA PHE B 191 -5.69 -52.64 -0.93
C PHE B 191 -6.15 -53.59 -2.04
N GLN B 192 -7.13 -53.13 -2.82
CA GLN B 192 -7.71 -53.92 -3.91
C GLN B 192 -6.82 -53.83 -5.15
N TYR B 193 -6.21 -54.95 -5.55
CA TYR B 193 -5.31 -54.97 -6.73
C TYR B 193 -5.08 -56.38 -7.27
N ASN B 194 -5.20 -56.54 -8.59
CA ASN B 194 -4.97 -57.83 -9.26
C ASN B 194 -3.52 -57.96 -9.76
N ASP B 195 -2.81 -58.97 -9.27
CA ASP B 195 -1.40 -59.21 -9.66
C ASP B 195 -1.17 -59.47 -11.15
N SER B 196 -2.22 -59.86 -11.86
CA SER B 196 -2.16 -60.09 -13.31
C SER B 196 -1.90 -58.80 -14.10
N ASN B 197 -2.27 -57.65 -13.53
CA ASN B 197 -2.05 -56.34 -14.18
C ASN B 197 -0.61 -55.79 -14.05
N CYS B 198 0.26 -56.55 -13.40
CA CYS B 198 1.66 -56.15 -13.23
C CYS B 198 2.49 -56.56 -14.46
N PRO B 199 2.97 -55.57 -15.23
CA PRO B 199 3.58 -55.84 -16.54
C PRO B 199 4.98 -56.45 -16.46
N ILE B 200 5.04 -57.77 -16.28
CA ILE B 200 6.29 -58.51 -16.11
C ILE B 200 6.62 -59.38 -17.32
N ILE B 201 5.89 -59.17 -18.41
CA ILE B 201 5.81 -60.16 -19.50
C ILE B 201 7.04 -60.16 -20.38
N HIS B 202 7.76 -59.05 -20.39
CA HIS B 202 9.02 -58.94 -21.12
C HIS B 202 10.19 -58.78 -20.15
N CYS B 203 10.02 -59.30 -18.94
CA CYS B 203 10.99 -59.12 -17.87
C CYS B 203 11.30 -60.46 -17.21
N LYS B 204 12.40 -61.06 -17.61
CA LYS B 204 12.78 -62.42 -17.19
C LYS B 204 12.78 -62.64 -15.68
N TYR B 205 13.25 -61.63 -14.94
CA TYR B 205 13.47 -61.75 -13.49
C TYR B 205 12.54 -60.86 -12.67
N SER B 206 11.30 -60.74 -13.13
CA SER B 206 10.27 -59.99 -12.41
C SER B 206 9.13 -60.93 -12.04
N LYS B 207 8.59 -60.75 -10.84
CA LYS B 207 7.46 -61.53 -10.37
C LYS B 207 6.19 -60.69 -10.38
N ALA B 208 5.05 -61.37 -10.52
CA ALA B 208 3.73 -60.74 -10.56
C ALA B 208 3.44 -59.90 -9.31
N GLU B 209 3.92 -60.39 -8.17
CA GLU B 209 3.71 -59.74 -6.86
C GLU B 209 4.36 -58.37 -6.71
N ASN B 210 5.38 -58.10 -7.51
CA ASN B 210 6.25 -56.93 -7.33
C ASN B 210 5.57 -55.54 -7.40
N CYS B 211 4.64 -55.35 -8.32
CA CYS B 211 3.92 -54.07 -8.39
C CYS B 211 3.24 -53.74 -7.08
N ARG B 212 2.47 -54.71 -6.59
CA ARG B 212 1.73 -54.57 -5.33
C ARG B 212 2.69 -54.32 -4.17
N LEU B 213 3.69 -55.19 -4.05
CA LEU B 213 4.67 -55.07 -2.97
C LEU B 213 5.35 -53.69 -2.95
N SER B 214 5.65 -53.18 -4.14
CA SER B 214 6.32 -51.89 -4.25
C SER B 214 5.39 -50.67 -4.17
N MET B 215 4.13 -50.89 -3.78
CA MET B 215 3.21 -49.77 -3.53
C MET B 215 3.37 -49.22 -2.12
N GLY B 216 4.20 -49.89 -1.32
CA GLY B 216 4.59 -49.41 0.00
C GLY B 216 6.06 -49.03 0.00
N VAL B 217 6.48 -48.33 1.06
CA VAL B 217 7.86 -47.88 1.20
C VAL B 217 8.84 -49.08 1.38
N ASN B 218 8.34 -50.18 1.94
CA ASN B 218 9.00 -51.48 1.84
C ASN B 218 7.98 -52.63 1.67
N SER B 219 8.48 -53.81 1.32
CA SER B 219 7.62 -54.93 0.95
C SER B 219 6.71 -55.45 2.07
N LYS B 220 7.10 -55.22 3.32
CA LYS B 220 6.32 -55.67 4.46
C LYS B 220 5.83 -54.48 5.31
N SER B 221 5.51 -53.38 4.64
CA SER B 221 4.94 -52.19 5.29
C SER B 221 3.45 -52.34 5.57
N HIS B 222 2.98 -51.72 6.65
CA HIS B 222 1.57 -51.79 7.04
C HIS B 222 0.68 -51.18 5.96
N TYR B 223 0.96 -49.92 5.62
CA TYR B 223 0.18 -49.17 4.63
C TYR B 223 0.81 -49.21 3.24
N ILE B 224 -0.04 -49.07 2.22
CA ILE B 224 0.40 -48.67 0.88
C ILE B 224 0.12 -47.17 0.73
N LEU B 225 0.88 -46.51 -0.15
CA LEU B 225 0.70 -45.08 -0.41
C LEU B 225 0.12 -44.86 -1.78
N ARG B 226 -0.87 -43.98 -1.88
CA ARG B 226 -1.53 -43.65 -3.14
C ARG B 226 -1.61 -42.16 -3.29
N SER B 227 -1.09 -41.63 -4.40
CA SER B 227 -1.12 -40.19 -4.66
C SER B 227 -2.54 -39.67 -4.93
N GLY B 228 -2.71 -38.37 -4.79
CA GLY B 228 -4.02 -37.77 -4.98
C GLY B 228 -4.05 -36.27 -4.73
N LEU B 229 -5.26 -35.73 -4.63
CA LEU B 229 -5.46 -34.33 -4.27
C LEU B 229 -6.21 -34.18 -2.95
N LEU B 230 -5.90 -33.13 -2.21
CA LEU B 230 -6.72 -32.72 -1.08
C LEU B 230 -7.47 -31.47 -1.52
N LYS B 231 -8.80 -31.52 -1.43
CA LYS B 231 -9.69 -30.47 -1.93
C LYS B 231 -10.10 -29.58 -0.77
N TYR B 232 -10.12 -28.28 -1.00
CA TYR B 232 -10.52 -27.31 0.02
C TYR B 232 -11.36 -26.20 -0.59
N ASN B 233 -12.68 -26.29 -0.37
CA ASN B 233 -13.65 -25.39 -0.99
C ASN B 233 -13.89 -24.18 -0.10
N LEU B 234 -13.44 -23.01 -0.56
CA LEU B 234 -13.57 -21.76 0.20
C LEU B 234 -14.99 -21.18 0.25
N SER B 235 -15.86 -21.58 -0.68
CA SER B 235 -17.24 -21.04 -0.77
C SER B 235 -18.04 -21.26 0.51
N LEU B 236 -17.77 -22.36 1.22
CA LEU B 236 -18.35 -22.59 2.55
C LEU B 236 -17.44 -21.89 3.57
N GLY B 237 -17.75 -20.63 3.87
CA GLY B 237 -16.77 -19.75 4.53
C GLY B 237 -16.66 -19.88 6.03
N GLY B 238 -16.78 -21.10 6.56
CA GLY B 238 -16.80 -21.31 8.00
C GLY B 238 -15.73 -22.26 8.48
N ASP B 239 -16.14 -23.41 9.00
CA ASP B 239 -15.21 -24.41 9.47
C ASP B 239 -14.48 -25.01 8.27
N ILE B 240 -13.18 -25.18 8.41
CA ILE B 240 -12.32 -25.65 7.32
C ILE B 240 -12.43 -27.19 7.15
N ILE B 241 -12.74 -27.63 5.93
CA ILE B 241 -13.03 -29.04 5.66
C ILE B 241 -12.33 -29.53 4.38
N LEU B 242 -11.47 -30.55 4.54
CA LEU B 242 -10.69 -31.11 3.43
C LEU B 242 -11.25 -32.44 2.94
N GLN B 243 -11.27 -32.63 1.62
CA GLN B 243 -11.68 -33.90 1.02
C GLN B 243 -10.57 -34.49 0.16
N PHE B 244 -10.22 -35.74 0.43
CA PHE B 244 -9.18 -36.43 -0.34
C PHE B 244 -9.76 -37.05 -1.61
N ILE B 245 -9.02 -36.95 -2.71
CA ILE B 245 -9.39 -37.51 -4.00
C ILE B 245 -8.25 -38.42 -4.48
N GLU B 246 -8.52 -39.71 -4.63
CA GLU B 246 -7.48 -40.64 -5.09
C GLU B 246 -7.24 -40.53 -6.59
N ILE B 247 -5.98 -40.59 -6.98
CA ILE B 247 -5.60 -40.63 -8.39
C ILE B 247 -6.13 -41.92 -9.02
N ALA B 248 -6.41 -41.86 -10.32
CA ALA B 248 -6.84 -43.03 -11.09
C ALA B 248 -5.69 -44.06 -11.15
N ASP B 249 -6.07 -45.32 -11.36
CA ASP B 249 -5.10 -46.44 -11.37
C ASP B 249 -4.43 -46.67 -12.73
N ASN B 250 -4.57 -45.74 -13.67
CA ASN B 250 -3.85 -45.85 -14.93
C ASN B 250 -2.37 -45.55 -14.70
N ARG B 251 -1.54 -46.54 -15.00
CA ARG B 251 -0.09 -46.44 -14.82
C ARG B 251 0.27 -46.15 -13.35
N LEU B 252 -0.43 -46.85 -12.46
CA LEU B 252 -0.32 -46.62 -11.02
C LEU B 252 1.08 -46.91 -10.51
N THR B 253 1.46 -46.17 -9.47
CA THR B 253 2.81 -46.19 -8.90
C THR B 253 2.76 -45.65 -7.48
N ILE B 254 3.68 -46.10 -6.62
CA ILE B 254 3.65 -45.70 -5.22
C ILE B 254 3.42 -44.20 -5.10
N GLY B 255 2.50 -43.85 -4.20
CA GLY B 255 2.24 -42.45 -3.88
C GLY B 255 3.58 -41.77 -3.68
N SER B 256 3.74 -40.61 -4.29
CA SER B 256 5.02 -39.92 -4.27
C SER B 256 4.79 -38.43 -4.41
N PRO B 257 5.77 -37.61 -3.99
CA PRO B 257 5.51 -36.16 -4.04
C PRO B 257 5.13 -35.73 -5.45
N SER B 258 4.09 -34.92 -5.53
CA SER B 258 3.47 -34.55 -6.79
C SER B 258 3.17 -33.06 -6.85
N LYS B 259 2.83 -32.59 -8.05
CA LYS B 259 2.60 -31.19 -8.29
C LYS B 259 1.50 -31.06 -9.32
N ILE B 260 0.48 -30.25 -9.01
CA ILE B 260 -0.56 -29.87 -9.99
C ILE B 260 -0.51 -28.35 -10.24
N TYR B 261 -0.58 -27.98 -11.53
CA TYR B 261 -0.39 -26.58 -11.95
C TYR B 261 -1.15 -26.27 -13.23
N ASN B 262 -1.61 -25.04 -13.35
CA ASN B 262 -2.23 -24.57 -14.60
C ASN B 262 -1.17 -24.04 -15.55
N SER B 263 -1.27 -24.41 -16.83
CA SER B 263 -0.40 -23.86 -17.87
C SER B 263 -1.15 -23.78 -19.21
N LEU B 264 -1.12 -22.58 -19.80
CA LEU B 264 -1.85 -22.26 -21.04
C LEU B 264 -3.35 -22.59 -20.95
N GLY B 265 -3.93 -22.31 -19.79
CA GLY B 265 -5.37 -22.45 -19.58
C GLY B 265 -5.85 -23.75 -18.94
N GLN B 266 -5.04 -24.80 -18.97
CA GLN B 266 -5.50 -26.11 -18.51
C GLN B 266 -4.57 -26.67 -17.45
N PRO B 267 -5.08 -27.58 -16.60
CA PRO B 267 -4.26 -28.20 -15.54
C PRO B 267 -3.33 -29.33 -16.03
N VAL B 268 -2.17 -29.45 -15.36
CA VAL B 268 -1.14 -30.44 -15.71
C VAL B 268 -0.62 -31.08 -14.42
N PHE B 269 -0.25 -32.36 -14.50
CA PHE B 269 0.20 -33.09 -13.31
C PHE B 269 1.61 -33.68 -13.49
N TYR B 270 2.42 -33.57 -12.44
CA TYR B 270 3.68 -34.27 -12.35
C TYR B 270 3.64 -35.09 -11.07
N GLN B 271 4.08 -36.35 -11.20
CA GLN B 271 4.27 -37.24 -10.05
C GLN B 271 5.68 -37.80 -10.13
N ALA B 272 6.36 -37.82 -9.00
CA ALA B 272 7.73 -38.33 -8.98
C ALA B 272 7.71 -39.84 -9.20
N SER B 273 8.78 -40.38 -9.77
CA SER B 273 8.89 -41.82 -10.00
C SER B 273 9.74 -42.47 -8.90
N TYR B 274 9.10 -42.80 -7.78
CA TYR B 274 9.79 -43.34 -6.61
C TYR B 274 9.86 -44.86 -6.58
N SER B 275 9.66 -45.49 -7.74
CA SER B 275 9.61 -46.94 -7.85
C SER B 275 10.33 -47.47 -9.12
N TRP B 276 9.81 -48.56 -9.69
CA TRP B 276 10.39 -49.22 -10.85
C TRP B 276 9.99 -48.59 -12.19
N ASP B 277 8.88 -47.84 -12.20
CA ASP B 277 8.41 -47.18 -13.42
C ASP B 277 9.13 -45.83 -13.56
N THR B 278 10.39 -45.89 -13.99
CA THR B 278 11.34 -44.78 -13.80
C THR B 278 11.23 -43.63 -14.80
N MET B 279 10.54 -43.86 -15.90
CA MET B 279 10.33 -42.80 -16.90
C MET B 279 9.39 -41.73 -16.33
N ILE B 280 9.60 -40.50 -16.77
CA ILE B 280 8.89 -39.34 -16.24
C ILE B 280 7.37 -39.49 -16.33
N LYS B 281 6.70 -39.18 -15.24
CA LYS B 281 5.24 -39.22 -15.18
C LYS B 281 4.71 -37.79 -15.15
N LEU B 282 4.03 -37.43 -16.23
CA LEU B 282 3.68 -36.06 -16.48
C LEU B 282 2.59 -36.04 -17.52
N GLY B 283 1.63 -35.14 -17.39
CA GLY B 283 0.60 -35.04 -18.41
C GLY B 283 -0.58 -34.17 -18.05
N ASP B 284 -1.38 -33.86 -19.07
CA ASP B 284 -2.57 -33.04 -18.88
C ASP B 284 -3.58 -33.78 -18.02
N VAL B 285 -4.27 -33.04 -17.16
CA VAL B 285 -5.30 -33.58 -16.31
C VAL B 285 -6.56 -33.84 -17.14
N ASP B 286 -7.01 -35.09 -17.15
CA ASP B 286 -8.20 -35.47 -17.89
C ASP B 286 -9.44 -34.98 -17.13
N THR B 287 -9.59 -35.45 -15.90
CA THR B 287 -10.61 -34.94 -14.99
C THR B 287 -9.91 -34.67 -13.66
N VAL B 288 -10.37 -33.65 -12.92
CA VAL B 288 -9.74 -33.30 -11.64
C VAL B 288 -10.35 -34.08 -10.47
N ASP B 289 -11.68 -34.11 -10.39
CA ASP B 289 -12.39 -34.91 -9.38
C ASP B 289 -13.41 -35.78 -10.09
N PRO B 290 -13.13 -37.10 -10.24
CA PRO B 290 -11.93 -37.84 -9.81
C PRO B 290 -10.68 -37.53 -10.63
N LEU B 291 -9.51 -37.60 -10.00
CA LEU B 291 -8.26 -37.21 -10.67
C LEU B 291 -7.79 -38.28 -11.63
N ARG B 292 -7.56 -37.87 -12.88
CA ARG B 292 -7.09 -38.76 -13.92
C ARG B 292 -6.18 -38.00 -14.87
N VAL B 293 -4.95 -38.49 -15.04
CA VAL B 293 -3.95 -37.84 -15.86
C VAL B 293 -3.74 -38.58 -17.18
N GLN B 294 -3.59 -37.83 -18.26
CA GLN B 294 -3.19 -38.40 -19.56
C GLN B 294 -1.68 -38.34 -19.64
N TRP B 295 -1.05 -39.30 -18.98
CA TRP B 295 0.40 -39.40 -18.94
C TRP B 295 0.95 -39.38 -20.36
N ARG B 296 2.02 -38.61 -20.56
CA ARG B 296 2.74 -38.61 -21.83
C ARG B 296 3.48 -39.94 -21.97
N ASN B 297 3.56 -40.45 -23.18
CA ASN B 297 4.44 -41.57 -23.49
C ASN B 297 5.84 -40.97 -23.75
N ASN B 298 6.44 -40.46 -22.68
CA ASN B 298 7.75 -39.81 -22.75
C ASN B 298 8.84 -40.85 -22.56
N SER B 299 9.84 -40.79 -23.44
CA SER B 299 10.84 -41.85 -23.57
C SER B 299 12.31 -41.34 -23.50
N VAL B 300 12.50 -40.11 -23.03
CA VAL B 300 13.84 -39.53 -22.97
C VAL B 300 14.22 -38.96 -21.59
N ILE B 301 13.25 -38.86 -20.68
CA ILE B 301 13.51 -38.31 -19.34
C ILE B 301 13.13 -39.31 -18.26
N SER B 302 14.13 -39.67 -17.45
CA SER B 302 13.97 -40.60 -16.33
C SER B 302 14.49 -39.93 -15.06
N ARG B 303 15.06 -40.69 -14.14
CA ARG B 303 15.69 -40.13 -12.95
C ARG B 303 16.68 -41.13 -12.34
N PRO B 304 17.71 -40.63 -11.65
CA PRO B 304 18.66 -41.59 -11.11
C PRO B 304 18.01 -42.46 -10.07
N GLY B 305 18.41 -43.71 -10.01
CA GLY B 305 17.90 -44.61 -9.00
C GLY B 305 19.00 -45.13 -8.14
N GLN B 306 18.81 -46.36 -7.69
CA GLN B 306 19.83 -47.14 -7.01
C GLN B 306 19.91 -48.50 -7.68
N SER B 307 20.70 -49.41 -7.10
CA SER B 307 20.99 -50.73 -7.69
C SER B 307 19.77 -51.43 -8.31
N GLN B 308 18.67 -51.46 -7.57
CA GLN B 308 17.50 -52.27 -7.94
C GLN B 308 16.65 -51.64 -9.04
N CYS B 309 16.48 -50.32 -8.99
CA CYS B 309 15.68 -49.58 -9.99
C CYS B 309 16.41 -48.33 -10.51
N PRO B 310 17.37 -48.51 -11.43
CA PRO B 310 18.13 -47.38 -11.95
C PRO B 310 17.33 -46.57 -12.97
N ARG B 311 18.00 -45.59 -13.60
CA ARG B 311 17.40 -44.82 -14.69
C ARG B 311 16.93 -45.75 -15.79
N PHE B 312 15.91 -45.32 -16.52
CA PHE B 312 15.41 -46.03 -17.69
C PHE B 312 14.87 -47.43 -17.38
N ASN B 313 14.65 -47.74 -16.12
CA ASN B 313 14.08 -49.04 -15.76
C ASN B 313 12.57 -49.04 -15.98
N VAL B 314 12.07 -50.13 -16.56
CA VAL B 314 10.63 -50.33 -16.74
C VAL B 314 10.14 -51.71 -16.25
N CYS B 315 11.04 -52.57 -15.82
CA CYS B 315 10.67 -53.88 -15.28
C CYS B 315 10.27 -53.77 -13.79
N PRO B 316 9.09 -54.32 -13.43
CA PRO B 316 8.65 -54.26 -12.05
C PRO B 316 9.61 -54.91 -11.06
N GLU B 317 10.01 -54.13 -10.06
CA GLU B 317 10.90 -54.60 -9.01
C GLU B 317 10.42 -54.00 -7.69
N VAL B 318 10.79 -54.65 -6.58
CA VAL B 318 10.45 -54.14 -5.25
C VAL B 318 11.52 -53.13 -4.84
N CYS B 319 11.21 -51.85 -5.06
CA CYS B 319 12.16 -50.77 -4.76
C CYS B 319 11.45 -49.48 -4.38
N TRP B 320 11.98 -48.78 -3.37
CA TRP B 320 11.54 -47.42 -3.01
C TRP B 320 12.74 -46.50 -3.10
N GLU B 321 12.91 -45.90 -4.27
CA GLU B 321 14.06 -45.02 -4.50
C GLU B 321 13.78 -44.10 -5.68
N GLY B 322 14.52 -43.00 -5.74
CA GLY B 322 14.33 -42.01 -6.79
C GLY B 322 14.40 -40.59 -6.25
N THR B 323 14.14 -39.63 -7.12
CA THR B 323 14.21 -38.23 -6.75
C THR B 323 13.15 -37.40 -7.50
N TYR B 324 12.56 -36.43 -6.82
CA TYR B 324 11.56 -35.52 -7.42
C TYR B 324 12.25 -34.52 -8.33
N ASN B 325 11.95 -34.60 -9.61
CA ASN B 325 12.55 -33.68 -10.60
C ASN B 325 11.52 -33.23 -11.65
N ASP B 326 10.63 -32.33 -11.23
CA ASP B 326 9.46 -32.00 -12.04
C ASP B 326 9.79 -31.25 -13.31
N ALA B 327 8.76 -31.02 -14.12
CA ALA B 327 8.88 -30.25 -15.36
C ALA B 327 7.60 -29.45 -15.61
N PHE B 328 7.72 -28.37 -16.39
CA PHE B 328 6.63 -27.42 -16.61
C PHE B 328 6.32 -27.32 -18.09
N LEU B 329 5.10 -27.65 -18.48
CA LEU B 329 4.62 -27.50 -19.87
C LEU B 329 4.70 -26.04 -20.29
N ILE B 330 5.40 -25.76 -21.39
CA ILE B 330 5.48 -24.40 -21.93
C ILE B 330 4.82 -24.22 -23.32
N ASP B 331 4.34 -25.31 -23.92
CA ASP B 331 3.69 -25.26 -25.24
C ASP B 331 2.86 -26.52 -25.50
N ARG B 332 1.54 -26.41 -25.41
CA ARG B 332 0.64 -27.60 -25.54
C ARG B 332 0.42 -28.07 -26.98
N LEU B 333 0.42 -27.14 -27.93
CA LEU B 333 0.22 -27.51 -29.34
C LEU B 333 1.27 -28.54 -29.78
N ASN B 334 2.52 -28.30 -29.42
CA ASN B 334 3.63 -29.22 -29.72
C ASN B 334 4.08 -30.04 -28.49
N TRP B 335 3.35 -29.89 -27.38
CA TRP B 335 3.67 -30.51 -26.07
C TRP B 335 5.14 -30.51 -25.70
N VAL B 336 5.70 -29.30 -25.58
CA VAL B 336 7.07 -29.10 -25.12
C VAL B 336 7.04 -28.70 -23.67
N SER B 337 7.93 -29.28 -22.88
CA SER B 337 8.07 -28.96 -21.45
C SER B 337 9.50 -28.52 -21.10
N ALA B 338 9.66 -28.00 -19.88
CA ALA B 338 10.95 -27.52 -19.40
C ALA B 338 11.14 -27.83 -17.91
N GLY B 339 12.30 -28.36 -17.59
CA GLY B 339 12.62 -28.80 -16.23
C GLY B 339 14.06 -29.23 -16.14
N VAL B 340 14.49 -29.53 -14.92
CA VAL B 340 15.86 -29.95 -14.65
C VAL B 340 15.93 -31.45 -14.34
N TYR B 341 16.78 -32.18 -15.03
CA TYR B 341 16.97 -33.61 -14.74
C TYR B 341 18.41 -33.92 -14.35
N LEU B 342 18.57 -34.91 -13.48
CA LEU B 342 19.89 -35.40 -13.09
C LEU B 342 20.37 -36.42 -14.09
N ASN B 343 21.43 -36.07 -14.81
CA ASN B 343 22.01 -36.91 -15.86
C ASN B 343 22.98 -37.93 -15.25
N SER B 344 22.39 -38.94 -14.60
CA SER B 344 23.16 -39.98 -13.94
C SER B 344 22.27 -41.19 -13.71
N ASN B 345 22.85 -42.39 -13.84
CA ASN B 345 22.08 -43.63 -13.78
C ASN B 345 21.71 -44.10 -12.38
N GLN B 346 22.69 -44.12 -11.47
CA GLN B 346 22.48 -44.64 -10.09
C GLN B 346 22.99 -43.72 -8.97
N THR B 347 23.35 -42.47 -9.29
CA THR B 347 23.72 -41.49 -8.25
C THR B 347 23.03 -40.16 -8.50
N ALA B 348 22.74 -39.42 -7.43
CA ALA B 348 22.08 -38.12 -7.55
C ALA B 348 23.11 -37.03 -7.89
N GLU B 349 23.35 -36.87 -9.19
CA GLU B 349 24.42 -36.02 -9.73
C GLU B 349 23.99 -35.30 -10.99
N ASN B 350 24.74 -34.25 -11.34
CA ASN B 350 24.80 -33.75 -12.71
C ASN B 350 23.50 -33.13 -13.23
N PRO B 351 23.08 -32.00 -12.63
CA PRO B 351 21.82 -31.36 -13.00
C PRO B 351 21.93 -30.68 -14.35
N VAL B 352 20.91 -30.87 -15.18
CA VAL B 352 20.86 -30.33 -16.53
C VAL B 352 19.49 -29.73 -16.77
N PHE B 353 19.44 -28.44 -17.10
CA PHE B 353 18.18 -27.81 -17.51
C PHE B 353 17.89 -28.18 -18.97
N ALA B 354 16.70 -28.70 -19.21
CA ALA B 354 16.35 -29.22 -20.53
C ALA B 354 14.98 -28.76 -21.00
N VAL B 355 14.84 -28.64 -22.33
CA VAL B 355 13.56 -28.38 -22.97
C VAL B 355 13.29 -29.53 -23.94
N PHE B 356 12.16 -30.21 -23.78
CA PHE B 356 11.95 -31.51 -24.42
C PHE B 356 10.53 -31.79 -24.89
N LYS B 357 10.43 -32.53 -25.99
CA LYS B 357 9.19 -33.18 -26.41
C LYS B 357 9.16 -34.59 -25.79
N ASP B 358 8.12 -35.36 -26.08
CA ASP B 358 7.98 -36.72 -25.53
C ASP B 358 9.15 -37.64 -25.88
N ASN B 359 9.66 -37.54 -27.09
CA ASN B 359 10.64 -38.49 -27.63
C ASN B 359 11.94 -37.83 -28.05
N GLU B 360 12.23 -36.67 -27.49
CA GLU B 360 13.31 -35.84 -27.99
C GLU B 360 13.63 -34.71 -27.02
N ILE B 361 14.91 -34.53 -26.70
CA ILE B 361 15.36 -33.33 -26.00
C ILE B 361 15.85 -32.37 -27.07
N LEU B 362 15.21 -31.21 -27.15
CA LEU B 362 15.47 -30.24 -28.22
C LEU B 362 16.79 -29.51 -27.97
N TYR B 363 16.89 -28.84 -26.83
CA TYR B 363 18.11 -28.16 -26.42
C TYR B 363 18.23 -28.22 -24.90
N GLN B 364 19.48 -28.18 -24.42
CA GLN B 364 19.74 -28.29 -22.98
C GLN B 364 21.08 -27.67 -22.58
N VAL B 365 21.28 -27.50 -21.28
CA VAL B 365 22.54 -26.96 -20.75
C VAL B 365 22.79 -27.44 -19.31
N PRO B 366 24.03 -27.87 -19.01
CA PRO B 366 24.35 -28.20 -17.62
C PRO B 366 24.32 -26.97 -16.73
N LEU B 367 23.83 -27.14 -15.51
CA LEU B 367 23.76 -26.06 -14.54
C LEU B 367 25.02 -26.02 -13.66
N ALA B 368 25.53 -27.20 -13.32
CA ALA B 368 26.77 -27.33 -12.55
C ALA B 368 27.79 -28.07 -13.41
N GLU B 369 28.69 -28.82 -12.78
CA GLU B 369 29.67 -29.64 -13.52
C GLU B 369 29.09 -31.02 -13.87
N ASP B 370 29.97 -31.99 -14.14
CA ASP B 370 29.55 -33.38 -14.40
C ASP B 370 29.44 -34.20 -13.11
N ASP B 371 30.37 -33.96 -12.17
CA ASP B 371 30.43 -34.68 -10.90
C ASP B 371 29.87 -33.87 -9.71
N THR B 372 28.85 -33.05 -9.98
CA THR B 372 28.21 -32.24 -8.95
C THR B 372 26.98 -32.94 -8.37
N ASN B 373 26.98 -33.13 -7.05
CA ASN B 373 25.86 -33.79 -6.36
C ASN B 373 24.61 -32.91 -6.34
N ALA B 374 23.45 -33.53 -6.50
CA ALA B 374 22.17 -32.80 -6.56
C ALA B 374 20.97 -33.71 -6.32
N GLN B 375 19.94 -33.19 -5.64
CA GLN B 375 18.69 -33.94 -5.39
C GLN B 375 17.49 -33.21 -6.03
N LYS B 376 16.57 -32.68 -5.22
CA LYS B 376 15.26 -32.21 -5.71
C LYS B 376 15.38 -31.01 -6.62
N THR B 377 14.51 -30.95 -7.64
CA THR B 377 14.45 -29.81 -8.54
C THR B 377 12.99 -29.45 -8.85
N ILE B 378 12.64 -28.18 -8.68
CA ILE B 378 11.29 -27.70 -8.85
C ILE B 378 11.30 -26.55 -9.83
N THR B 379 10.60 -26.72 -10.95
CA THR B 379 10.58 -25.71 -12.01
C THR B 379 9.19 -25.12 -12.21
N ASP B 380 9.13 -23.80 -12.32
CA ASP B 380 7.88 -23.11 -12.64
C ASP B 380 8.17 -22.05 -13.69
N CYS B 381 7.31 -21.99 -14.70
CA CYS B 381 7.49 -21.12 -15.85
C CYS B 381 6.31 -20.18 -16.06
N PHE B 382 6.59 -19.05 -16.69
CA PHE B 382 5.62 -17.95 -16.77
C PHE B 382 6.05 -16.91 -17.80
N LEU B 383 5.10 -16.08 -18.23
CA LEU B 383 5.38 -14.98 -19.16
C LEU B 383 5.81 -13.75 -18.40
N LEU B 384 6.85 -13.10 -18.90
CA LEU B 384 7.22 -11.76 -18.46
C LEU B 384 7.18 -10.86 -19.70
N GLU B 385 6.04 -10.17 -19.87
CA GLU B 385 5.65 -9.53 -21.14
C GLU B 385 5.51 -10.60 -22.25
N ASN B 386 6.29 -10.52 -23.32
CA ASN B 386 6.19 -11.49 -24.41
C ASN B 386 7.00 -12.76 -24.16
N VAL B 387 7.91 -12.74 -23.19
CA VAL B 387 8.96 -13.77 -23.12
C VAL B 387 8.69 -14.80 -22.04
N ILE B 388 8.80 -16.07 -22.40
CA ILE B 388 8.64 -17.15 -21.42
C ILE B 388 9.89 -17.23 -20.56
N TRP B 389 9.69 -17.20 -19.25
CA TRP B 389 10.76 -17.38 -18.28
C TRP B 389 10.48 -18.57 -17.38
N CYS B 390 11.54 -19.24 -16.93
CA CYS B 390 11.41 -20.35 -15.99
C CYS B 390 12.28 -20.11 -14.77
N ILE B 391 11.73 -20.37 -13.59
CA ILE B 391 12.53 -20.34 -12.36
C ILE B 391 12.67 -21.77 -11.85
N SER B 392 13.89 -22.17 -11.52
CA SER B 392 14.18 -23.54 -11.06
C SER B 392 15.00 -23.57 -9.77
N LEU B 393 14.37 -24.07 -8.71
CA LEU B 393 15.08 -24.33 -7.46
C LEU B 393 15.76 -25.70 -7.54
N VAL B 394 17.08 -25.73 -7.41
CA VAL B 394 17.84 -26.96 -7.51
C VAL B 394 18.66 -27.23 -6.26
N GLU B 395 18.35 -28.33 -5.58
CA GLU B 395 19.14 -28.82 -4.44
C GLU B 395 20.56 -29.22 -4.88
N ILE B 396 21.58 -28.59 -4.29
CA ILE B 396 22.98 -28.85 -4.62
C ILE B 396 23.75 -29.00 -3.31
N TYR B 397 24.23 -30.23 -3.06
CA TYR B 397 24.80 -30.65 -1.77
C TYR B 397 26.29 -30.92 -1.90
N ASP B 398 26.91 -31.44 -0.82
CA ASP B 398 28.26 -31.99 -0.87
C ASP B 398 29.33 -31.02 -1.38
N THR B 399 29.00 -29.73 -1.44
CA THR B 399 29.84 -28.74 -2.11
C THR B 399 31.08 -28.34 -1.30
N GLY B 400 31.01 -28.50 0.03
CA GLY B 400 32.09 -28.08 0.91
C GLY B 400 31.81 -26.75 1.58
N ASP B 401 30.70 -26.12 1.21
CA ASP B 401 30.24 -24.87 1.85
C ASP B 401 29.96 -25.09 3.34
N SER B 402 30.16 -24.06 4.14
CA SER B 402 29.78 -24.09 5.56
C SER B 402 28.28 -24.00 5.66
N VAL B 403 27.65 -23.41 4.65
CA VAL B 403 26.20 -23.37 4.56
C VAL B 403 25.75 -24.02 3.26
N ILE B 404 25.13 -25.20 3.37
CA ILE B 404 24.55 -25.89 2.21
C ILE B 404 23.13 -25.38 2.00
N ARG B 405 22.89 -24.73 0.87
CA ARG B 405 21.54 -24.30 0.50
C ARG B 405 21.31 -24.44 -1.01
N PRO B 406 20.03 -24.60 -1.42
CA PRO B 406 19.71 -24.72 -2.83
C PRO B 406 20.00 -23.46 -3.61
N LYS B 407 20.11 -23.63 -4.93
CA LYS B 407 20.38 -22.52 -5.82
C LYS B 407 19.19 -22.31 -6.74
N LEU B 408 18.79 -21.05 -6.91
CA LEU B 408 17.65 -20.70 -7.75
C LEU B 408 18.12 -20.09 -9.04
N PHE B 409 17.74 -20.71 -10.15
CA PHE B 409 18.10 -20.26 -11.49
C PHE B 409 16.92 -19.64 -12.21
N ALA B 410 17.21 -18.65 -13.05
CA ALA B 410 16.24 -18.04 -13.93
C ALA B 410 16.70 -18.27 -15.37
N VAL B 411 15.84 -18.85 -16.19
CA VAL B 411 16.18 -19.18 -17.58
C VAL B 411 15.17 -18.59 -18.56
N LYS B 412 15.69 -17.84 -19.55
CA LYS B 412 14.89 -17.30 -20.65
C LYS B 412 14.79 -18.37 -21.73
N ILE B 413 13.56 -18.70 -22.12
CA ILE B 413 13.34 -19.66 -23.21
C ILE B 413 13.44 -18.94 -24.55
N PRO B 414 14.24 -19.48 -25.48
CA PRO B 414 14.54 -18.75 -26.71
C PRO B 414 13.44 -18.81 -27.77
N ALA B 415 13.31 -17.73 -28.53
CA ALA B 415 12.35 -17.67 -29.64
C ALA B 415 12.98 -18.19 -30.93
N GLN B 416 14.18 -17.69 -31.24
CA GLN B 416 14.97 -18.15 -32.40
C GLN B 416 15.85 -19.32 -32.00
N CYS B 417 16.25 -20.13 -32.99
CA CYS B 417 17.07 -21.33 -32.75
C CYS B 417 18.55 -21.13 -33.06
N SER B 418 18.89 -19.99 -33.65
CA SER B 418 20.29 -19.63 -33.92
C SER B 418 20.85 -18.85 -32.73
N GLU B 419 22.16 -18.58 -32.79
CA GLU B 419 22.89 -17.87 -31.73
C GLU B 419 22.92 -18.69 -30.44
N GLN C 3 -36.39 7.66 -30.06
CA GLN C 3 -35.80 6.62 -30.95
C GLN C 3 -34.38 6.24 -30.51
N ILE C 4 -33.99 5.00 -30.80
CA ILE C 4 -32.62 4.54 -30.63
C ILE C 4 -32.13 3.80 -31.86
N CYS C 5 -30.84 3.48 -31.92
CA CYS C 5 -30.28 2.70 -33.02
C CYS C 5 -30.69 1.23 -32.90
N LEU C 6 -31.21 0.67 -34.00
CA LEU C 6 -31.72 -0.70 -34.00
C LEU C 6 -30.96 -1.64 -34.95
N GLN C 7 -29.90 -1.13 -35.58
CA GLN C 7 -29.09 -1.93 -36.52
C GLN C 7 -27.88 -2.55 -35.81
N LYS C 8 -27.52 -3.78 -36.23
CA LYS C 8 -26.30 -4.43 -35.75
C LYS C 8 -25.07 -3.79 -36.38
N THR C 9 -24.17 -3.30 -35.54
CA THR C 9 -23.04 -2.52 -36.01
C THR C 9 -21.78 -2.67 -35.14
N THR C 10 -20.63 -2.66 -35.80
CA THR C 10 -19.33 -2.65 -35.14
C THR C 10 -18.69 -1.26 -35.14
N SER C 11 -19.48 -0.24 -35.50
CA SER C 11 -19.06 1.16 -35.34
C SER C 11 -18.98 1.50 -33.85
N THR C 12 -18.12 2.45 -33.51
CA THR C 12 -17.93 2.86 -32.11
C THR C 12 -18.91 3.98 -31.75
N ILE C 13 -20.18 3.58 -31.63
CA ILE C 13 -21.27 4.52 -31.29
C ILE C 13 -21.58 4.55 -29.80
N LEU C 14 -21.02 3.59 -29.04
CA LEU C 14 -21.07 3.65 -27.58
C LEU C 14 -19.78 4.24 -27.05
N LYS C 15 -19.88 5.29 -26.23
CA LYS C 15 -18.73 5.97 -25.67
C LYS C 15 -18.89 6.08 -24.15
N PRO C 16 -18.55 5.01 -23.43
CA PRO C 16 -18.63 5.04 -21.97
C PRO C 16 -17.74 6.11 -21.35
N ARG C 17 -18.26 6.77 -20.33
CA ARG C 17 -17.53 7.78 -19.56
C ARG C 17 -17.69 7.48 -18.07
N LEU C 18 -16.67 7.83 -17.28
CA LEU C 18 -16.76 7.72 -15.82
C LEU C 18 -17.69 8.80 -15.28
N ILE C 19 -18.68 8.41 -14.51
CA ILE C 19 -19.67 9.34 -13.99
C ILE C 19 -19.15 10.01 -12.72
N SER C 20 -19.51 11.28 -12.56
CA SER C 20 -19.20 12.02 -11.34
C SER C 20 -20.22 11.67 -10.28
N TYR C 21 -19.75 11.10 -9.17
CA TYR C 21 -20.63 10.77 -8.04
C TYR C 21 -19.92 11.00 -6.71
N THR C 22 -20.62 11.61 -5.75
CA THR C 22 -20.03 11.97 -4.46
C THR C 22 -20.35 10.97 -3.34
N LEU C 23 -19.35 10.69 -2.51
CA LEU C 23 -19.50 9.88 -1.28
C LEU C 23 -18.62 10.43 -0.18
N PRO C 24 -18.88 10.03 1.08
CA PRO C 24 -17.94 10.32 2.15
C PRO C 24 -16.57 9.75 1.82
N ILE C 25 -15.52 10.55 1.86
CA ILE C 25 -14.21 10.02 1.54
C ILE C 25 -13.89 8.89 2.53
N ASN C 26 -13.22 7.85 2.04
CA ASN C 26 -12.72 6.77 2.89
C ASN C 26 -11.56 7.26 3.77
N THR C 27 -11.45 6.68 4.96
CA THR C 27 -10.47 7.15 5.95
C THR C 27 -9.07 6.59 5.77
N ARG C 28 -8.93 5.43 5.15
CA ARG C 28 -7.64 4.76 5.02
C ARG C 28 -7.54 3.95 3.74
N GLU C 29 -6.40 3.28 3.57
CA GLU C 29 -6.17 2.36 2.46
C GLU C 29 -5.99 0.94 2.99
N GLY C 30 -5.65 0.01 2.11
CA GLY C 30 -5.65 -1.42 2.42
C GLY C 30 -7.07 -1.86 2.71
N VAL C 31 -7.96 -1.47 1.80
CA VAL C 31 -9.40 -1.54 2.03
C VAL C 31 -10.09 -2.06 0.78
N CYS C 32 -11.12 -2.88 0.96
CA CYS C 32 -11.95 -3.35 -0.16
C CYS C 32 -13.39 -2.87 0.01
N ILE C 33 -13.96 -2.30 -1.04
CA ILE C 33 -15.34 -1.83 -1.05
C ILE C 33 -16.20 -2.84 -1.78
N THR C 34 -17.14 -3.47 -1.07
CA THR C 34 -17.91 -4.59 -1.61
C THR C 34 -19.39 -4.63 -1.20
N ASP C 35 -20.08 -5.69 -1.62
CA ASP C 35 -21.51 -5.89 -1.43
C ASP C 35 -22.31 -4.67 -1.87
N PRO C 36 -22.05 -4.20 -3.11
CA PRO C 36 -22.66 -2.98 -3.57
C PRO C 36 -24.12 -3.10 -3.92
N LEU C 37 -24.79 -1.96 -3.92
CA LEU C 37 -26.19 -1.85 -4.28
C LEU C 37 -26.32 -0.54 -5.04
N LEU C 38 -27.15 -0.52 -6.08
CA LEU C 38 -27.44 0.72 -6.78
C LEU C 38 -28.86 0.74 -7.30
N ALA C 39 -29.59 1.77 -6.88
CA ALA C 39 -30.95 2.00 -7.31
C ALA C 39 -31.06 3.39 -7.92
N VAL C 40 -31.72 3.50 -9.06
CA VAL C 40 -32.04 4.79 -9.67
C VAL C 40 -33.52 4.85 -10.07
N ASP C 41 -34.20 5.87 -9.57
CA ASP C 41 -35.66 5.99 -9.72
C ASP C 41 -36.11 7.44 -9.53
N ASN C 42 -36.90 7.94 -10.47
CA ASN C 42 -37.54 9.26 -10.38
C ASN C 42 -36.58 10.42 -10.09
N GLY C 43 -35.41 10.40 -10.72
CA GLY C 43 -34.42 11.46 -10.52
C GLY C 43 -33.64 11.39 -9.22
N PHE C 44 -33.80 10.29 -8.47
CA PHE C 44 -33.00 10.06 -7.27
C PHE C 44 -32.29 8.73 -7.35
N PHE C 45 -31.31 8.54 -6.46
CA PHE C 45 -30.60 7.27 -6.40
C PHE C 45 -30.37 6.79 -4.97
N ALA C 46 -30.27 5.47 -4.86
CA ALA C 46 -29.90 4.82 -3.61
C ALA C 46 -28.61 4.01 -3.83
N TYR C 47 -27.70 4.08 -2.86
CA TYR C 47 -26.40 3.37 -2.95
C TYR C 47 -26.02 2.77 -1.61
N SER C 48 -25.38 1.61 -1.64
CA SER C 48 -24.82 1.01 -0.41
C SER C 48 -23.55 0.20 -0.65
N HIS C 49 -22.68 0.17 0.36
CA HIS C 49 -21.53 -0.73 0.36
C HIS C 49 -21.08 -1.11 1.76
N LEU C 50 -20.27 -2.17 1.82
CA LEU C 50 -19.57 -2.58 3.04
C LEU C 50 -18.07 -2.41 2.81
N GLU C 51 -17.44 -1.62 3.66
CA GLU C 51 -15.99 -1.44 3.62
C GLU C 51 -15.31 -2.46 4.53
N LYS C 52 -14.39 -3.23 3.95
CA LYS C 52 -13.64 -4.23 4.70
C LYS C 52 -12.17 -3.86 4.71
N ILE C 53 -11.49 -4.16 5.80
CA ILE C 53 -10.04 -4.01 5.86
C ILE C 53 -9.40 -5.33 5.44
N GLY C 54 -8.59 -5.30 4.38
CA GLY C 54 -7.90 -6.48 3.87
C GLY C 54 -8.59 -7.12 2.67
N SER C 55 -9.04 -8.37 2.80
CA SER C 55 -9.70 -9.11 1.71
C SER C 55 -11.19 -8.75 1.56
N CYS C 56 -11.71 -8.79 0.35
CA CYS C 56 -13.14 -8.49 0.10
C CYS C 56 -14.06 -9.53 0.69
N THR C 57 -13.62 -10.79 0.60
CA THR C 57 -14.39 -11.93 1.08
C THR C 57 -14.03 -12.35 2.51
N ARG C 58 -12.82 -12.01 2.97
CA ARG C 58 -12.36 -12.42 4.30
C ARG C 58 -11.85 -11.28 5.20
N GLY C 59 -12.02 -10.04 4.76
CA GLY C 59 -11.49 -8.90 5.52
C GLY C 59 -12.33 -8.59 6.73
N ILE C 60 -11.76 -7.80 7.64
CA ILE C 60 -12.48 -7.31 8.81
C ILE C 60 -13.52 -6.30 8.33
N ALA C 61 -14.79 -6.48 8.69
CA ALA C 61 -15.80 -5.48 8.38
C ALA C 61 -15.53 -4.23 9.19
N LYS C 62 -15.51 -3.07 8.52
CA LYS C 62 -15.18 -1.79 9.17
C LYS C 62 -16.34 -0.82 9.16
N GLN C 63 -16.91 -0.57 7.98
CA GLN C 63 -18.04 0.35 7.87
C GLN C 63 -19.05 -0.06 6.82
N ARG C 64 -20.32 0.04 7.21
CA ARG C 64 -21.46 -0.11 6.33
C ARG C 64 -22.11 1.26 6.14
N ILE C 65 -22.36 1.63 4.89
CA ILE C 65 -23.13 2.83 4.59
C ILE C 65 -24.34 2.53 3.72
N ILE C 66 -25.47 3.14 4.06
CA ILE C 66 -26.63 3.20 3.16
C ILE C 66 -26.89 4.67 2.86
N GLY C 67 -26.87 5.02 1.58
CA GLY C 67 -26.91 6.40 1.15
C GLY C 67 -27.91 6.66 0.04
N VAL C 68 -28.43 7.88 0.00
CA VAL C 68 -29.36 8.30 -1.04
C VAL C 68 -29.03 9.72 -1.52
N GLY C 69 -29.51 10.05 -2.71
CA GLY C 69 -29.27 11.37 -3.28
C GLY C 69 -29.89 11.59 -4.64
N GLU C 70 -29.57 12.73 -5.25
CA GLU C 70 -30.17 13.15 -6.51
C GLU C 70 -29.30 12.77 -7.69
N VAL C 71 -29.93 12.36 -8.79
CA VAL C 71 -29.24 12.22 -10.06
C VAL C 71 -29.58 13.46 -10.86
N LEU C 72 -28.58 14.32 -11.09
CA LEU C 72 -28.79 15.64 -11.69
C LEU C 72 -28.08 15.83 -13.02
N ASP C 73 -28.58 16.80 -13.79
CA ASP C 73 -27.88 17.31 -14.97
C ASP C 73 -26.84 18.34 -14.50
N ARG C 74 -25.57 18.04 -14.73
CA ARG C 74 -24.46 18.87 -14.24
C ARG C 74 -24.35 20.25 -14.91
N GLY C 75 -24.87 20.37 -16.13
CA GLY C 75 -24.78 21.60 -16.90
C GLY C 75 -24.73 21.39 -18.41
N ASP C 76 -24.01 20.35 -18.83
CA ASP C 76 -23.82 20.04 -20.26
C ASP C 76 -24.58 18.76 -20.70
N LYS C 77 -25.81 18.62 -20.22
CA LYS C 77 -26.68 17.48 -20.55
C LYS C 77 -26.06 16.10 -20.27
N VAL C 78 -25.29 16.01 -19.19
CA VAL C 78 -24.65 14.77 -18.78
C VAL C 78 -24.97 14.49 -17.30
N PRO C 79 -25.38 13.24 -16.97
CA PRO C 79 -25.84 12.99 -15.60
C PRO C 79 -24.72 12.96 -14.57
N SER C 80 -25.01 13.52 -13.41
CA SER C 80 -24.12 13.45 -12.25
C SER C 80 -24.90 12.91 -11.06
N MET C 81 -24.19 12.58 -9.99
CA MET C 81 -24.81 12.04 -8.77
C MET C 81 -24.30 12.79 -7.54
N PHE C 82 -25.23 13.20 -6.70
CA PHE C 82 -24.91 13.92 -5.46
C PHE C 82 -25.59 13.25 -4.28
N MET C 83 -24.79 12.63 -3.41
CA MET C 83 -25.25 12.04 -2.16
C MET C 83 -25.82 13.17 -1.28
N THR C 84 -26.89 12.87 -0.56
CA THR C 84 -27.59 13.87 0.26
C THR C 84 -27.88 13.42 1.70
N ASN C 85 -27.95 12.10 1.90
CA ASN C 85 -28.31 11.51 3.18
C ASN C 85 -27.56 10.18 3.36
N VAL C 86 -26.84 10.04 4.45
CA VAL C 86 -26.04 8.84 4.72
C VAL C 86 -26.38 8.25 6.07
N TRP C 87 -26.61 6.94 6.10
CA TRP C 87 -26.85 6.21 7.35
C TRP C 87 -25.75 5.18 7.57
N THR C 88 -25.44 4.94 8.84
CA THR C 88 -24.37 4.02 9.24
C THR C 88 -24.79 3.27 10.50
N PRO C 89 -24.77 1.93 10.47
CA PRO C 89 -25.05 1.14 11.67
C PRO C 89 -23.91 1.19 12.70
N PRO C 90 -24.21 0.87 13.97
CA PRO C 90 -23.17 0.80 14.99
C PRO C 90 -22.20 -0.36 14.76
N ASN C 91 -22.75 -1.52 14.39
CA ASN C 91 -21.97 -2.71 14.05
C ASN C 91 -22.07 -3.00 12.54
N PRO C 92 -20.94 -2.91 11.82
CA PRO C 92 -20.97 -3.09 10.37
C PRO C 92 -21.23 -4.53 9.92
N SER C 93 -20.88 -5.49 10.75
CA SER C 93 -20.94 -6.89 10.36
C SER C 93 -22.33 -7.53 10.42
N THR C 94 -23.31 -6.85 11.02
CA THR C 94 -24.65 -7.44 11.23
C THR C 94 -25.67 -7.22 10.11
N ILE C 95 -25.42 -6.24 9.24
CA ILE C 95 -26.35 -5.89 8.15
C ILE C 95 -26.04 -6.68 6.86
N HIS C 96 -27.05 -7.36 6.31
CA HIS C 96 -26.86 -8.18 5.11
C HIS C 96 -27.99 -8.08 4.08
N HIS C 97 -27.62 -8.23 2.81
CA HIS C 97 -28.57 -8.41 1.70
C HIS C 97 -29.58 -7.28 1.50
N CYS C 98 -29.12 -6.05 1.78
CA CYS C 98 -29.94 -4.85 1.60
C CYS C 98 -30.56 -4.76 0.21
N SER C 99 -31.79 -4.26 0.16
CA SER C 99 -32.52 -3.99 -1.08
C SER C 99 -33.26 -2.66 -0.93
N SER C 100 -33.28 -1.84 -1.99
CA SER C 100 -33.87 -0.49 -1.91
C SER C 100 -35.04 -0.22 -2.88
N THR C 101 -36.04 0.51 -2.40
CA THR C 101 -37.19 0.93 -3.22
C THR C 101 -37.64 2.36 -2.88
N TYR C 102 -37.80 3.21 -3.88
CA TYR C 102 -38.21 4.61 -3.67
C TYR C 102 -39.73 4.79 -3.61
N HIS C 103 -40.19 5.42 -2.53
CA HIS C 103 -41.55 5.92 -2.47
C HIS C 103 -41.47 7.35 -1.96
N GLU C 104 -42.46 8.13 -2.34
CA GLU C 104 -42.29 9.58 -2.45
C GLU C 104 -41.69 10.19 -1.20
N ASP C 105 -40.62 10.97 -1.43
CA ASP C 105 -39.83 11.61 -0.37
C ASP C 105 -38.76 10.70 0.26
N PHE C 106 -38.89 9.39 0.11
CA PHE C 106 -38.03 8.46 0.82
C PHE C 106 -37.48 7.33 -0.05
N TYR C 107 -36.34 6.79 0.36
CA TYR C 107 -35.88 5.51 -0.14
C TYR C 107 -35.91 4.56 1.03
N TYR C 108 -36.82 3.60 0.99
CA TYR C 108 -36.91 2.56 2.03
C TYR C 108 -36.00 1.44 1.58
N THR C 109 -34.96 1.14 2.37
CA THR C 109 -34.18 -0.04 2.06
C THR C 109 -34.44 -1.12 3.13
N LEU C 110 -34.42 -2.38 2.65
CA LEU C 110 -34.77 -3.56 3.44
C LEU C 110 -33.52 -4.42 3.58
N CYS C 111 -33.05 -4.63 4.81
CA CYS C 111 -31.88 -5.48 5.04
C CYS C 111 -32.18 -6.59 6.03
N ALA C 112 -31.30 -7.59 6.06
CA ALA C 112 -31.32 -8.67 7.03
C ALA C 112 -30.32 -8.38 8.13
N VAL C 113 -30.65 -8.77 9.35
CA VAL C 113 -29.72 -8.72 10.46
C VAL C 113 -29.24 -10.13 10.78
N SER C 114 -27.93 -10.31 10.94
CA SER C 114 -27.39 -11.61 11.35
C SER C 114 -26.11 -11.52 12.18
N HIS C 115 -26.10 -12.26 13.29
CA HIS C 115 -24.90 -12.44 14.12
C HIS C 115 -24.20 -13.76 13.78
N VAL C 116 -24.59 -14.36 12.66
CA VAL C 116 -23.98 -15.62 12.20
C VAL C 116 -23.42 -15.49 10.77
N GLY C 117 -23.26 -14.27 10.30
CA GLY C 117 -22.78 -14.02 8.94
C GLY C 117 -23.89 -14.15 7.92
N ASP C 118 -23.51 -14.32 6.66
CA ASP C 118 -24.47 -14.42 5.55
C ASP C 118 -25.50 -15.55 5.78
N PRO C 119 -26.79 -15.19 5.90
CA PRO C 119 -27.84 -16.21 6.07
C PRO C 119 -27.88 -17.28 5.00
N ILE C 120 -27.42 -16.95 3.79
CA ILE C 120 -27.34 -17.95 2.72
C ILE C 120 -26.34 -19.07 3.07
N LEU C 121 -25.20 -18.71 3.63
CA LEU C 121 -24.14 -19.68 3.96
C LEU C 121 -24.31 -20.31 5.33
N ASN C 122 -25.26 -19.83 6.13
CA ASN C 122 -25.50 -20.36 7.48
C ASN C 122 -27.01 -20.35 7.79
N SER C 123 -27.77 -21.02 6.93
CA SER C 123 -29.23 -20.92 6.94
C SER C 123 -29.89 -21.44 8.22
N THR C 124 -29.54 -22.65 8.63
CA THR C 124 -30.16 -23.24 9.82
C THR C 124 -29.89 -22.40 11.07
N SER C 125 -28.70 -21.80 11.16
CA SER C 125 -28.30 -21.00 12.32
C SER C 125 -28.97 -19.62 12.36
N TRP C 126 -29.19 -19.03 11.19
CA TRP C 126 -29.73 -17.67 11.11
C TRP C 126 -31.15 -17.59 11.61
N THR C 127 -31.33 -17.02 12.80
CA THR C 127 -32.66 -16.69 13.28
C THR C 127 -33.17 -15.45 12.56
N GLU C 128 -34.30 -15.60 11.85
CA GLU C 128 -34.80 -14.60 10.90
C GLU C 128 -35.06 -13.23 11.52
N SER C 129 -34.27 -12.25 11.11
CA SER C 129 -34.47 -10.86 11.53
C SER C 129 -34.32 -9.90 10.34
N LEU C 130 -35.36 -9.12 10.12
CA LEU C 130 -35.39 -8.13 9.04
C LEU C 130 -35.63 -6.75 9.62
N SER C 131 -35.11 -5.73 8.95
CA SER C 131 -35.35 -4.35 9.36
C SER C 131 -35.29 -3.42 8.16
N LEU C 132 -35.80 -2.22 8.36
CA LEU C 132 -36.04 -1.28 7.29
C LEU C 132 -35.38 0.04 7.66
N ILE C 133 -34.51 0.56 6.79
CA ILE C 133 -33.97 1.90 6.96
C ILE C 133 -34.63 2.79 5.92
N ARG C 134 -35.43 3.73 6.40
CA ARG C 134 -36.09 4.73 5.55
C ARG C 134 -35.30 6.04 5.56
N LEU C 135 -34.73 6.41 4.41
CA LEU C 135 -33.97 7.64 4.29
C LEU C 135 -34.68 8.63 3.35
N ALA C 136 -34.71 9.90 3.74
CA ALA C 136 -35.29 10.94 2.90
C ALA C 136 -34.30 11.40 1.84
N VAL C 137 -34.75 11.48 0.58
CA VAL C 137 -33.88 11.88 -0.54
C VAL C 137 -33.58 13.39 -0.54
N ARG C 138 -34.37 14.17 0.19
CA ARG C 138 -34.09 15.59 0.40
C ARG C 138 -34.32 15.96 1.86
N PRO C 139 -33.28 15.82 2.69
CA PRO C 139 -33.39 16.11 4.11
C PRO C 139 -33.82 17.53 4.44
N LYS C 140 -34.64 17.66 5.47
CA LYS C 140 -35.14 18.94 5.98
C LYS C 140 -34.63 19.10 7.39
N SER C 141 -34.09 20.27 7.71
CA SER C 141 -33.58 20.54 9.05
C SER C 141 -34.72 20.70 10.06
N ASP C 142 -34.44 20.35 11.30
CA ASP C 142 -35.38 20.50 12.43
C ASP C 142 -36.72 19.79 12.18
N SER C 143 -36.64 18.59 11.61
CA SER C 143 -37.78 17.68 11.54
C SER C 143 -37.56 16.63 12.63
N GLY C 144 -38.21 15.46 12.53
CA GLY C 144 -38.04 14.39 13.52
C GLY C 144 -37.51 13.12 12.90
N ASP C 145 -38.40 12.14 12.72
CA ASP C 145 -38.10 10.88 12.02
C ASP C 145 -37.87 11.06 10.52
N TYR C 146 -38.30 12.19 9.97
CA TYR C 146 -38.32 12.40 8.53
C TYR C 146 -37.02 12.01 7.84
N ASN C 147 -35.90 12.52 8.33
CA ASN C 147 -34.59 12.32 7.67
C ASN C 147 -34.14 10.85 7.68
N GLN C 148 -34.07 10.26 8.86
CA GLN C 148 -33.70 8.86 9.01
C GLN C 148 -34.58 8.19 10.04
N LYS C 149 -35.11 7.03 9.71
CA LYS C 149 -35.92 6.23 10.63
C LYS C 149 -35.58 4.74 10.50
N TYR C 150 -35.30 4.10 11.63
CA TYR C 150 -34.95 2.67 11.65
C TYR C 150 -36.09 1.85 12.26
N ILE C 151 -36.58 0.88 11.50
CA ILE C 151 -37.72 0.05 11.92
C ILE C 151 -37.36 -1.42 11.95
N ALA C 152 -37.52 -2.06 13.11
CA ALA C 152 -37.40 -3.50 13.26
C ALA C 152 -38.72 -4.17 12.87
N ILE C 153 -38.66 -5.06 11.88
CA ILE C 153 -39.84 -5.77 11.39
C ILE C 153 -40.17 -6.93 12.32
N THR C 154 -41.37 -6.91 12.90
CA THR C 154 -41.85 -7.99 13.75
C THR C 154 -42.80 -8.90 12.96
N LYS C 155 -43.76 -8.29 12.27
CA LYS C 155 -44.82 -9.02 11.59
C LYS C 155 -44.39 -9.43 10.18
N VAL C 156 -44.12 -10.72 10.01
CA VAL C 156 -43.74 -11.25 8.70
C VAL C 156 -44.65 -12.42 8.31
N GLU C 157 -45.24 -12.29 7.12
CA GLU C 157 -46.18 -13.28 6.60
C GLU C 157 -45.51 -14.02 5.45
N ARG C 158 -45.14 -15.28 5.67
CA ARG C 158 -44.25 -15.98 4.75
C ARG C 158 -44.80 -17.24 4.08
N GLY C 159 -46.11 -17.46 4.16
CA GLY C 159 -46.74 -18.61 3.51
C GLY C 159 -46.27 -19.92 4.10
N LYS C 160 -45.68 -20.77 3.25
CA LYS C 160 -45.16 -22.09 3.68
C LYS C 160 -43.63 -22.13 3.82
N TYR C 161 -43.01 -20.96 3.69
CA TYR C 161 -41.57 -20.83 3.83
C TYR C 161 -41.19 -20.64 5.28
N ASP C 162 -40.09 -21.28 5.69
CA ASP C 162 -39.56 -21.18 7.06
C ASP C 162 -39.02 -19.78 7.31
N LYS C 163 -38.20 -19.31 6.39
CA LYS C 163 -37.57 -18.01 6.50
C LYS C 163 -37.68 -17.28 5.17
N VAL C 164 -37.75 -15.96 5.23
CA VAL C 164 -37.71 -15.13 4.02
C VAL C 164 -36.74 -13.98 4.23
N MET C 165 -36.28 -13.42 3.11
CA MET C 165 -35.18 -12.45 3.14
C MET C 165 -35.16 -11.63 1.86
N PRO C 166 -34.77 -10.34 1.95
CA PRO C 166 -34.53 -9.58 0.72
C PRO C 166 -33.30 -10.14 0.00
N TYR C 167 -33.34 -10.17 -1.32
CA TYR C 167 -32.29 -10.79 -2.11
C TYR C 167 -32.22 -10.09 -3.47
N GLY C 168 -31.62 -8.90 -3.48
CA GLY C 168 -31.51 -8.10 -4.69
C GLY C 168 -31.30 -6.63 -4.37
N PRO C 169 -30.90 -5.84 -5.38
CA PRO C 169 -30.54 -4.44 -5.16
C PRO C 169 -31.71 -3.47 -5.10
N SER C 170 -32.77 -3.74 -5.86
CA SER C 170 -33.86 -2.77 -5.96
C SER C 170 -35.19 -3.32 -6.44
N GLY C 171 -36.26 -2.69 -5.97
CA GLY C 171 -37.62 -3.11 -6.26
C GLY C 171 -38.46 -1.97 -6.79
N ILE C 172 -39.77 -2.16 -6.85
CA ILE C 172 -40.67 -1.16 -7.42
C ILE C 172 -41.84 -0.77 -6.51
N LYS C 173 -42.49 0.33 -6.85
CA LYS C 173 -43.72 0.78 -6.20
C LYS C 173 -44.93 0.63 -7.14
N GLN C 174 -46.05 0.18 -6.59
CA GLN C 174 -47.34 0.22 -7.28
C GLN C 174 -48.33 0.86 -6.35
N GLY C 175 -48.69 2.11 -6.65
CA GLY C 175 -49.47 2.93 -5.74
C GLY C 175 -48.72 3.21 -4.45
N ASP C 176 -49.17 2.60 -3.36
CA ASP C 176 -48.46 2.72 -2.08
C ASP C 176 -47.97 1.38 -1.56
N THR C 177 -47.88 0.41 -2.46
CA THR C 177 -47.41 -0.91 -2.14
C THR C 177 -45.99 -1.07 -2.66
N LEU C 178 -45.06 -1.39 -1.77
CA LEU C 178 -43.67 -1.59 -2.15
C LEU C 178 -43.35 -3.07 -2.34
N TYR C 179 -42.62 -3.40 -3.41
CA TYR C 179 -42.21 -4.79 -3.70
C TYR C 179 -40.69 -4.92 -3.83
N PHE C 180 -40.05 -5.54 -2.85
CA PHE C 180 -38.60 -5.81 -2.88
C PHE C 180 -38.33 -7.20 -3.47
N PRO C 181 -37.25 -7.35 -4.25
CA PRO C 181 -36.89 -8.72 -4.63
C PRO C 181 -36.44 -9.49 -3.39
N ALA C 182 -36.76 -10.77 -3.33
CA ALA C 182 -36.55 -11.54 -2.11
C ALA C 182 -36.41 -13.02 -2.42
N VAL C 183 -36.21 -13.81 -1.36
CA VAL C 183 -36.06 -15.25 -1.46
C VAL C 183 -36.69 -15.91 -0.25
N GLY C 184 -37.29 -17.08 -0.47
CA GLY C 184 -37.80 -17.91 0.63
C GLY C 184 -36.92 -19.11 0.87
N PHE C 185 -36.73 -19.46 2.13
CA PHE C 185 -36.03 -20.69 2.50
C PHE C 185 -37.07 -21.75 2.80
N LEU C 186 -37.06 -22.84 2.04
CA LEU C 186 -38.02 -23.94 2.23
C LEU C 186 -37.25 -25.24 2.50
N PRO C 187 -37.67 -26.01 3.53
CA PRO C 187 -37.02 -27.31 3.76
C PRO C 187 -37.13 -28.26 2.56
N ARG C 188 -36.04 -28.95 2.25
CA ARG C 188 -36.00 -29.89 1.12
C ARG C 188 -37.14 -30.90 1.15
N THR C 189 -37.44 -31.37 2.36
CA THR C 189 -38.47 -32.40 2.57
C THR C 189 -39.88 -31.91 2.24
N GLU C 190 -40.10 -30.61 2.45
CA GLU C 190 -41.39 -29.96 2.15
C GLU C 190 -41.47 -29.46 0.70
N PHE C 191 -40.36 -29.52 -0.01
CA PHE C 191 -40.28 -29.02 -1.39
C PHE C 191 -41.01 -29.94 -2.39
N GLN C 192 -42.13 -29.46 -2.90
CA GLN C 192 -42.95 -30.20 -3.86
C GLN C 192 -42.40 -30.04 -5.28
N TYR C 193 -41.90 -31.13 -5.87
CA TYR C 193 -41.31 -31.08 -7.23
C TYR C 193 -41.24 -32.46 -7.87
N ASN C 194 -41.65 -32.56 -9.13
CA ASN C 194 -41.56 -33.81 -9.91
C ASN C 194 -40.27 -33.89 -10.73
N ASP C 195 -39.46 -34.92 -10.50
CA ASP C 195 -38.18 -35.10 -11.22
C ASP C 195 -38.32 -35.29 -12.73
N SER C 196 -39.51 -35.65 -13.18
CA SER C 196 -39.80 -35.81 -14.61
C SER C 196 -39.75 -34.47 -15.38
N ASN C 197 -39.98 -33.36 -14.70
CA ASN C 197 -39.92 -32.03 -15.32
C ASN C 197 -38.50 -31.45 -15.49
N CYS C 198 -37.49 -32.23 -15.11
CA CYS C 198 -36.09 -31.82 -15.25
C CYS C 198 -35.62 -32.15 -16.67
N PRO C 199 -35.32 -31.11 -17.49
CA PRO C 199 -35.02 -31.31 -18.91
C PRO C 199 -33.62 -31.89 -19.16
N ILE C 200 -33.53 -33.21 -19.11
CA ILE C 200 -32.27 -33.95 -19.26
C ILE C 200 -32.25 -34.77 -20.56
N ILE C 201 -33.21 -34.52 -21.43
CA ILE C 201 -33.54 -35.46 -22.51
C ILE C 201 -32.55 -35.39 -23.67
N HIS C 202 -31.88 -34.26 -23.81
CA HIS C 202 -30.83 -34.09 -24.82
C HIS C 202 -29.47 -33.92 -24.13
N CYS C 203 -29.35 -34.51 -22.94
CA CYS C 203 -28.15 -34.37 -22.13
C CYS C 203 -27.68 -35.75 -21.64
N LYS C 204 -26.68 -36.28 -22.33
CA LYS C 204 -26.21 -37.65 -22.09
C LYS C 204 -25.84 -37.92 -20.63
N TYR C 205 -25.21 -36.94 -19.99
CA TYR C 205 -24.63 -37.12 -18.64
C TYR C 205 -25.36 -36.30 -17.56
N SER C 206 -26.67 -36.18 -17.71
CA SER C 206 -27.50 -35.49 -16.72
C SER C 206 -28.49 -36.48 -16.14
N LYS C 207 -28.74 -36.37 -14.84
CA LYS C 207 -29.72 -37.21 -14.14
C LYS C 207 -30.96 -36.41 -13.77
N ALA C 208 -32.09 -37.11 -13.66
CA ALA C 208 -33.40 -36.49 -13.37
C ALA C 208 -33.39 -35.74 -12.04
N GLU C 209 -32.63 -36.25 -11.09
CA GLU C 209 -32.54 -35.66 -9.74
C GLU C 209 -31.88 -34.26 -9.70
N ASN C 210 -31.09 -33.94 -10.71
CA ASN C 210 -30.22 -32.77 -10.66
C ASN C 210 -30.90 -31.42 -10.48
N CYS C 211 -32.03 -31.19 -11.15
CA CYS C 211 -32.75 -29.91 -11.00
C CYS C 211 -33.11 -29.66 -9.53
N ARG C 212 -33.71 -30.68 -8.92
CA ARG C 212 -34.12 -30.60 -7.53
C ARG C 212 -32.94 -30.39 -6.61
N LEU C 213 -31.93 -31.24 -6.77
CA LEU C 213 -30.72 -31.15 -5.96
C LEU C 213 -30.06 -29.77 -6.05
N SER C 214 -30.06 -29.18 -7.24
CA SER C 214 -29.44 -27.87 -7.46
C SER C 214 -30.31 -26.69 -7.08
N MET C 215 -31.45 -26.95 -6.42
CA MET C 215 -32.30 -25.88 -5.90
C MET C 215 -31.81 -25.40 -4.54
N GLY C 216 -30.79 -26.08 -4.01
CA GLY C 216 -30.12 -25.64 -2.79
C GLY C 216 -28.70 -25.23 -3.11
N VAL C 217 -28.05 -24.57 -2.16
CA VAL C 217 -26.68 -24.10 -2.33
C VAL C 217 -25.70 -25.27 -2.47
N ASN C 218 -26.03 -26.40 -1.84
CA ASN C 218 -25.39 -27.69 -2.18
C ASN C 218 -26.40 -28.84 -2.12
N SER C 219 -26.00 -29.99 -2.66
CA SER C 219 -26.92 -31.12 -2.86
C SER C 219 -27.57 -31.70 -1.61
N LYS C 220 -26.97 -31.49 -0.43
CA LYS C 220 -27.51 -32.08 0.81
C LYS C 220 -28.08 -31.03 1.75
N SER C 221 -28.14 -29.79 1.27
CA SER C 221 -28.50 -28.63 2.09
C SER C 221 -29.87 -28.82 2.73
N HIS C 222 -30.06 -28.25 3.92
CA HIS C 222 -31.32 -28.38 4.64
C HIS C 222 -32.46 -27.73 3.85
N TYR C 223 -32.30 -26.45 3.51
CA TYR C 223 -33.30 -25.69 2.77
C TYR C 223 -33.03 -25.65 1.28
N ILE C 224 -34.09 -25.47 0.50
CA ILE C 224 -33.99 -25.00 -0.89
C ILE C 224 -34.32 -23.50 -0.93
N LEU C 225 -33.78 -22.79 -1.91
CA LEU C 225 -34.03 -21.37 -2.06
C LEU C 225 -34.94 -21.10 -3.25
N ARG C 226 -35.92 -20.23 -3.06
CA ARG C 226 -36.88 -19.84 -4.11
C ARG C 226 -37.01 -18.32 -4.17
N SER C 227 -36.78 -17.76 -5.34
CA SER C 227 -36.86 -16.30 -5.51
C SER C 227 -38.30 -15.82 -5.40
N GLY C 228 -38.45 -14.52 -5.16
CA GLY C 228 -39.78 -13.94 -5.02
C GLY C 228 -39.75 -12.46 -4.71
N LEU C 229 -40.90 -11.94 -4.27
CA LEU C 229 -41.03 -10.57 -3.79
C LEU C 229 -41.45 -10.52 -2.32
N LEU C 230 -40.97 -9.50 -1.62
CA LEU C 230 -41.51 -9.14 -0.31
C LEU C 230 -42.36 -7.89 -0.47
N LYS C 231 -43.63 -7.99 -0.08
CA LYS C 231 -44.63 -6.95 -0.27
C LYS C 231 -44.77 -6.12 1.00
N TYR C 232 -44.85 -4.80 0.84
CA TYR C 232 -44.99 -3.87 1.98
C TYR C 232 -45.96 -2.74 1.65
N ASN C 233 -47.19 -2.87 2.15
CA ASN C 233 -48.30 -1.97 1.82
C ASN C 233 -48.34 -0.80 2.80
N LEU C 234 -48.02 0.40 2.30
CA LEU C 234 -47.95 1.59 3.15
C LEU C 234 -49.32 2.14 3.56
N SER C 235 -50.38 1.76 2.84
CA SER C 235 -51.74 2.29 3.12
C SER C 235 -52.20 1.97 4.53
N LEU C 236 -51.73 0.86 5.10
CA LEU C 236 -52.00 0.55 6.50
C LEU C 236 -50.96 1.08 7.47
N GLY C 237 -51.41 1.93 8.39
CA GLY C 237 -50.70 2.11 9.66
C GLY C 237 -51.31 1.14 10.66
N GLY C 238 -50.67 0.88 11.79
CA GLY C 238 -49.30 1.34 12.10
C GLY C 238 -48.32 0.18 12.19
N ASP C 239 -48.84 -1.05 12.22
CA ASP C 239 -48.02 -2.25 12.22
C ASP C 239 -47.27 -2.36 10.90
N ILE C 240 -46.05 -2.88 10.94
CA ILE C 240 -45.26 -3.04 9.71
C ILE C 240 -45.23 -4.52 9.28
N ILE C 241 -46.19 -4.90 8.44
CA ILE C 241 -46.31 -6.29 7.96
C ILE C 241 -45.75 -6.47 6.55
N LEU C 242 -44.79 -7.39 6.41
CA LEU C 242 -44.29 -7.82 5.11
C LEU C 242 -44.90 -9.16 4.69
N GLN C 243 -45.27 -9.28 3.43
CA GLN C 243 -45.80 -10.53 2.88
C GLN C 243 -44.89 -11.03 1.76
N PHE C 244 -44.49 -12.29 1.84
CA PHE C 244 -43.68 -12.93 0.81
C PHE C 244 -44.56 -13.50 -0.30
N ILE C 245 -44.10 -13.34 -1.54
CA ILE C 245 -44.78 -13.86 -2.72
C ILE C 245 -43.78 -14.70 -3.51
N GLU C 246 -44.05 -16.00 -3.66
CA GLU C 246 -43.14 -16.86 -4.40
C GLU C 246 -43.27 -16.65 -5.92
N ILE C 247 -42.14 -16.71 -6.61
CA ILE C 247 -42.11 -16.67 -8.06
C ILE C 247 -42.76 -17.94 -8.62
N ALA C 248 -43.35 -17.83 -9.81
CA ALA C 248 -43.93 -18.97 -10.49
C ALA C 248 -42.83 -19.97 -10.87
N ASP C 249 -43.22 -21.22 -11.07
CA ASP C 249 -42.29 -22.33 -11.36
C ASP C 249 -41.97 -22.50 -12.86
N ASN C 250 -42.33 -21.51 -13.67
CA ASN C 250 -41.94 -21.55 -15.07
C ASN C 250 -40.45 -21.23 -15.19
N ARG C 251 -39.71 -22.20 -15.73
CA ARG C 251 -38.26 -22.08 -15.91
C ARG C 251 -37.58 -21.84 -14.56
N LEU C 252 -38.02 -22.60 -13.55
CA LEU C 252 -37.56 -22.43 -12.18
C LEU C 252 -36.07 -22.74 -12.03
N THR C 253 -35.45 -22.03 -11.09
CA THR C 253 -34.01 -22.07 -10.86
C THR C 253 -33.73 -21.62 -9.43
N ILE C 254 -32.63 -22.07 -8.84
CA ILE C 254 -32.33 -21.70 -7.46
C ILE C 254 -32.55 -20.21 -7.21
N GLY C 255 -33.23 -19.92 -6.11
CA GLY C 255 -33.40 -18.55 -5.65
C GLY C 255 -32.07 -17.84 -5.71
N SER C 256 -32.05 -16.66 -6.31
CA SER C 256 -30.80 -15.96 -6.60
C SER C 256 -31.07 -14.48 -6.63
N PRO C 257 -30.03 -13.65 -6.45
CA PRO C 257 -30.32 -12.22 -6.35
C PRO C 257 -31.08 -11.75 -7.58
N SER C 258 -32.08 -10.91 -7.37
CA SER C 258 -32.98 -10.49 -8.42
C SER C 258 -33.28 -9.01 -8.33
N LYS C 259 -33.92 -8.49 -9.35
CA LYS C 259 -34.22 -7.08 -9.46
C LYS C 259 -35.54 -6.89 -10.20
N ILE C 260 -36.45 -6.12 -9.61
CA ILE C 260 -37.69 -5.74 -10.28
C ILE C 260 -37.73 -4.21 -10.47
N TYR C 261 -38.14 -3.78 -11.65
CA TYR C 261 -38.07 -2.38 -12.05
C TYR C 261 -39.11 -2.02 -13.10
N ASN C 262 -39.60 -0.79 -13.06
CA ASN C 262 -40.51 -0.30 -14.09
C ASN C 262 -39.72 0.30 -15.25
N SER C 263 -40.12 -0.01 -16.47
CA SER C 263 -39.54 0.61 -17.67
C SER C 263 -40.57 0.76 -18.79
N LEU C 264 -40.70 1.98 -19.30
CA LEU C 264 -41.70 2.33 -20.30
C LEU C 264 -43.11 1.96 -19.89
N GLY C 265 -43.41 2.16 -18.60
CA GLY C 265 -44.76 1.98 -18.09
C GLY C 265 -45.07 0.64 -17.46
N GLN C 266 -44.26 -0.37 -17.70
CA GLN C 266 -44.56 -1.72 -17.22
C GLN C 266 -43.40 -2.35 -16.44
N PRO C 267 -43.71 -3.28 -15.52
CA PRO C 267 -42.65 -3.93 -14.72
C PRO C 267 -41.85 -5.00 -15.49
N VAL C 268 -40.58 -5.14 -15.12
CA VAL C 268 -39.63 -6.08 -15.74
C VAL C 268 -38.78 -6.74 -14.64
N PHE C 269 -38.44 -8.02 -14.86
CA PHE C 269 -37.72 -8.78 -13.85
C PHE C 269 -36.39 -9.30 -14.40
N TYR C 270 -35.36 -9.25 -13.56
CA TYR C 270 -34.10 -9.95 -13.81
C TYR C 270 -33.78 -10.82 -12.62
N GLN C 271 -33.42 -12.07 -12.90
CA GLN C 271 -32.96 -13.01 -11.88
C GLN C 271 -31.63 -13.52 -12.35
N ALA C 272 -30.68 -13.61 -11.42
CA ALA C 272 -29.36 -14.09 -11.75
C ALA C 272 -29.42 -15.58 -12.04
N SER C 273 -28.49 -16.06 -12.86
CA SER C 273 -28.43 -17.48 -13.17
C SER C 273 -27.34 -18.17 -12.37
N TYR C 274 -27.68 -18.57 -11.14
CA TYR C 274 -26.71 -19.16 -10.18
C TYR C 274 -26.63 -20.69 -10.26
N SER C 275 -27.06 -21.25 -11.37
CA SER C 275 -27.13 -22.70 -11.50
C SER C 275 -26.78 -23.13 -12.93
N TRP C 276 -27.42 -24.19 -13.41
CA TRP C 276 -27.12 -24.80 -14.71
C TRP C 276 -27.81 -24.11 -15.87
N ASP C 277 -28.91 -23.41 -15.60
CA ASP C 277 -29.67 -22.70 -16.64
C ASP C 277 -29.00 -21.34 -16.85
N THR C 278 -27.88 -21.35 -17.57
CA THR C 278 -26.94 -20.21 -17.58
C THR C 278 -27.30 -19.04 -18.49
N MET C 279 -28.23 -19.24 -19.40
CA MET C 279 -28.69 -18.15 -20.24
C MET C 279 -29.46 -17.10 -19.40
N ILE C 280 -29.35 -15.85 -19.81
CA ILE C 280 -29.95 -14.72 -19.07
C ILE C 280 -31.44 -14.89 -18.82
N LYS C 281 -31.82 -14.66 -17.57
CA LYS C 281 -33.23 -14.72 -17.16
C LYS C 281 -33.74 -13.30 -16.96
N LEU C 282 -34.66 -12.90 -17.83
CA LEU C 282 -35.09 -11.52 -17.92
C LEU C 282 -36.39 -11.46 -18.69
N GLY C 283 -37.31 -10.60 -18.26
CA GLY C 283 -38.56 -10.49 -18.99
C GLY C 283 -39.63 -9.65 -18.33
N ASP C 284 -40.66 -9.32 -19.09
CA ASP C 284 -41.78 -8.54 -18.59
C ASP C 284 -42.54 -9.34 -17.55
N VAL C 285 -43.02 -8.64 -16.52
CA VAL C 285 -43.82 -9.26 -15.46
C VAL C 285 -45.25 -9.52 -15.95
N ASP C 286 -45.65 -10.79 -15.92
CA ASP C 286 -46.98 -11.17 -16.38
C ASP C 286 -48.01 -10.73 -15.32
N THR C 287 -47.86 -11.25 -14.11
CA THR C 287 -48.62 -10.81 -12.95
C THR C 287 -47.61 -10.56 -11.83
N VAL C 288 -47.88 -9.60 -10.95
CA VAL C 288 -46.97 -9.30 -9.85
C VAL C 288 -47.27 -10.14 -8.60
N ASP C 289 -48.55 -10.21 -8.21
CA ASP C 289 -49.00 -11.07 -7.09
C ASP C 289 -50.15 -11.93 -7.58
N PRO C 290 -49.91 -13.22 -7.87
CA PRO C 290 -48.63 -13.94 -7.75
C PRO C 290 -47.63 -13.53 -8.83
N LEU C 291 -46.34 -13.65 -8.51
CA LEU C 291 -45.29 -13.23 -9.44
C LEU C 291 -45.07 -14.26 -10.55
N ARG C 292 -45.16 -13.79 -11.80
CA ARG C 292 -44.93 -14.62 -12.97
C ARG C 292 -44.28 -13.79 -14.07
N VAL C 293 -43.12 -14.25 -14.54
CA VAL C 293 -42.35 -13.53 -15.56
C VAL C 293 -42.46 -14.22 -16.93
N GLN C 294 -42.57 -13.40 -17.99
CA GLN C 294 -42.48 -13.90 -19.36
C GLN C 294 -41.04 -13.81 -19.79
N TRP C 295 -40.27 -14.80 -19.36
CA TRP C 295 -38.87 -14.85 -19.66
C TRP C 295 -38.67 -14.75 -21.18
N ARG C 296 -37.71 -13.93 -21.59
CA ARG C 296 -37.30 -13.89 -22.98
C ARG C 296 -36.60 -15.21 -23.32
N ASN C 297 -36.82 -15.68 -24.55
CA ASN C 297 -36.03 -16.76 -25.13
C ASN C 297 -34.74 -16.15 -25.67
N ASN C 298 -33.90 -15.63 -24.76
CA ASN C 298 -32.65 -14.95 -25.13
C ASN C 298 -31.54 -15.98 -25.27
N SER C 299 -30.76 -15.83 -26.33
CA SER C 299 -29.80 -16.87 -26.76
C SER C 299 -28.38 -16.36 -27.00
N VAL C 300 -28.09 -15.13 -26.58
CA VAL C 300 -26.76 -14.53 -26.81
C VAL C 300 -26.07 -14.02 -25.55
N ILE C 301 -26.79 -13.96 -24.43
CA ILE C 301 -26.21 -13.46 -23.17
C ILE C 301 -26.31 -14.50 -22.04
N SER C 302 -25.14 -14.89 -21.54
CA SER C 302 -25.03 -15.88 -20.47
C SER C 302 -24.21 -15.23 -19.35
N ARG C 303 -23.43 -16.03 -18.64
CA ARG C 303 -22.55 -15.52 -17.59
C ARG C 303 -21.43 -16.52 -17.29
N PRO C 304 -20.28 -16.04 -16.83
CA PRO C 304 -19.20 -16.99 -16.58
C PRO C 304 -19.56 -17.91 -15.44
N GLY C 305 -19.17 -19.17 -15.56
CA GLY C 305 -19.42 -20.12 -14.49
C GLY C 305 -18.12 -20.69 -13.97
N GLN C 306 -18.19 -21.93 -13.54
CA GLN C 306 -17.03 -22.70 -13.18
C GLN C 306 -17.10 -24.05 -13.91
N SER C 307 -16.18 -24.95 -13.57
CA SER C 307 -16.04 -26.22 -14.29
C SER C 307 -17.39 -26.90 -14.62
N GLN C 308 -18.26 -27.01 -13.63
CA GLN C 308 -19.48 -27.82 -13.75
C GLN C 308 -20.58 -27.16 -14.59
N CYS C 309 -20.74 -25.85 -14.44
CA CYS C 309 -21.77 -25.07 -15.17
C CYS C 309 -21.19 -23.79 -15.79
N PRO C 310 -20.48 -23.91 -16.92
CA PRO C 310 -19.89 -22.75 -17.56
C PRO C 310 -20.92 -21.91 -18.31
N ARG C 311 -20.44 -20.89 -19.01
CA ARG C 311 -21.28 -20.10 -19.91
C ARG C 311 -22.00 -20.98 -20.93
N PHE C 312 -23.18 -20.52 -21.34
CA PHE C 312 -23.94 -21.19 -22.40
C PHE C 312 -24.39 -22.61 -22.04
N ASN C 313 -24.27 -23.01 -20.77
CA ASN C 313 -24.71 -24.34 -20.36
C ASN C 313 -26.23 -24.37 -20.18
N VAL C 314 -26.85 -25.43 -20.67
CA VAL C 314 -28.29 -25.64 -20.51
C VAL C 314 -28.63 -27.05 -19.97
N CYS C 315 -27.64 -27.91 -19.84
CA CYS C 315 -27.87 -29.25 -19.30
C CYS C 315 -27.90 -29.20 -17.76
N PRO C 316 -28.95 -29.80 -17.15
CA PRO C 316 -29.05 -29.82 -15.70
C PRO C 316 -27.88 -30.51 -15.00
N GLU C 317 -27.26 -29.78 -14.08
CA GLU C 317 -26.13 -30.27 -13.30
C GLU C 317 -26.26 -29.74 -11.88
N VAL C 318 -25.63 -30.42 -10.92
CA VAL C 318 -25.62 -29.98 -9.52
C VAL C 318 -24.51 -28.95 -9.29
N CYS C 319 -24.87 -27.68 -9.38
CA CYS C 319 -23.89 -26.60 -9.30
C CYS C 319 -24.52 -25.33 -8.70
N TRP C 320 -23.76 -24.68 -7.82
CA TRP C 320 -24.12 -23.35 -7.31
C TRP C 320 -22.97 -22.41 -7.64
N GLU C 321 -23.08 -21.74 -8.78
CA GLU C 321 -22.05 -20.83 -9.23
C GLU C 321 -22.60 -19.86 -10.25
N GLY C 322 -21.90 -18.75 -10.44
CA GLY C 322 -22.36 -17.71 -11.38
C GLY C 322 -22.18 -16.32 -10.79
N THR C 323 -22.68 -15.32 -11.51
CA THR C 323 -22.53 -13.94 -11.10
C THR C 323 -23.73 -13.10 -11.53
N TYR C 324 -24.14 -12.17 -10.67
CA TYR C 324 -25.25 -11.26 -10.96
C TYR C 324 -24.82 -10.19 -11.96
N ASN C 325 -25.44 -10.19 -13.14
CA ASN C 325 -25.11 -9.26 -14.20
C ASN C 325 -26.36 -8.82 -14.93
N ASP C 326 -27.12 -7.93 -14.30
CA ASP C 326 -28.45 -7.58 -14.80
C ASP C 326 -28.47 -6.75 -16.09
N ALA C 327 -29.67 -6.53 -16.61
CA ALA C 327 -29.85 -5.70 -17.79
C ALA C 327 -31.19 -4.92 -17.71
N PHE C 328 -31.24 -3.79 -18.43
CA PHE C 328 -32.36 -2.84 -18.34
C PHE C 328 -33.03 -2.64 -19.70
N LEU C 329 -34.29 -3.01 -19.79
CA LEU C 329 -35.09 -2.82 -21.01
C LEU C 329 -35.15 -1.34 -21.36
N ILE C 330 -34.72 -1.00 -22.57
CA ILE C 330 -34.79 0.39 -23.04
C ILE C 330 -35.74 0.60 -24.24
N ASP C 331 -36.35 -0.47 -24.75
CA ASP C 331 -37.30 -0.37 -25.87
C ASP C 331 -38.15 -1.64 -25.99
N ARG C 332 -39.42 -1.57 -25.58
CA ARG C 332 -40.30 -2.76 -25.54
C ARG C 332 -40.85 -3.17 -26.91
N LEU C 333 -41.09 -2.21 -27.79
CA LEU C 333 -41.63 -2.52 -29.13
C LEU C 333 -40.72 -3.51 -29.87
N ASN C 334 -39.42 -3.27 -29.79
CA ASN C 334 -38.40 -4.13 -30.40
C ASN C 334 -37.65 -4.98 -29.35
N TRP C 335 -38.11 -4.91 -28.10
CA TRP C 335 -37.47 -5.58 -26.95
C TRP C 335 -35.95 -5.56 -26.97
N VAL C 336 -35.40 -4.36 -26.91
CA VAL C 336 -33.96 -4.14 -26.77
C VAL C 336 -33.64 -3.79 -25.31
N SER C 337 -32.56 -4.39 -24.79
CA SER C 337 -32.11 -4.14 -23.43
C SER C 337 -30.66 -3.68 -23.41
N ALA C 338 -30.23 -3.22 -22.24
CA ALA C 338 -28.86 -2.71 -22.05
C ALA C 338 -28.32 -3.11 -20.67
N GLY C 339 -27.09 -3.61 -20.68
CA GLY C 339 -26.44 -4.10 -19.46
C GLY C 339 -25.01 -4.50 -19.73
N VAL C 340 -24.29 -4.86 -18.67
CA VAL C 340 -22.89 -5.25 -18.76
C VAL C 340 -22.75 -6.75 -18.53
N TYR C 341 -22.08 -7.44 -19.46
CA TYR C 341 -21.82 -8.88 -19.28
C TYR C 341 -20.32 -9.18 -19.24
N LEU C 342 -19.95 -10.22 -18.51
CA LEU C 342 -18.57 -10.70 -18.49
C LEU C 342 -18.33 -11.67 -19.64
N ASN C 343 -17.49 -11.26 -20.57
CA ASN C 343 -17.17 -12.03 -21.76
C ASN C 343 -16.07 -13.06 -21.46
N SER C 344 -16.47 -14.11 -20.75
CA SER C 344 -15.56 -15.18 -20.34
C SER C 344 -16.35 -16.43 -19.94
N ASN C 345 -15.80 -17.60 -20.27
CA ASN C 345 -16.51 -18.87 -20.09
C ASN C 345 -16.52 -19.42 -18.67
N GLN C 346 -15.36 -19.44 -18.03
CA GLN C 346 -15.22 -20.01 -16.68
C GLN C 346 -14.51 -19.13 -15.64
N THR C 347 -14.22 -17.87 -15.98
CA THR C 347 -13.62 -16.92 -15.03
C THR C 347 -14.37 -15.59 -15.03
N ALA C 348 -14.39 -14.91 -13.89
CA ALA C 348 -15.08 -13.61 -13.78
C ALA C 348 -14.16 -12.50 -14.31
N GLU C 349 -14.25 -12.27 -15.61
CA GLU C 349 -13.34 -11.38 -16.35
C GLU C 349 -14.07 -10.60 -17.43
N ASN C 350 -13.44 -9.52 -17.90
CA ASN C 350 -13.72 -8.95 -19.23
C ASN C 350 -15.12 -8.33 -19.38
N PRO C 351 -15.39 -7.24 -18.64
CA PRO C 351 -16.70 -6.62 -18.67
C PRO C 351 -16.96 -5.85 -19.95
N VAL C 352 -18.12 -6.06 -20.54
CA VAL C 352 -18.50 -5.44 -21.80
C VAL C 352 -19.88 -4.87 -21.66
N PHE C 353 -20.03 -3.56 -21.93
CA PHE C 353 -21.37 -2.94 -21.99
C PHE C 353 -22.02 -3.22 -23.34
N ALA C 354 -23.22 -3.79 -23.31
CA ALA C 354 -23.85 -4.28 -24.55
C ALA C 354 -25.29 -3.82 -24.65
N VAL C 355 -25.76 -3.64 -25.89
CA VAL C 355 -27.17 -3.38 -26.20
C VAL C 355 -27.65 -4.51 -27.13
N PHE C 356 -28.70 -5.22 -26.72
CA PHE C 356 -29.05 -6.49 -27.37
C PHE C 356 -30.53 -6.83 -27.49
N LYS C 357 -30.87 -7.50 -28.58
CA LYS C 357 -32.17 -8.13 -28.75
C LYS C 357 -32.03 -9.55 -28.24
N ASP C 358 -33.12 -10.32 -28.27
CA ASP C 358 -33.11 -11.72 -27.76
C ASP C 358 -32.04 -12.60 -28.41
N ASN C 359 -31.85 -12.43 -29.71
CA ASN C 359 -31.02 -13.33 -30.50
C ASN C 359 -29.84 -12.63 -31.19
N GLU C 360 -29.44 -11.49 -30.64
CA GLU C 360 -28.52 -10.62 -31.35
C GLU C 360 -28.01 -9.53 -30.43
N ILE C 361 -26.69 -9.33 -30.42
CA ILE C 361 -26.09 -8.15 -29.81
C ILE C 361 -25.89 -7.13 -30.91
N LEU C 362 -26.56 -5.98 -30.79
CA LEU C 362 -26.57 -4.95 -31.83
C LEU C 362 -25.21 -4.23 -31.88
N TYR C 363 -24.85 -3.59 -30.78
CA TYR C 363 -23.57 -2.90 -30.63
C TYR C 363 -23.07 -3.03 -29.19
N GLN C 364 -21.75 -2.98 -29.01
CA GLN C 364 -21.16 -3.14 -27.68
C GLN C 364 -19.78 -2.49 -27.60
N VAL C 365 -19.26 -2.40 -26.38
CA VAL C 365 -17.93 -1.86 -26.14
C VAL C 365 -17.34 -2.40 -24.83
N PRO C 366 -16.04 -2.79 -24.84
CA PRO C 366 -15.40 -3.20 -23.60
C PRO C 366 -15.23 -2.02 -22.66
N LEU C 367 -15.42 -2.25 -21.36
CA LEU C 367 -15.24 -1.22 -20.35
C LEU C 367 -13.81 -1.19 -19.82
N ALA C 368 -13.24 -2.37 -19.65
CA ALA C 368 -11.85 -2.53 -19.21
C ALA C 368 -11.04 -3.20 -20.33
N GLU C 369 -10.02 -3.97 -19.98
CA GLU C 369 -9.23 -4.73 -20.97
C GLU C 369 -9.86 -6.10 -21.25
N ASP C 370 -9.06 -7.04 -21.76
CA ASP C 370 -9.51 -8.42 -21.98
C ASP C 370 -9.29 -9.30 -20.75
N ASP C 371 -8.17 -9.08 -20.06
CA ASP C 371 -7.81 -9.86 -18.86
C ASP C 371 -8.09 -9.12 -17.53
N THR C 372 -9.14 -8.30 -17.50
CA THR C 372 -9.53 -7.54 -16.31
C THR C 372 -10.58 -8.28 -15.49
N ASN C 373 -10.27 -8.56 -14.22
CA ASN C 373 -11.18 -9.27 -13.32
C ASN C 373 -12.38 -8.40 -12.97
N ALA C 374 -13.55 -9.05 -12.84
CA ALA C 374 -14.80 -8.34 -12.55
C ALA C 374 -15.90 -9.30 -12.09
N GLN C 375 -16.73 -8.85 -11.13
CA GLN C 375 -17.89 -9.62 -10.64
C GLN C 375 -19.21 -8.90 -10.96
N LYS C 376 -19.90 -8.42 -9.92
CA LYS C 376 -21.29 -7.96 -10.06
C LYS C 376 -21.42 -6.71 -10.92
N THR C 377 -22.51 -6.63 -11.69
CA THR C 377 -22.80 -5.45 -12.50
C THR C 377 -24.29 -5.11 -12.42
N ILE C 378 -24.58 -3.85 -12.11
CA ILE C 378 -25.95 -3.37 -11.94
C ILE C 378 -26.16 -2.17 -12.86
N THR C 379 -27.13 -2.30 -13.78
CA THR C 379 -27.42 -1.25 -14.74
C THR C 379 -28.82 -0.70 -14.54
N ASP C 380 -28.93 0.63 -14.56
CA ASP C 380 -30.22 1.30 -14.55
C ASP C 380 -30.22 2.41 -15.57
N CYS C 381 -31.31 2.47 -16.35
CA CYS C 381 -31.43 3.42 -17.47
C CYS C 381 -32.64 4.33 -17.36
N PHE C 382 -32.51 5.52 -17.95
CA PHE C 382 -33.48 6.60 -17.76
C PHE C 382 -33.33 7.69 -18.81
N LEU C 383 -34.35 8.53 -18.94
CA LEU C 383 -34.32 9.69 -19.86
C LEU C 383 -33.84 10.96 -19.17
N LEU C 384 -33.16 11.84 -19.91
CA LEU C 384 -32.73 13.15 -19.38
C LEU C 384 -33.27 14.34 -20.18
N GLU C 385 -32.77 14.56 -21.39
CA GLU C 385 -33.36 15.59 -22.27
C GLU C 385 -34.04 14.89 -23.43
N ASN C 386 -34.70 13.78 -23.12
CA ASN C 386 -35.18 12.86 -24.14
C ASN C 386 -34.05 12.07 -24.79
N VAL C 387 -32.86 12.09 -24.19
CA VAL C 387 -31.81 11.14 -24.53
C VAL C 387 -31.80 10.05 -23.46
N ILE C 388 -31.75 8.79 -23.89
CA ILE C 388 -31.66 7.67 -22.96
C ILE C 388 -30.24 7.59 -22.40
N TRP C 389 -30.14 7.53 -21.09
CA TRP C 389 -28.86 7.33 -20.42
C TRP C 389 -28.92 6.08 -19.55
N CYS C 390 -27.78 5.44 -19.41
CA CYS C 390 -27.66 4.29 -18.50
C CYS C 390 -26.51 4.51 -17.54
N ILE C 391 -26.74 4.18 -16.26
CA ILE C 391 -25.66 4.16 -15.26
C ILE C 391 -25.39 2.70 -14.91
N SER C 392 -24.11 2.33 -14.89
CA SER C 392 -23.72 0.96 -14.58
C SER C 392 -22.64 0.90 -13.52
N LEU C 393 -22.96 0.29 -12.39
CA LEU C 393 -21.98 0.00 -11.34
C LEU C 393 -21.34 -1.35 -11.66
N VAL C 394 -20.03 -1.35 -11.84
CA VAL C 394 -19.29 -2.56 -12.16
C VAL C 394 -18.19 -2.88 -11.15
N GLU C 395 -18.31 -4.02 -10.49
CA GLU C 395 -17.26 -4.52 -9.60
C GLU C 395 -15.99 -4.82 -10.41
N ILE C 396 -14.87 -4.25 -10.01
CA ILE C 396 -13.58 -4.45 -10.69
C ILE C 396 -12.39 -4.53 -9.73
N TYR C 397 -11.47 -5.45 -10.00
CA TYR C 397 -10.33 -5.70 -9.13
C TYR C 397 -9.03 -5.59 -9.93
N ASP C 398 -8.63 -4.34 -10.16
CA ASP C 398 -7.37 -4.00 -10.85
C ASP C 398 -6.18 -4.48 -10.05
N THR C 399 -5.18 -5.04 -10.73
CA THR C 399 -3.95 -5.49 -10.07
C THR C 399 -3.06 -4.28 -9.73
N GLY C 400 -2.74 -4.14 -8.45
CA GLY C 400 -2.01 -2.99 -7.95
C GLY C 400 -2.98 -1.86 -7.60
N ASP C 401 -3.94 -2.16 -6.73
CA ASP C 401 -4.90 -1.17 -6.21
C ASP C 401 -4.92 -1.21 -4.69
N SER C 402 -4.63 -0.07 -4.06
CA SER C 402 -4.56 0.05 -2.60
C SER C 402 -5.95 -0.04 -2.00
N VAL C 403 -6.86 0.66 -2.66
CA VAL C 403 -8.28 0.64 -2.33
C VAL C 403 -9.04 0.04 -3.52
N ILE C 404 -9.59 -1.15 -3.32
CA ILE C 404 -10.44 -1.79 -4.33
C ILE C 404 -11.88 -1.33 -4.17
N ARG C 405 -12.38 -0.59 -5.16
CA ARG C 405 -13.80 -0.20 -5.17
C ARG C 405 -14.39 -0.30 -6.58
N PRO C 406 -15.72 -0.45 -6.68
CA PRO C 406 -16.37 -0.52 -7.97
C PRO C 406 -16.28 0.78 -8.75
N LYS C 407 -16.50 0.68 -10.05
CA LYS C 407 -16.45 1.84 -10.92
C LYS C 407 -17.84 2.07 -11.51
N LEU C 408 -18.26 3.34 -11.52
CA LEU C 408 -19.58 3.72 -12.03
C LEU C 408 -19.46 4.41 -13.38
N PHE C 409 -20.08 3.82 -14.40
CA PHE C 409 -20.06 4.34 -15.76
C PHE C 409 -21.39 4.97 -16.14
N ALA C 410 -21.32 5.99 -16.99
CA ALA C 410 -22.49 6.63 -17.58
C ALA C 410 -22.40 6.48 -19.10
N VAL C 411 -23.43 5.90 -19.71
CA VAL C 411 -23.41 5.64 -21.16
C VAL C 411 -24.62 6.23 -21.84
N LYS C 412 -24.38 7.04 -22.86
CA LYS C 412 -25.42 7.60 -23.71
C LYS C 412 -25.79 6.59 -24.78
N ILE C 413 -27.07 6.27 -24.89
CA ILE C 413 -27.53 5.34 -25.93
C ILE C 413 -27.76 6.13 -27.22
N PRO C 414 -27.19 5.65 -28.34
CA PRO C 414 -27.21 6.45 -29.56
C PRO C 414 -28.53 6.40 -30.34
N ALA C 415 -28.86 7.50 -30.99
CA ALA C 415 -30.06 7.60 -31.84
C ALA C 415 -29.74 7.15 -33.27
N GLN C 416 -28.67 7.71 -33.83
CA GLN C 416 -28.18 7.31 -35.16
C GLN C 416 -27.21 6.13 -35.04
N CYS C 417 -27.06 5.39 -36.13
CA CYS C 417 -26.19 4.19 -36.16
C CYS C 417 -24.82 4.45 -36.79
N SER C 418 -24.64 5.61 -37.42
CA SER C 418 -23.36 6.01 -37.98
C SER C 418 -22.57 6.81 -36.93
N GLU C 419 -21.36 7.24 -37.29
CA GLU C 419 -20.54 8.12 -36.45
C GLU C 419 -20.08 7.40 -35.18
N GLN D 3 9.21 9.00 27.47
CA GLN D 3 10.27 8.99 28.54
C GLN D 3 11.26 7.85 28.32
N ILE D 4 12.50 8.06 28.77
CA ILE D 4 13.53 7.01 28.81
C ILE D 4 14.22 7.01 30.17
N CYS D 5 15.04 6.00 30.43
CA CYS D 5 15.82 5.92 31.66
C CYS D 5 16.98 6.90 31.64
N LEU D 6 17.10 7.70 32.70
CA LEU D 6 18.10 8.77 32.78
C LEU D 6 19.12 8.56 33.89
N GLN D 7 19.03 7.44 34.61
CA GLN D 7 19.95 7.12 35.71
C GLN D 7 21.13 6.27 35.23
N LYS D 8 22.31 6.51 35.81
CA LYS D 8 23.48 5.67 35.56
C LYS D 8 23.30 4.34 36.27
N THR D 9 23.17 3.28 35.49
CA THR D 9 22.83 1.97 36.03
C THR D 9 23.67 0.85 35.43
N THR D 10 23.99 -0.12 36.27
CA THR D 10 24.75 -1.28 35.87
C THR D 10 23.84 -2.48 35.61
N SER D 11 22.55 -2.33 35.89
CA SER D 11 21.57 -3.38 35.59
C SER D 11 21.52 -3.65 34.09
N THR D 12 21.13 -4.86 33.73
CA THR D 12 21.04 -5.30 32.32
C THR D 12 19.68 -4.93 31.72
N ILE D 13 19.50 -3.62 31.49
CA ILE D 13 18.26 -3.08 30.93
C ILE D 13 18.32 -2.92 29.41
N LEU D 14 19.51 -3.06 28.83
CA LEU D 14 19.66 -3.16 27.38
C LEU D 14 19.74 -4.62 26.96
N LYS D 15 18.87 -5.03 26.03
CA LYS D 15 18.84 -6.41 25.56
C LYS D 15 18.89 -6.44 24.03
N PRO D 16 20.10 -6.32 23.46
CA PRO D 16 20.24 -6.36 22.01
C PRO D 16 19.74 -7.67 21.41
N ARG D 17 19.08 -7.57 20.27
CA ARG D 17 18.61 -8.71 19.51
C ARG D 17 19.02 -8.56 18.05
N LEU D 18 19.25 -9.67 17.36
CA LEU D 18 19.53 -9.66 15.92
C LEU D 18 18.24 -9.34 15.17
N ILE D 19 18.29 -8.32 14.31
CA ILE D 19 17.11 -7.88 13.58
C ILE D 19 16.91 -8.71 12.32
N SER D 20 15.64 -8.97 12.01
CA SER D 20 15.28 -9.67 10.77
C SER D 20 15.32 -8.68 9.62
N TYR D 21 16.19 -8.94 8.64
CA TYR D 21 16.28 -8.10 7.44
C TYR D 21 16.55 -8.93 6.20
N THR D 22 15.85 -8.63 5.11
CA THR D 22 15.97 -9.41 3.88
C THR D 22 16.88 -8.76 2.83
N LEU D 23 17.67 -9.60 2.15
CA LEU D 23 18.51 -9.19 1.00
C LEU D 23 18.57 -10.31 -0.02
N PRO D 24 18.98 -10.00 -1.26
CA PRO D 24 19.28 -11.05 -2.23
C PRO D 24 20.33 -12.02 -1.69
N ILE D 25 20.06 -13.32 -1.67
CA ILE D 25 21.05 -14.27 -1.15
C ILE D 25 22.34 -14.19 -1.99
N ASN D 26 23.48 -14.34 -1.32
CA ASN D 26 24.79 -14.40 -1.97
C ASN D 26 24.96 -15.64 -2.87
N THR D 27 25.73 -15.49 -3.95
CA THR D 27 25.95 -16.58 -4.89
C THR D 27 27.07 -17.53 -4.49
N ARG D 28 27.94 -17.11 -3.59
CA ARG D 28 29.08 -17.94 -3.19
C ARG D 28 29.64 -17.61 -1.81
N GLU D 29 30.68 -18.33 -1.43
CA GLU D 29 31.41 -18.09 -0.19
C GLU D 29 32.83 -17.67 -0.56
N GLY D 30 33.70 -17.53 0.43
CA GLY D 30 35.02 -16.94 0.23
C GLY D 30 34.85 -15.50 -0.20
N VAL D 31 34.00 -14.80 0.54
CA VAL D 31 33.49 -13.50 0.14
C VAL D 31 33.48 -12.56 1.35
N CYS D 32 33.81 -11.29 1.11
CA CYS D 32 33.72 -10.26 2.15
C CYS D 32 32.70 -9.19 1.75
N ILE D 33 31.79 -8.87 2.66
CA ILE D 33 30.78 -7.84 2.45
C ILE D 33 31.24 -6.56 3.17
N THR D 34 31.49 -5.51 2.40
CA THR D 34 32.07 -4.27 2.93
C THR D 34 31.55 -2.98 2.32
N ASP D 35 32.14 -1.86 2.77
CA ASP D 35 31.73 -0.50 2.43
C ASP D 35 30.25 -0.30 2.65
N PRO D 36 29.77 -0.60 3.86
CA PRO D 36 28.35 -0.58 4.11
C PRO D 36 27.79 0.83 4.27
N LEU D 37 26.48 0.92 4.07
CA LEU D 37 25.74 2.15 4.26
C LEU D 37 24.40 1.74 4.86
N LEU D 38 23.88 2.55 5.77
CA LEU D 38 22.54 2.31 6.32
C LEU D 38 21.85 3.63 6.64
N ALA D 39 20.68 3.80 6.04
CA ALA D 39 19.83 4.95 6.29
C ALA D 39 18.46 4.46 6.72
N VAL D 40 17.92 5.10 7.77
CA VAL D 40 16.54 4.87 8.20
C VAL D 40 15.79 6.20 8.38
N ASP D 41 14.66 6.32 7.71
CA ASP D 41 13.92 7.58 7.65
C ASP D 41 12.45 7.34 7.27
N ASN D 42 11.54 7.90 8.05
CA ASN D 42 10.11 7.90 7.74
C ASN D 42 9.53 6.50 7.47
N GLY D 43 9.94 5.52 8.24
CA GLY D 43 9.45 4.16 8.09
C GLY D 43 10.04 3.38 6.91
N PHE D 44 11.05 3.95 6.26
CA PHE D 44 11.76 3.25 5.18
C PHE D 44 13.24 3.20 5.49
N PHE D 45 13.96 2.35 4.75
CA PHE D 45 15.41 2.26 4.91
C PHE D 45 16.14 2.15 3.58
N ALA D 46 17.38 2.61 3.60
CA ALA D 46 18.30 2.49 2.46
C ALA D 46 19.52 1.71 2.93
N TYR D 47 20.01 0.81 2.08
CA TYR D 47 21.16 -0.03 2.42
C TYR D 47 22.06 -0.21 1.19
N SER D 48 23.37 -0.27 1.42
CA SER D 48 24.31 -0.63 0.34
C SER D 48 25.52 -1.41 0.83
N HIS D 49 26.07 -2.23 -0.06
CA HIS D 49 27.37 -2.85 0.17
C HIS D 49 28.10 -3.18 -1.13
N LEU D 50 29.40 -3.46 -0.99
CA LEU D 50 30.23 -4.01 -2.05
C LEU D 50 30.69 -5.41 -1.64
N GLU D 51 30.37 -6.39 -2.47
CA GLU D 51 30.83 -7.75 -2.28
C GLU D 51 32.16 -7.98 -2.98
N LYS D 52 33.16 -8.41 -2.23
CA LYS D 52 34.48 -8.71 -2.76
C LYS D 52 34.75 -10.19 -2.62
N ILE D 53 35.48 -10.76 -3.59
CA ILE D 53 35.98 -12.13 -3.48
C ILE D 53 37.38 -12.10 -2.85
N GLY D 54 37.52 -12.77 -1.71
CA GLY D 54 38.80 -12.84 -1.00
C GLY D 54 38.90 -11.85 0.15
N SER D 55 39.82 -10.89 0.04
CA SER D 55 40.11 -9.91 1.09
C SER D 55 39.12 -8.75 1.03
N CYS D 56 38.84 -8.13 2.17
CA CYS D 56 37.91 -6.98 2.21
C CYS D 56 38.51 -5.73 1.59
N THR D 57 39.80 -5.52 1.84
CA THR D 57 40.53 -4.35 1.38
C THR D 57 41.30 -4.61 0.09
N ARG D 58 41.67 -5.88 -0.15
CA ARG D 58 42.44 -6.25 -1.33
C ARG D 58 41.65 -7.02 -2.41
N GLY D 59 40.52 -7.59 -2.04
CA GLY D 59 39.84 -8.56 -2.91
C GLY D 59 39.35 -8.06 -4.26
N ILE D 60 38.82 -9.00 -5.05
CA ILE D 60 38.28 -8.73 -6.38
C ILE D 60 36.86 -8.23 -6.22
N ALA D 61 36.57 -7.00 -6.66
CA ALA D 61 35.20 -6.50 -6.56
C ALA D 61 34.30 -7.34 -7.46
N LYS D 62 33.19 -7.83 -6.90
CA LYS D 62 32.28 -8.74 -7.62
C LYS D 62 30.91 -8.11 -7.86
N GLN D 63 30.27 -7.64 -6.80
CA GLN D 63 28.96 -7.02 -6.93
C GLN D 63 28.75 -5.85 -5.97
N ARG D 64 28.18 -4.79 -6.52
CA ARG D 64 27.71 -3.62 -5.77
C ARG D 64 26.19 -3.64 -5.80
N ILE D 65 25.57 -3.48 -4.63
CA ILE D 65 24.11 -3.30 -4.55
C ILE D 65 23.74 -2.02 -3.81
N ILE D 66 22.77 -1.30 -4.36
CA ILE D 66 22.10 -0.22 -3.62
C ILE D 66 20.63 -0.62 -3.51
N GLY D 67 20.16 -0.69 -2.28
CA GLY D 67 18.83 -1.22 -2.00
C GLY D 67 18.03 -0.33 -1.06
N VAL D 68 16.71 -0.41 -1.21
CA VAL D 68 15.78 0.31 -0.32
C VAL D 68 14.60 -0.58 0.04
N GLY D 69 13.92 -0.21 1.13
CA GLY D 69 12.76 -0.96 1.59
C GLY D 69 12.11 -0.39 2.84
N GLU D 70 11.13 -1.13 3.37
CA GLU D 70 10.32 -0.69 4.50
C GLU D 70 10.87 -1.22 5.80
N VAL D 71 10.80 -0.40 6.84
CA VAL D 71 11.03 -0.86 8.20
C VAL D 71 9.67 -1.05 8.84
N LEU D 72 9.29 -2.30 9.10
CA LEU D 72 7.93 -2.64 9.53
C LEU D 72 7.88 -3.24 10.92
N ASP D 73 6.69 -3.18 11.52
CA ASP D 73 6.35 -3.94 12.73
C ASP D 73 5.95 -5.36 12.30
N ARG D 74 6.74 -6.36 12.72
CA ARG D 74 6.53 -7.74 12.29
C ARG D 74 5.24 -8.40 12.84
N GLY D 75 4.75 -7.88 13.96
CA GLY D 75 3.55 -8.45 14.62
C GLY D 75 3.55 -8.33 16.13
N ASP D 76 4.73 -8.46 16.74
CA ASP D 76 4.88 -8.39 18.21
C ASP D 76 5.62 -7.13 18.67
N LYS D 77 5.31 -6.00 18.04
CA LYS D 77 5.91 -4.70 18.37
C LYS D 77 7.45 -4.68 18.33
N VAL D 78 8.01 -5.40 17.36
CA VAL D 78 9.46 -5.45 17.15
C VAL D 78 9.79 -5.16 15.67
N PRO D 79 10.76 -4.25 15.41
CA PRO D 79 10.99 -3.84 14.03
C PRO D 79 11.64 -4.91 13.17
N SER D 80 11.19 -4.99 11.92
CA SER D 80 11.81 -5.83 10.90
C SER D 80 12.14 -4.98 9.69
N MET D 81 12.88 -5.55 8.75
CA MET D 81 13.25 -4.85 7.51
C MET D 81 12.98 -5.72 6.29
N PHE D 82 12.33 -5.12 5.29
CA PHE D 82 12.00 -5.82 4.05
C PHE D 82 12.48 -5.02 2.85
N MET D 83 13.50 -5.54 2.17
CA MET D 83 14.00 -4.94 0.93
C MET D 83 12.89 -4.99 -0.11
N THR D 84 12.81 -3.94 -0.92
CA THR D 84 11.74 -3.83 -1.93
C THR D 84 12.25 -3.49 -3.34
N ASN D 85 13.42 -2.85 -3.42
CA ASN D 85 13.97 -2.35 -4.67
C ASN D 85 15.50 -2.45 -4.62
N VAL D 86 16.08 -3.14 -5.61
CA VAL D 86 17.53 -3.34 -5.65
C VAL D 86 18.12 -2.88 -6.98
N TRP D 87 19.19 -2.08 -6.90
CA TRP D 87 19.92 -1.62 -8.09
C TRP D 87 21.33 -2.17 -8.08
N THR D 88 21.86 -2.44 -9.26
CA THR D 88 23.19 -3.04 -9.42
C THR D 88 23.88 -2.44 -10.65
N PRO D 89 25.08 -1.86 -10.48
CA PRO D 89 25.83 -1.37 -11.63
C PRO D 89 26.41 -2.48 -12.50
N PRO D 90 26.75 -2.16 -13.76
CA PRO D 90 27.40 -3.14 -14.64
C PRO D 90 28.82 -3.48 -14.16
N ASN D 91 29.58 -2.44 -13.77
CA ASN D 91 30.91 -2.60 -13.22
C ASN D 91 30.94 -2.27 -11.72
N PRO D 92 31.22 -3.28 -10.87
CA PRO D 92 31.16 -3.07 -9.42
C PRO D 92 32.28 -2.19 -8.85
N SER D 93 33.40 -2.13 -9.53
CA SER D 93 34.58 -1.42 -9.01
C SER D 93 34.56 0.10 -9.19
N THR D 94 33.63 0.65 -9.99
CA THR D 94 33.61 2.09 -10.31
C THR D 94 32.81 2.99 -9.35
N ILE D 95 31.91 2.40 -8.56
CA ILE D 95 31.05 3.16 -7.63
C ILE D 95 31.69 3.30 -6.25
N HIS D 96 31.81 4.55 -5.77
CA HIS D 96 32.45 4.83 -4.47
C HIS D 96 31.73 5.86 -3.62
N HIS D 97 31.84 5.70 -2.32
CA HIS D 97 31.43 6.72 -1.32
C HIS D 97 29.97 7.14 -1.37
N CYS D 98 29.10 6.18 -1.70
CA CYS D 98 27.66 6.40 -1.76
C CYS D 98 27.12 7.01 -0.46
N SER D 99 26.13 7.89 -0.62
CA SER D 99 25.41 8.51 0.49
C SER D 99 23.92 8.58 0.11
N SER D 100 23.03 8.33 1.09
CA SER D 100 21.58 8.27 0.82
C SER D 100 20.72 9.26 1.60
N THR D 101 19.69 9.79 0.92
CA THR D 101 18.72 10.71 1.52
C THR D 101 17.29 10.47 0.99
N TYR D 102 16.31 10.30 1.88
CA TYR D 102 14.93 10.03 1.49
C TYR D 102 14.13 11.30 1.28
N HIS D 103 13.28 11.30 0.25
CA HIS D 103 12.33 12.37 0.01
C HIS D 103 11.18 11.90 -0.88
N GLU D 104 9.94 12.11 -0.42
CA GLU D 104 8.70 11.80 -1.15
C GLU D 104 8.76 10.56 -2.05
N ASP D 105 8.66 9.37 -1.44
CA ASP D 105 8.56 8.10 -2.18
C ASP D 105 9.87 7.56 -2.73
N PHE D 106 10.95 8.35 -2.70
CA PHE D 106 12.23 7.90 -3.23
C PHE D 106 13.34 7.99 -2.20
N TYR D 107 14.28 7.06 -2.24
CA TYR D 107 15.59 7.31 -1.65
C TYR D 107 16.46 7.75 -2.81
N TYR D 108 17.22 8.82 -2.61
CA TYR D 108 18.21 9.27 -3.58
C TYR D 108 19.59 8.99 -3.00
N THR D 109 20.36 8.12 -3.66
CA THR D 109 21.73 7.90 -3.22
C THR D 109 22.68 8.51 -4.26
N LEU D 110 23.74 9.15 -3.75
CA LEU D 110 24.70 9.94 -4.52
C LEU D 110 26.08 9.31 -4.36
N CYS D 111 26.74 8.99 -5.48
CA CYS D 111 28.00 8.26 -5.43
C CYS D 111 29.07 8.89 -6.30
N ALA D 112 30.30 8.44 -6.08
CA ALA D 112 31.47 8.82 -6.88
C ALA D 112 31.66 7.79 -7.96
N VAL D 113 31.84 8.24 -9.20
CA VAL D 113 32.27 7.37 -10.30
C VAL D 113 33.77 7.55 -10.53
N SER D 114 34.55 6.49 -10.28
CA SER D 114 36.02 6.51 -10.46
C SER D 114 36.58 5.29 -11.18
N HIS D 115 37.59 5.54 -12.03
CA HIS D 115 38.33 4.48 -12.73
C HIS D 115 39.74 4.32 -12.16
N VAL D 116 40.00 4.97 -11.03
CA VAL D 116 41.33 4.98 -10.39
C VAL D 116 41.26 4.53 -8.93
N GLY D 117 40.15 3.89 -8.56
CA GLY D 117 39.93 3.44 -7.18
C GLY D 117 39.41 4.57 -6.30
N ASP D 118 39.59 4.41 -4.99
CA ASP D 118 39.11 5.39 -4.01
C ASP D 118 39.71 6.78 -4.26
N PRO D 119 38.88 7.78 -4.59
CA PRO D 119 39.36 9.15 -4.80
C PRO D 119 40.16 9.73 -3.63
N ILE D 120 39.87 9.27 -2.41
CA ILE D 120 40.65 9.71 -1.24
C ILE D 120 42.13 9.27 -1.34
N LEU D 121 42.36 8.06 -1.79
CA LEU D 121 43.72 7.51 -1.89
C LEU D 121 44.41 7.84 -3.21
N ASN D 122 43.68 8.42 -4.15
CA ASN D 122 44.25 8.76 -5.46
C ASN D 122 43.65 10.09 -5.96
N SER D 123 43.80 11.13 -5.15
CA SER D 123 43.10 12.40 -5.36
C SER D 123 43.46 13.13 -6.63
N THR D 124 44.75 13.31 -6.89
CA THR D 124 45.19 14.04 -8.09
C THR D 124 44.75 13.33 -9.38
N SER D 125 44.72 12.00 -9.37
CA SER D 125 44.33 11.20 -10.54
C SER D 125 42.83 11.19 -10.79
N TRP D 126 42.04 11.22 -9.71
CA TRP D 126 40.58 11.11 -9.83
C TRP D 126 39.98 12.32 -10.53
N THR D 127 39.55 12.14 -11.78
CA THR D 127 38.77 13.16 -12.46
C THR D 127 37.33 13.13 -11.92
N GLU D 128 36.89 14.26 -11.37
CA GLU D 128 35.64 14.34 -10.59
C GLU D 128 34.38 13.94 -11.35
N SER D 129 33.78 12.83 -10.94
CA SER D 129 32.53 12.36 -11.52
C SER D 129 31.57 11.91 -10.43
N LEU D 130 30.37 12.49 -10.43
CA LEU D 130 29.33 12.17 -9.47
C LEU D 130 28.09 11.74 -10.21
N SER D 131 27.30 10.87 -9.57
CA SER D 131 26.02 10.46 -10.14
C SER D 131 25.04 10.09 -9.04
N LEU D 132 23.78 10.02 -9.41
CA LEU D 132 22.68 9.89 -8.48
C LEU D 132 21.84 8.69 -8.89
N ILE D 133 21.64 7.75 -7.97
CA ILE D 133 20.68 6.65 -8.19
C ILE D 133 19.46 6.94 -7.34
N ARG D 134 18.34 7.19 -8.01
CA ARG D 134 17.05 7.40 -7.36
C ARG D 134 16.22 6.12 -7.39
N LEU D 135 15.96 5.56 -6.22
CA LEU D 135 15.16 4.34 -6.11
C LEU D 135 13.85 4.61 -5.36
N ALA D 136 12.76 4.05 -5.88
CA ALA D 136 11.46 4.17 -5.24
C ALA D 136 11.32 3.16 -4.11
N VAL D 137 10.88 3.62 -2.94
CA VAL D 137 10.72 2.76 -1.75
C VAL D 137 9.52 1.82 -1.87
N ARG D 138 8.59 2.14 -2.76
CA ARG D 138 7.46 1.26 -3.07
C ARG D 138 7.24 1.21 -4.56
N PRO D 139 7.92 0.26 -5.24
CA PRO D 139 7.82 0.14 -6.70
C PRO D 139 6.42 -0.14 -7.21
N LYS D 140 6.10 0.48 -8.34
CA LYS D 140 4.82 0.32 -9.04
C LYS D 140 5.09 -0.32 -10.39
N SER D 141 4.34 -1.33 -10.74
CA SER D 141 4.49 -2.00 -12.04
C SER D 141 4.01 -1.11 -13.19
N ASP D 142 4.61 -1.31 -14.35
CA ASP D 142 4.24 -0.61 -15.59
C ASP D 142 4.27 0.91 -15.44
N SER D 143 5.29 1.40 -14.75
CA SER D 143 5.61 2.82 -14.73
C SER D 143 6.81 3.02 -15.68
N GLY D 144 7.55 4.12 -15.54
CA GLY D 144 8.72 4.36 -16.40
C GLY D 144 10.01 4.47 -15.59
N ASP D 145 10.48 5.71 -15.45
CA ASP D 145 11.63 6.06 -14.60
C ASP D 145 11.36 5.88 -13.11
N TYR D 146 10.09 5.83 -12.72
CA TYR D 146 9.68 5.85 -11.31
C TYR D 146 10.47 4.90 -10.42
N ASN D 147 10.57 3.63 -10.82
CA ASN D 147 11.22 2.59 -9.99
C ASN D 147 12.72 2.83 -9.80
N GLN D 148 13.44 2.95 -10.91
CA GLN D 148 14.87 3.21 -10.87
C GLN D 148 15.24 4.24 -11.93
N LYS D 149 16.01 5.24 -11.54
CA LYS D 149 16.50 6.25 -12.49
C LYS D 149 17.95 6.61 -12.16
N TYR D 150 18.82 6.56 -13.17
CA TYR D 150 20.25 6.87 -13.02
C TYR D 150 20.59 8.20 -13.68
N ILE D 151 21.13 9.13 -12.91
CA ILE D 151 21.43 10.46 -13.40
C ILE D 151 22.91 10.79 -13.23
N ALA D 152 23.57 11.12 -14.33
CA ALA D 152 24.94 11.63 -14.32
C ALA D 152 24.91 13.14 -14.04
N ILE D 153 25.59 13.55 -12.97
CA ILE D 153 25.66 14.95 -12.57
C ILE D 153 26.71 15.68 -13.42
N THR D 154 26.27 16.70 -14.14
CA THR D 154 27.16 17.55 -14.94
C THR D 154 27.46 18.84 -14.19
N LYS D 155 26.40 19.48 -13.69
CA LYS D 155 26.51 20.82 -13.09
C LYS D 155 26.85 20.71 -11.62
N VAL D 156 28.09 21.06 -11.27
CA VAL D 156 28.54 21.05 -9.87
C VAL D 156 29.15 22.39 -9.48
N GLU D 157 28.61 22.96 -8.40
CA GLU D 157 29.01 24.28 -7.91
C GLU D 157 29.79 24.09 -6.62
N ARG D 158 31.10 24.31 -6.67
CA ARG D 158 31.99 23.87 -5.59
C ARG D 158 32.78 24.97 -4.89
N GLY D 159 32.44 26.22 -5.13
CA GLY D 159 33.11 27.34 -4.46
C GLY D 159 34.58 27.46 -4.85
N LYS D 160 35.46 27.38 -3.85
CA LYS D 160 36.91 27.45 -4.07
C LYS D 160 37.59 26.07 -4.04
N TYR D 161 36.80 25.01 -3.90
CA TYR D 161 37.32 23.65 -3.87
C TYR D 161 37.53 23.13 -5.28
N ASP D 162 38.62 22.38 -5.49
CA ASP D 162 38.95 21.75 -6.78
C ASP D 162 37.96 20.64 -7.10
N LYS D 163 37.76 19.77 -6.12
CA LYS D 163 36.88 18.62 -6.27
C LYS D 163 35.99 18.52 -5.04
N VAL D 164 34.77 18.00 -5.23
CA VAL D 164 33.89 17.70 -4.11
C VAL D 164 33.32 16.30 -4.31
N MET D 165 32.86 15.70 -3.20
CA MET D 165 32.47 14.29 -3.18
C MET D 165 31.55 14.02 -2.00
N PRO D 166 30.59 13.08 -2.17
CA PRO D 166 29.83 12.65 -0.99
C PRO D 166 30.75 11.86 -0.09
N TYR D 167 30.56 12.00 1.22
CA TYR D 167 31.46 11.36 2.19
C TYR D 167 30.68 11.08 3.48
N GLY D 168 29.89 10.03 3.45
CA GLY D 168 29.02 9.67 4.58
C GLY D 168 27.82 8.82 4.16
N PRO D 169 27.15 8.19 5.14
CA PRO D 169 26.09 7.24 4.83
C PRO D 169 24.73 7.87 4.49
N SER D 170 24.41 8.98 5.16
CA SER D 170 23.07 9.55 5.03
C SER D 170 22.92 11.03 5.38
N GLY D 171 21.96 11.66 4.71
CA GLY D 171 21.70 13.08 4.86
C GLY D 171 20.24 13.37 5.17
N ILE D 172 19.85 14.64 5.08
CA ILE D 172 18.50 15.05 5.43
C ILE D 172 17.80 15.86 4.35
N LYS D 173 16.48 15.98 4.50
CA LYS D 173 15.65 16.84 3.66
C LYS D 173 15.17 18.06 4.46
N GLN D 174 15.15 19.23 3.81
CA GLN D 174 14.47 20.41 4.33
C GLN D 174 13.60 20.97 3.21
N GLY D 175 12.29 20.76 3.34
CA GLY D 175 11.36 21.03 2.25
C GLY D 175 11.64 20.13 1.07
N ASP D 176 12.12 20.71 -0.03
CA ASP D 176 12.50 19.94 -1.21
C ASP D 176 13.98 20.06 -1.53
N THR D 177 14.75 20.48 -0.54
CA THR D 177 16.18 20.61 -0.68
C THR D 177 16.86 19.45 0.04
N LEU D 178 17.66 18.69 -0.68
CA LEU D 178 18.38 17.54 -0.10
C LEU D 178 19.80 17.94 0.29
N TYR D 179 20.25 17.48 1.46
CA TYR D 179 21.63 17.73 1.93
C TYR D 179 22.38 16.45 2.25
N PHE D 180 23.36 16.09 1.42
CA PHE D 180 24.20 14.90 1.67
C PHE D 180 25.46 15.30 2.42
N PRO D 181 25.97 14.45 3.32
CA PRO D 181 27.28 14.76 3.90
C PRO D 181 28.34 14.61 2.82
N ALA D 182 29.35 15.46 2.84
CA ALA D 182 30.30 15.54 1.72
C ALA D 182 31.64 16.10 2.18
N VAL D 183 32.58 16.17 1.24
CA VAL D 183 33.92 16.65 1.51
C VAL D 183 34.43 17.41 0.30
N GLY D 184 35.18 18.48 0.55
CA GLY D 184 35.86 19.22 -0.52
C GLY D 184 37.34 18.94 -0.53
N PHE D 185 37.92 18.83 -1.72
CA PHE D 185 39.36 18.72 -1.87
C PHE D 185 39.90 20.11 -2.18
N LEU D 186 40.77 20.62 -1.33
CA LEU D 186 41.39 21.94 -1.52
C LEU D 186 42.91 21.81 -1.57
N PRO D 187 43.57 22.42 -2.56
CA PRO D 187 45.03 22.40 -2.59
C PRO D 187 45.66 22.99 -1.31
N ARG D 188 46.70 22.35 -0.81
CA ARG D 188 47.39 22.81 0.41
C ARG D 188 47.81 24.26 0.34
N THR D 189 48.28 24.66 -0.83
CA THR D 189 48.81 26.01 -1.05
C THR D 189 47.72 27.07 -0.96
N GLU D 190 46.49 26.70 -1.34
CA GLU D 190 45.34 27.60 -1.28
C GLU D 190 44.65 27.57 0.09
N PHE D 191 45.06 26.64 0.94
CA PHE D 191 44.45 26.44 2.25
C PHE D 191 44.80 27.55 3.26
N GLN D 192 43.82 28.40 3.56
CA GLN D 192 44.00 29.53 4.46
C GLN D 192 43.89 29.06 5.92
N TYR D 193 44.98 29.13 6.68
CA TYR D 193 45.00 28.69 8.09
C TYR D 193 46.18 29.27 8.88
N ASN D 194 45.91 29.78 10.08
CA ASN D 194 46.96 30.31 10.96
C ASN D 194 47.46 29.24 11.95
N ASP D 195 48.75 28.95 11.93
CA ASP D 195 49.36 27.93 12.81
C ASP D 195 49.25 28.25 14.31
N SER D 196 49.00 29.51 14.62
CA SER D 196 48.82 29.94 16.02
C SER D 196 47.54 29.38 16.66
N ASN D 197 46.55 29.06 15.84
CA ASN D 197 45.29 28.46 16.32
C ASN D 197 45.36 26.94 16.61
N CYS D 198 46.53 26.34 16.45
CA CYS D 198 46.74 24.92 16.73
C CYS D 198 47.04 24.73 18.23
N PRO D 199 46.12 24.07 18.97
CA PRO D 199 46.22 24.01 20.43
C PRO D 199 47.30 23.04 20.93
N ILE D 200 48.53 23.53 21.01
CA ILE D 200 49.69 22.74 21.40
C ILE D 200 50.25 23.16 22.76
N ILE D 201 49.49 23.98 23.48
CA ILE D 201 50.04 24.77 24.59
C ILE D 201 50.23 23.94 25.86
N HIS D 202 49.49 22.84 25.96
CA HIS D 202 49.63 21.90 27.08
C HIS D 202 50.17 20.58 26.58
N CYS D 203 50.91 20.63 25.48
CA CYS D 203 51.41 19.44 24.80
C CYS D 203 52.89 19.58 24.50
N LYS D 204 53.72 18.98 25.37
CA LYS D 204 55.19 19.12 25.32
C LYS D 204 55.80 18.80 23.96
N TYR D 205 55.28 17.76 23.31
CA TYR D 205 55.87 17.24 22.08
C TYR D 205 54.96 17.44 20.86
N SER D 206 54.28 18.58 20.81
CA SER D 206 53.46 18.96 19.66
C SER D 206 53.99 20.24 19.05
N LYS D 207 53.98 20.30 17.72
CA LYS D 207 54.41 21.49 16.99
C LYS D 207 53.22 22.24 16.40
N ALA D 208 53.39 23.55 16.21
CA ALA D 208 52.33 24.43 15.68
C ALA D 208 51.83 23.98 14.31
N GLU D 209 52.76 23.47 13.50
CA GLU D 209 52.47 23.02 12.13
C GLU D 209 51.51 21.82 12.04
N ASN D 210 51.41 21.04 13.10
CA ASN D 210 50.74 19.74 13.05
C ASN D 210 49.27 19.75 12.65
N CYS D 211 48.49 20.71 13.15
CA CYS D 211 47.06 20.78 12.78
C CYS D 211 46.90 20.88 11.27
N ARG D 212 47.63 21.83 10.69
CA ARG D 212 47.59 22.07 9.25
C ARG D 212 48.03 20.85 8.49
N LEU D 213 49.21 20.32 8.85
CA LEU D 213 49.75 19.13 8.19
C LEU D 213 48.80 17.95 8.23
N SER D 214 48.09 17.79 9.35
CA SER D 214 47.15 16.67 9.54
C SER D 214 45.76 16.92 8.93
N MET D 215 45.62 18.01 8.16
CA MET D 215 44.37 18.25 7.42
C MET D 215 44.33 17.49 6.10
N GLY D 216 45.45 16.85 5.75
CA GLY D 216 45.52 15.96 4.60
C GLY D 216 45.71 14.54 5.07
N VAL D 217 45.53 13.59 4.15
CA VAL D 217 45.68 12.16 4.46
C VAL D 217 47.13 11.81 4.82
N ASN D 218 48.09 12.56 4.28
CA ASN D 218 49.46 12.57 4.81
C ASN D 218 50.08 13.98 4.73
N SER D 219 51.19 14.16 5.43
CA SER D 219 51.78 15.49 5.63
C SER D 219 52.22 16.22 4.35
N LYS D 220 52.48 15.49 3.27
CA LYS D 220 52.94 16.09 2.01
C LYS D 220 51.92 15.98 0.90
N SER D 221 50.67 15.67 1.27
CA SER D 221 49.60 15.45 0.29
C SER D 221 49.28 16.73 -0.49
N HIS D 222 48.85 16.56 -1.74
CA HIS D 222 48.53 17.70 -2.60
C HIS D 222 47.36 18.50 -2.06
N TYR D 223 46.25 17.81 -1.82
CA TYR D 223 45.03 18.43 -1.29
C TYR D 223 44.90 18.28 0.22
N ILE D 224 44.18 19.21 0.83
CA ILE D 224 43.60 19.02 2.17
C ILE D 224 42.12 18.63 2.00
N LEU D 225 41.57 17.92 2.98
CA LEU D 225 40.16 17.54 2.95
C LEU D 225 39.36 18.34 3.97
N ARG D 226 38.19 18.82 3.57
CA ARG D 226 37.32 19.59 4.46
C ARG D 226 35.88 19.06 4.34
N SER D 227 35.30 18.70 5.48
CA SER D 227 33.95 18.12 5.49
C SER D 227 32.91 19.18 5.16
N GLY D 228 31.72 18.72 4.77
CA GLY D 228 30.67 19.66 4.40
C GLY D 228 29.41 18.96 3.95
N LEU D 229 28.51 19.74 3.33
CA LEU D 229 27.30 19.22 2.70
C LEU D 229 27.28 19.47 1.20
N LEU D 230 26.68 18.55 0.47
CA LEU D 230 26.32 18.78 -0.93
C LEU D 230 24.81 19.02 -1.00
N LYS D 231 24.41 20.17 -1.55
CA LYS D 231 23.03 20.61 -1.55
C LYS D 231 22.42 20.28 -2.89
N TYR D 232 21.18 19.76 -2.88
CA TYR D 232 20.46 19.42 -4.12
C TYR D 232 18.98 19.83 -4.02
N ASN D 233 18.65 20.95 -4.68
CA ASN D 233 17.32 21.58 -4.59
C ASN D 233 16.40 21.04 -5.67
N LEU D 234 15.40 20.26 -5.26
CA LEU D 234 14.46 19.60 -6.20
C LEU D 234 13.47 20.56 -6.84
N SER D 235 13.25 21.73 -6.22
CA SER D 235 12.26 22.71 -6.71
C SER D 235 12.55 23.18 -8.14
N LEU D 236 13.82 23.20 -8.53
CA LEU D 236 14.19 23.45 -9.93
C LEU D 236 14.29 22.19 -10.78
N GLY D 237 13.49 22.10 -11.84
CA GLY D 237 13.74 21.12 -12.91
C GLY D 237 14.78 21.69 -13.87
N GLY D 238 15.21 20.85 -14.82
CA GLY D 238 16.01 21.32 -15.97
C GLY D 238 17.53 21.24 -15.84
N ASP D 239 18.03 20.98 -14.64
CA ASP D 239 19.47 20.94 -14.39
C ASP D 239 19.79 20.40 -12.99
N ILE D 240 20.42 19.23 -12.94
CA ILE D 240 20.69 18.56 -11.66
C ILE D 240 21.96 19.17 -11.05
N ILE D 241 21.85 20.44 -10.63
CA ILE D 241 22.99 21.16 -10.02
C ILE D 241 23.13 20.85 -8.53
N LEU D 242 24.34 20.45 -8.14
CA LEU D 242 24.73 20.28 -6.75
C LEU D 242 25.59 21.46 -6.28
N GLN D 243 25.35 21.93 -5.06
CA GLN D 243 26.18 23.00 -4.48
C GLN D 243 26.85 22.50 -3.20
N PHE D 244 28.16 22.69 -3.12
CA PHE D 244 28.94 22.32 -1.94
C PHE D 244 28.93 23.43 -0.88
N ILE D 245 28.80 23.04 0.38
CA ILE D 245 28.80 23.95 1.52
C ILE D 245 29.86 23.48 2.50
N GLU D 246 30.87 24.29 2.74
CA GLU D 246 31.93 23.91 3.68
C GLU D 246 31.46 24.05 5.13
N ILE D 247 31.88 23.11 5.96
CA ILE D 247 31.66 23.18 7.40
C ILE D 247 32.43 24.37 7.98
N ALA D 248 31.91 24.91 9.08
CA ALA D 248 32.60 25.98 9.79
C ALA D 248 33.90 25.47 10.42
N ASP D 249 34.84 26.38 10.66
CA ASP D 249 36.18 26.04 11.17
C ASP D 249 36.25 25.94 12.70
N ASN D 250 35.10 25.91 13.37
CA ASN D 250 35.10 25.68 14.81
C ASN D 250 35.44 24.22 15.08
N ARG D 251 36.53 24.00 15.82
CA ARG D 251 37.00 22.66 16.15
C ARG D 251 37.26 21.87 14.87
N LEU D 252 37.93 22.51 13.91
CA LEU D 252 38.19 21.92 12.61
C LEU D 252 39.10 20.69 12.69
N THR D 253 38.85 19.76 11.77
CA THR D 253 39.53 18.46 11.73
C THR D 253 39.45 17.93 10.32
N ILE D 254 40.40 17.08 9.91
CA ILE D 254 40.41 16.55 8.55
C ILE D 254 39.03 16.10 8.11
N GLY D 255 38.65 16.49 6.91
CA GLY D 255 37.41 16.01 6.32
C GLY D 255 37.33 14.50 6.47
N SER D 256 36.19 14.02 6.95
CA SER D 256 36.04 12.62 7.32
C SER D 256 34.59 12.21 7.20
N PRO D 257 34.32 10.91 7.01
CA PRO D 257 32.94 10.53 6.75
C PRO D 257 32.02 11.07 7.85
N SER D 258 30.88 11.61 7.43
CA SER D 258 29.98 12.30 8.33
C SER D 258 28.55 11.90 8.05
N LYS D 259 27.66 12.33 8.93
CA LYS D 259 26.25 12.00 8.86
C LYS D 259 25.41 13.17 9.40
N ILE D 260 24.41 13.60 8.62
CA ILE D 260 23.44 14.60 9.08
C ILE D 260 22.04 13.99 9.10
N TYR D 261 21.32 14.22 10.19
CA TYR D 261 20.02 13.57 10.45
C TYR D 261 19.13 14.44 11.31
N ASN D 262 17.82 14.33 11.10
CA ASN D 262 16.84 15.01 11.96
C ASN D 262 16.48 14.13 13.15
N SER D 263 16.43 14.72 14.34
CA SER D 263 15.96 14.02 15.53
C SER D 263 15.23 14.95 16.50
N LEU D 264 14.01 14.56 16.86
CA LEU D 264 13.11 15.37 17.69
C LEU D 264 12.89 16.78 17.13
N GLY D 265 12.77 16.87 15.81
CA GLY D 265 12.43 18.11 15.15
C GLY D 265 13.59 18.95 14.64
N GLN D 266 14.81 18.65 15.07
CA GLN D 266 15.96 19.48 14.68
C GLN D 266 17.11 18.66 14.11
N PRO D 267 17.96 19.29 13.26
CA PRO D 267 19.09 18.57 12.67
C PRO D 267 20.29 18.37 13.60
N VAL D 268 20.98 17.24 13.43
CA VAL D 268 22.14 16.86 14.25
C VAL D 268 23.25 16.31 13.34
N PHE D 269 24.51 16.57 13.71
CA PHE D 269 25.65 16.20 12.89
C PHE D 269 26.59 15.29 13.67
N TYR D 270 27.11 14.28 12.97
CA TYR D 270 28.24 13.48 13.45
C TYR D 270 29.32 13.51 12.40
N GLN D 271 30.55 13.74 12.84
CA GLN D 271 31.74 13.65 11.98
C GLN D 271 32.71 12.70 12.66
N ALA D 272 33.32 11.84 11.88
CA ALA D 272 34.27 10.88 12.40
C ALA D 272 35.54 11.60 12.82
N SER D 273 36.24 11.05 13.79
CA SER D 273 37.49 11.64 14.27
C SER D 273 38.68 10.89 13.66
N TYR D 274 39.08 11.30 12.45
CA TYR D 274 40.15 10.61 11.68
C TYR D 274 41.55 11.20 11.93
N SER D 275 41.70 11.92 13.03
CA SER D 275 42.95 12.64 13.30
C SER D 275 43.27 12.62 14.79
N TRP D 276 43.88 13.70 15.27
CA TRP D 276 44.35 13.79 16.66
C TRP D 276 43.27 14.17 17.66
N ASP D 277 42.23 14.84 17.19
CA ASP D 277 41.12 15.28 18.04
C ASP D 277 40.15 14.12 18.22
N THR D 278 40.53 13.17 19.07
CA THR D 278 39.92 11.82 19.07
C THR D 278 38.58 11.69 19.80
N MET D 279 38.24 12.68 20.60
CA MET D 279 36.94 12.68 21.28
C MET D 279 35.82 12.85 20.26
N ILE D 280 34.67 12.24 20.55
CA ILE D 280 33.52 12.22 19.64
C ILE D 280 33.07 13.62 19.21
N LYS D 281 32.88 13.77 17.90
CA LYS D 281 32.40 15.02 17.31
C LYS D 281 30.93 14.86 16.92
N LEU D 282 30.07 15.57 17.60
CA LEU D 282 28.64 15.35 17.51
C LEU D 282 27.91 16.55 18.11
N GLY D 283 26.82 16.96 17.49
CA GLY D 283 26.08 18.08 18.04
C GLY D 283 24.98 18.62 17.15
N ASP D 284 24.14 19.46 17.75
CA ASP D 284 23.04 20.08 17.03
C ASP D 284 23.58 21.04 15.99
N VAL D 285 22.91 21.09 14.84
CA VAL D 285 23.27 22.00 13.76
C VAL D 285 22.82 23.42 14.08
N ASP D 286 23.77 24.34 14.14
CA ASP D 286 23.48 25.73 14.47
C ASP D 286 22.80 26.38 13.25
N THR D 287 23.51 26.38 12.13
CA THR D 287 22.96 26.78 10.83
C THR D 287 23.33 25.67 9.84
N VAL D 288 22.48 25.45 8.83
CA VAL D 288 22.75 24.42 7.81
C VAL D 288 23.55 24.98 6.62
N ASP D 289 23.13 26.12 6.09
CA ASP D 289 23.85 26.83 5.02
C ASP D 289 24.06 28.28 5.45
N PRO D 290 25.29 28.64 5.88
CA PRO D 290 26.50 27.81 6.00
C PRO D 290 26.42 26.81 7.15
N LEU D 291 27.10 25.68 7.02
CA LEU D 291 27.04 24.62 8.02
C LEU D 291 27.88 24.98 9.25
N ARG D 292 27.26 24.91 10.42
CA ARG D 292 27.93 25.15 11.68
C ARG D 292 27.32 24.30 12.78
N VAL D 293 28.14 23.50 13.43
CA VAL D 293 27.70 22.57 14.47
C VAL D 293 28.06 23.07 15.88
N GLN D 294 27.14 22.88 16.82
CA GLN D 294 27.41 23.11 18.24
C GLN D 294 27.89 21.81 18.83
N TRP D 295 29.15 21.51 18.58
CA TRP D 295 29.76 20.30 19.08
C TRP D 295 29.52 20.20 20.59
N ARG D 296 29.17 19.00 21.04
CA ARG D 296 29.09 18.73 22.47
C ARG D 296 30.52 18.70 23.04
N ASN D 297 30.66 19.20 24.27
CA ASN D 297 31.89 19.00 25.04
C ASN D 297 31.82 17.60 25.67
N ASN D 298 31.85 16.57 24.83
CA ASN D 298 31.72 15.19 25.28
C ASN D 298 33.09 14.65 25.68
N SER D 299 33.13 13.97 26.83
CA SER D 299 34.39 13.59 27.47
C SER D 299 34.50 12.10 27.84
N VAL D 300 33.59 11.28 27.34
CA VAL D 300 33.58 9.84 27.66
C VAL D 300 33.61 8.92 26.44
N ILE D 301 33.40 9.46 25.24
CA ILE D 301 33.37 8.63 24.01
C ILE D 301 34.41 9.08 22.97
N SER D 302 35.35 8.18 22.68
CA SER D 302 36.44 8.42 21.74
C SER D 302 36.37 7.33 20.68
N ARG D 303 37.53 6.92 20.16
CA ARG D 303 37.60 5.83 19.19
C ARG D 303 39.01 5.25 19.13
N PRO D 304 39.13 3.97 18.77
CA PRO D 304 40.48 3.40 18.76
C PRO D 304 41.30 4.07 17.69
N GLY D 305 42.57 4.25 17.96
CA GLY D 305 43.47 4.82 16.98
C GLY D 305 44.59 3.87 16.66
N GLN D 306 45.73 4.44 16.37
CA GLN D 306 46.99 3.71 16.24
C GLN D 306 48.05 4.40 17.09
N SER D 307 49.30 3.97 16.97
CA SER D 307 50.39 4.44 17.81
C SER D 307 50.38 5.96 18.04
N GLN D 308 50.24 6.72 16.95
CA GLN D 308 50.44 8.18 17.00
C GLN D 308 49.25 8.94 17.63
N CYS D 309 48.04 8.50 17.32
CA CYS D 309 46.81 9.13 17.84
C CYS D 309 45.83 8.09 18.38
N PRO D 310 46.06 7.59 19.61
CA PRO D 310 45.18 6.60 20.20
C PRO D 310 43.88 7.21 20.73
N ARG D 311 43.08 6.38 21.39
CA ARG D 311 41.89 6.86 22.09
C ARG D 311 42.23 7.96 23.09
N PHE D 312 41.27 8.84 23.31
CA PHE D 312 41.38 9.91 24.30
C PHE D 312 42.50 10.91 24.04
N ASN D 313 43.10 10.87 22.85
CA ASN D 313 44.16 11.83 22.51
C ASN D 313 43.56 13.17 22.17
N VAL D 314 44.17 14.24 22.67
CA VAL D 314 43.77 15.62 22.33
C VAL D 314 44.96 16.49 21.90
N CYS D 315 46.18 15.97 21.98
CA CYS D 315 47.37 16.73 21.54
C CYS D 315 47.54 16.63 20.02
N PRO D 316 47.71 17.78 19.33
CA PRO D 316 47.90 17.78 17.90
C PRO D 316 49.10 16.97 17.42
N GLU D 317 48.83 16.03 16.53
CA GLU D 317 49.86 15.17 15.94
C GLU D 317 49.53 14.96 14.47
N VAL D 318 50.55 14.63 13.67
CA VAL D 318 50.36 14.33 12.25
C VAL D 318 49.95 12.86 12.09
N CYS D 319 48.65 12.63 12.00
CA CYS D 319 48.11 11.28 11.93
C CYS D 319 46.80 11.22 11.13
N TRP D 320 46.66 10.20 10.28
CA TRP D 320 45.40 9.91 9.61
C TRP D 320 45.01 8.49 9.99
N GLU D 321 44.20 8.38 11.05
CA GLU D 321 43.76 7.09 11.53
C GLU D 321 42.50 7.25 12.37
N GLY D 322 41.77 6.15 12.54
CA GLY D 322 40.52 6.18 13.29
C GLY D 322 39.43 5.38 12.59
N THR D 323 38.23 5.43 13.15
CA THR D 323 37.10 4.65 12.64
C THR D 323 35.78 5.39 12.83
N TYR D 324 34.90 5.28 11.84
CA TYR D 324 33.58 5.92 11.89
C TYR D 324 32.67 5.13 12.84
N ASN D 325 32.26 5.78 13.92
CA ASN D 325 31.39 5.14 14.90
C ASN D 325 30.35 6.11 15.43
N ASP D 326 29.33 6.35 14.62
CA ASP D 326 28.37 7.44 14.90
C ASP D 326 27.46 7.19 16.11
N ALA D 327 26.67 8.20 16.45
CA ALA D 327 25.68 8.11 17.50
C ALA D 327 24.44 8.94 17.18
N PHE D 328 23.30 8.54 17.76
CA PHE D 328 21.99 9.13 17.44
C PHE D 328 21.35 9.73 18.67
N LEU D 329 21.13 11.05 18.64
CA LEU D 329 20.44 11.75 19.73
C LEU D 329 19.05 11.18 19.92
N ILE D 330 18.73 10.73 21.14
CA ILE D 330 17.39 10.24 21.46
C ILE D 330 16.63 11.08 22.49
N ASP D 331 17.24 12.13 23.02
CA ASP D 331 16.59 13.03 24.00
C ASP D 331 17.35 14.36 24.11
N ARG D 332 16.80 15.43 23.55
CA ARG D 332 17.50 16.74 23.52
C ARG D 332 17.45 17.50 24.85
N LEU D 333 16.36 17.36 25.60
CA LEU D 333 16.21 18.08 26.87
C LEU D 333 17.37 17.75 27.81
N ASN D 334 17.71 16.48 27.89
CA ASN D 334 18.84 15.99 28.70
C ASN D 334 20.07 15.62 27.84
N TRP D 335 19.99 15.90 26.54
CA TRP D 335 21.01 15.54 25.55
C TRP D 335 21.65 14.16 25.75
N VAL D 336 20.82 13.14 25.65
CA VAL D 336 21.26 11.74 25.68
C VAL D 336 21.27 11.17 24.25
N SER D 337 22.35 10.44 23.93
CA SER D 337 22.51 9.84 22.61
C SER D 337 22.72 8.35 22.73
N ALA D 338 22.67 7.68 21.59
CA ALA D 338 22.84 6.22 21.52
C ALA D 338 23.63 5.81 20.29
N GLY D 339 24.59 4.93 20.49
CA GLY D 339 25.47 4.47 19.43
C GLY D 339 26.40 3.37 19.94
N VAL D 340 27.17 2.81 19.00
CA VAL D 340 28.12 1.73 19.30
C VAL D 340 29.55 2.22 19.23
N TYR D 341 30.30 2.01 20.29
CA TYR D 341 31.72 2.39 20.30
C TYR D 341 32.63 1.16 20.46
N LEU D 342 33.83 1.25 19.90
CA LEU D 342 34.85 0.22 20.11
C LEU D 342 35.65 0.51 21.39
N ASN D 343 35.51 -0.36 22.37
CA ASN D 343 36.16 -0.23 23.66
C ASN D 343 37.60 -0.76 23.60
N SER D 344 38.46 0.00 22.94
CA SER D 344 39.86 -0.39 22.76
C SER D 344 40.69 0.84 22.40
N ASN D 345 41.93 0.88 22.90
CA ASN D 345 42.78 2.06 22.76
C ASN D 345 43.47 2.21 21.40
N GLN D 346 44.07 1.12 20.92
CA GLN D 346 44.84 1.16 19.66
C GLN D 346 44.52 0.06 18.65
N THR D 347 43.46 -0.73 18.92
CA THR D 347 43.00 -1.74 17.95
C THR D 347 41.48 -1.65 17.73
N ALA D 348 41.04 -2.03 16.53
CA ALA D 348 39.60 -1.99 16.21
C ALA D 348 38.92 -3.25 16.73
N GLU D 349 38.50 -3.17 17.99
CA GLU D 349 37.97 -4.33 18.73
C GLU D 349 36.80 -3.94 19.63
N ASN D 350 36.04 -4.94 20.07
CA ASN D 350 35.24 -4.83 21.29
C ASN D 350 34.08 -3.85 21.21
N PRO D 351 33.09 -4.14 20.35
CA PRO D 351 31.96 -3.23 20.14
C PRO D 351 30.98 -3.25 21.29
N VAL D 352 30.59 -2.07 21.75
CA VAL D 352 29.71 -1.91 22.88
C VAL D 352 28.61 -0.93 22.53
N PHE D 353 27.35 -1.35 22.62
CA PHE D 353 26.22 -0.42 22.45
C PHE D 353 26.02 0.38 23.74
N ALA D 354 26.01 1.71 23.62
CA ALA D 354 25.97 2.58 24.80
C ALA D 354 24.92 3.68 24.68
N VAL D 355 24.41 4.11 25.82
CA VAL D 355 23.54 5.29 25.91
C VAL D 355 24.21 6.28 26.87
N PHE D 356 24.46 7.50 26.40
CA PHE D 356 25.35 8.41 27.13
C PHE D 356 24.99 9.88 27.11
N LYS D 357 25.30 10.57 28.20
CA LYS D 357 25.30 12.02 28.25
C LYS D 357 26.71 12.48 27.91
N ASP D 358 26.93 13.80 27.86
CA ASP D 358 28.24 14.36 27.51
C ASP D 358 29.40 13.84 28.38
N ASN D 359 29.13 13.69 29.68
CA ASN D 359 30.19 13.40 30.65
C ASN D 359 29.96 12.10 31.41
N GLU D 360 29.20 11.20 30.82
CA GLU D 360 28.69 10.03 31.54
C GLU D 360 28.07 9.03 30.59
N ILE D 361 28.45 7.77 30.72
CA ILE D 361 27.74 6.67 30.07
C ILE D 361 26.75 6.12 31.09
N LEU D 362 25.46 6.21 30.77
CA LEU D 362 24.40 5.84 31.70
C LEU D 362 24.29 4.32 31.85
N TYR D 363 24.05 3.64 30.74
CA TYR D 363 24.01 2.17 30.68
C TYR D 363 24.53 1.69 29.35
N GLN D 364 25.07 0.47 29.35
CA GLN D 364 25.67 -0.09 28.13
C GLN D 364 25.70 -1.62 28.15
N VAL D 365 26.00 -2.22 26.99
CA VAL D 365 26.11 -3.67 26.88
C VAL D 365 27.02 -4.07 25.72
N PRO D 366 27.94 -5.04 25.94
CA PRO D 366 28.75 -5.52 24.83
C PRO D 366 27.91 -6.27 23.81
N LEU D 367 28.23 -6.08 22.53
CA LEU D 367 27.51 -6.78 21.46
C LEU D 367 28.19 -8.10 21.11
N ALA D 368 29.52 -8.11 21.13
CA ALA D 368 30.31 -9.32 20.89
C ALA D 368 31.08 -9.66 22.16
N GLU D 369 32.26 -10.27 22.03
CA GLU D 369 33.12 -10.58 23.18
C GLU D 369 34.04 -9.39 23.51
N ASP D 370 35.14 -9.67 24.20
CA ASP D 370 36.16 -8.65 24.50
C ASP D 370 37.21 -8.54 23.38
N ASP D 371 37.58 -9.69 22.82
CA ASP D 371 38.61 -9.77 21.77
C ASP D 371 38.02 -9.94 20.36
N THR D 372 36.85 -9.35 20.12
CA THR D 372 36.18 -9.42 18.82
C THR D 372 36.50 -8.21 17.94
N ASN D 373 37.07 -8.48 16.75
CA ASN D 373 37.45 -7.41 15.82
C ASN D 373 36.23 -6.73 15.23
N ALA D 374 36.32 -5.42 15.02
CA ALA D 374 35.19 -4.62 14.52
C ALA D 374 35.63 -3.25 14.01
N GLN D 375 35.01 -2.78 12.93
CA GLN D 375 35.27 -1.44 12.36
C GLN D 375 34.01 -0.55 12.42
N LYS D 376 33.45 -0.20 11.27
CA LYS D 376 32.44 0.85 11.18
C LYS D 376 31.14 0.48 11.90
N THR D 377 30.51 1.48 12.50
CA THR D 377 29.20 1.28 13.15
C THR D 377 28.27 2.45 12.86
N ILE D 378 27.09 2.14 12.37
CA ILE D 378 26.10 3.15 11.99
C ILE D 378 24.80 2.89 12.74
N THR D 379 24.38 3.87 13.55
CA THR D 379 23.17 3.73 14.36
C THR D 379 22.12 4.74 13.93
N ASP D 380 20.89 4.26 13.80
CA ASP D 380 19.73 5.12 13.55
C ASP D 380 18.60 4.72 14.47
N CYS D 381 17.96 5.71 15.09
CA CYS D 381 16.92 5.48 16.09
C CYS D 381 15.59 6.15 15.72
N PHE D 382 14.50 5.57 16.22
CA PHE D 382 13.16 5.95 15.80
C PHE D 382 12.09 5.40 16.75
N LEU D 383 10.89 5.97 16.67
CA LEU D 383 9.73 5.51 17.47
C LEU D 383 8.94 4.44 16.73
N LEU D 384 8.44 3.43 17.44
CA LEU D 384 7.61 2.39 16.82
C LEU D 384 6.13 2.55 17.20
N GLU D 385 5.75 2.17 18.42
CA GLU D 385 4.34 2.29 18.84
C GLU D 385 4.23 3.51 19.74
N ASN D 386 5.02 3.51 20.80
CA ASN D 386 5.52 4.74 21.43
C ASN D 386 6.89 4.51 22.10
N VAL D 387 7.55 3.43 21.68
CA VAL D 387 8.83 2.98 22.26
C VAL D 387 9.96 3.36 21.31
N ILE D 388 11.05 3.89 21.86
CA ILE D 388 12.23 4.23 21.06
C ILE D 388 12.99 2.97 20.70
N TRP D 389 13.26 2.79 19.42
CA TRP D 389 14.08 1.70 18.94
C TRP D 389 15.29 2.23 18.21
N CYS D 390 16.39 1.48 18.27
CA CYS D 390 17.58 1.81 17.51
C CYS D 390 18.03 0.61 16.68
N ILE D 391 18.40 0.86 15.42
CA ILE D 391 19.02 -0.16 14.58
C ILE D 391 20.49 0.19 14.38
N SER D 392 21.36 -0.79 14.57
CA SER D 392 22.79 -0.54 14.45
C SER D 392 23.46 -1.58 13.57
N LEU D 393 24.03 -1.10 12.45
CA LEU D 393 24.86 -1.91 11.58
C LEU D 393 26.27 -1.88 12.11
N VAL D 394 26.82 -3.05 12.45
CA VAL D 394 28.17 -3.15 13.00
C VAL D 394 29.06 -4.08 12.15
N GLU D 395 30.13 -3.52 11.60
CA GLU D 395 31.15 -4.30 10.91
C GLU D 395 31.85 -5.23 11.90
N ILE D 396 31.87 -6.53 11.61
CA ILE D 396 32.51 -7.54 12.46
C ILE D 396 33.21 -8.63 11.66
N TYR D 397 34.38 -9.02 12.12
CA TYR D 397 35.15 -10.09 11.52
C TYR D 397 35.37 -11.14 12.61
N ASP D 398 34.67 -12.27 12.47
CA ASP D 398 34.62 -13.28 13.53
C ASP D 398 35.82 -14.23 13.42
N THR D 399 35.75 -15.37 14.12
CA THR D 399 36.71 -16.45 13.92
C THR D 399 36.60 -16.85 12.46
N GLY D 400 37.44 -17.76 12.00
CA GLY D 400 37.40 -18.15 10.59
C GLY D 400 35.97 -18.26 10.09
N ASP D 401 35.58 -17.37 9.17
CA ASP D 401 34.24 -17.35 8.60
C ASP D 401 34.32 -17.40 7.08
N SER D 402 33.38 -18.14 6.48
CA SER D 402 33.36 -18.36 5.03
C SER D 402 32.90 -17.11 4.28
N VAL D 403 31.92 -16.43 4.86
CA VAL D 403 31.40 -15.15 4.38
C VAL D 403 31.45 -14.12 5.50
N ILE D 404 32.30 -13.11 5.35
CA ILE D 404 32.38 -12.00 6.30
C ILE D 404 31.36 -10.92 5.92
N ARG D 405 30.36 -10.71 6.77
CA ARG D 405 29.40 -9.62 6.56
C ARG D 405 29.04 -8.95 7.88
N PRO D 406 28.58 -7.69 7.82
CA PRO D 406 28.18 -6.97 9.03
C PRO D 406 26.95 -7.56 9.68
N LYS D 407 26.76 -7.24 10.95
CA LYS D 407 25.62 -7.71 11.71
C LYS D 407 24.75 -6.53 12.09
N LEU D 408 23.44 -6.70 11.92
CA LEU D 408 22.46 -5.65 12.22
C LEU D 408 21.70 -5.97 13.51
N PHE D 409 21.81 -5.08 14.48
CA PHE D 409 21.16 -5.23 15.77
C PHE D 409 19.97 -4.28 15.92
N ALA D 410 18.97 -4.73 16.65
CA ALA D 410 17.82 -3.91 17.03
C ALA D 410 17.78 -3.82 18.55
N VAL D 411 17.77 -2.60 19.09
CA VAL D 411 17.80 -2.39 20.53
C VAL D 411 16.65 -1.52 21.00
N LYS D 412 15.89 -2.02 21.95
CA LYS D 412 14.82 -1.27 22.60
C LYS D 412 15.42 -0.43 23.72
N ILE D 413 15.15 0.88 23.69
CA ILE D 413 15.64 1.76 24.74
C ILE D 413 14.66 1.73 25.91
N PRO D 414 15.16 1.52 27.15
CA PRO D 414 14.27 1.27 28.27
C PRO D 414 13.64 2.53 28.87
N ALA D 415 12.41 2.38 29.37
CA ALA D 415 11.70 3.47 30.04
C ALA D 415 12.04 3.49 31.53
N GLN D 416 11.91 2.32 32.17
CA GLN D 416 12.28 2.16 33.59
C GLN D 416 13.75 1.79 33.71
N CYS D 417 14.33 2.07 34.88
CA CYS D 417 15.76 1.82 35.13
C CYS D 417 16.03 0.52 35.90
N SER D 418 14.98 -0.09 36.43
CA SER D 418 15.07 -1.39 37.11
C SER D 418 14.87 -2.52 36.10
N GLU D 419 14.94 -3.76 36.58
CA GLU D 419 14.72 -4.96 35.74
C GLU D 419 15.69 -5.03 34.57
#